data_2EEL
#
_entry.id   2EEL
#
_entity_poly.entity_id   1
_entity_poly.type   'polypeptide(L)'
_entity_poly.pdbx_seq_one_letter_code
;GSSGSSGPARPFRVSNHDRSSRRGVMASSLQELISKTLDALVIATGLVTLVLEEDGTVVDTEEFFQTLGDNTHFMILEKG
QKWMPSGPSSG
;
_entity_poly.pdbx_strand_id   A
#
# COMPACT_ATOMS: atom_id res chain seq x y z
N GLY A 1 -7.03 -4.04 -18.47
CA GLY A 1 -7.09 -4.24 -17.03
C GLY A 1 -7.14 -5.72 -16.66
N SER A 2 -7.91 -6.49 -17.41
CA SER A 2 -8.05 -7.91 -17.16
C SER A 2 -6.69 -8.61 -17.16
N SER A 3 -5.93 -8.38 -18.23
CA SER A 3 -4.61 -8.99 -18.36
C SER A 3 -3.63 -8.02 -19.02
N GLY A 4 -2.35 -8.15 -18.66
CA GLY A 4 -1.34 -7.28 -19.23
C GLY A 4 -0.91 -6.19 -18.27
N SER A 5 0.20 -5.51 -18.59
CA SER A 5 0.72 -4.46 -17.74
C SER A 5 1.31 -3.32 -18.59
N SER A 6 0.77 -2.12 -18.41
CA SER A 6 1.25 -0.96 -19.15
C SER A 6 2.65 -0.57 -18.72
N GLY A 7 3.65 -1.19 -19.35
CA GLY A 7 5.03 -0.89 -19.02
C GLY A 7 5.51 -1.64 -17.79
N PRO A 8 6.76 -1.38 -17.38
CA PRO A 8 7.35 -2.03 -16.21
C PRO A 8 6.73 -1.56 -14.90
N ALA A 9 6.85 -2.39 -13.87
CA ALA A 9 6.29 -2.07 -12.56
C ALA A 9 7.40 -1.68 -11.58
N ARG A 10 7.04 -0.87 -10.58
CA ARG A 10 8.00 -0.44 -9.57
C ARG A 10 7.77 -1.16 -8.25
N PRO A 11 8.85 -1.46 -7.54
CA PRO A 11 8.80 -2.16 -6.25
C PRO A 11 8.21 -1.27 -5.15
N PHE A 12 7.52 -1.90 -4.20
CA PHE A 12 6.91 -1.18 -3.09
C PHE A 12 6.76 -2.08 -1.87
N ARG A 13 6.82 -1.47 -0.69
CA ARG A 13 6.69 -2.22 0.56
C ARG A 13 5.29 -2.07 1.14
N VAL A 14 4.88 -3.04 1.95
CA VAL A 14 3.57 -3.02 2.57
C VAL A 14 3.62 -3.57 3.99
N SER A 15 2.80 -3.02 4.87
CA SER A 15 2.75 -3.45 6.27
C SER A 15 1.34 -3.37 6.81
N ASN A 16 0.95 -4.37 7.61
CA ASN A 16 -0.38 -4.40 8.20
C ASN A 16 -0.52 -3.35 9.30
N HIS A 17 -1.71 -3.26 9.87
CA HIS A 17 -1.98 -2.29 10.94
C HIS A 17 -0.99 -2.48 12.09
N ASP A 18 -0.62 -3.74 12.34
CA ASP A 18 0.31 -4.05 13.42
C ASP A 18 1.74 -3.66 13.04
N ARG A 19 1.88 -3.03 11.88
CA ARG A 19 3.20 -2.60 11.41
C ARG A 19 4.27 -3.61 11.80
N SER A 20 3.97 -4.89 11.59
CA SER A 20 4.92 -5.96 11.91
C SER A 20 5.27 -6.77 10.67
N SER A 21 4.31 -6.94 9.78
CA SER A 21 4.52 -7.70 8.56
C SER A 21 5.11 -6.80 7.46
N ARG A 22 5.90 -7.42 6.57
CA ARG A 22 6.52 -6.68 5.48
C ARG A 22 6.37 -7.43 4.16
N ARG A 23 5.61 -6.84 3.23
CA ARG A 23 5.38 -7.45 1.93
C ARG A 23 5.81 -6.52 0.81
N GLY A 24 6.74 -6.98 -0.01
CA GLY A 24 7.23 -6.18 -1.12
C GLY A 24 6.47 -6.43 -2.41
N VAL A 25 5.55 -5.54 -2.75
CA VAL A 25 4.75 -5.67 -3.96
C VAL A 25 5.21 -4.70 -5.04
N MET A 26 5.14 -5.12 -6.29
CA MET A 26 5.55 -4.28 -7.41
C MET A 26 4.37 -4.03 -8.35
N ALA A 27 4.17 -2.76 -8.70
CA ALA A 27 3.08 -2.38 -9.59
C ALA A 27 3.45 -1.15 -10.42
N SER A 28 2.90 -1.08 -11.63
CA SER A 28 3.18 0.04 -12.53
C SER A 28 2.41 1.28 -12.11
N SER A 29 1.21 1.07 -11.58
CA SER A 29 0.36 2.18 -11.14
C SER A 29 -0.14 1.94 -9.72
N LEU A 30 -0.99 2.85 -9.24
CA LEU A 30 -1.54 2.74 -7.90
C LEU A 30 -2.63 1.67 -7.85
N GLN A 31 -3.63 1.81 -8.72
CA GLN A 31 -4.74 0.85 -8.77
C GLN A 31 -4.21 -0.57 -8.76
N GLU A 32 -3.23 -0.85 -9.62
CA GLU A 32 -2.65 -2.19 -9.70
C GLU A 32 -2.15 -2.65 -8.34
N LEU A 33 -1.25 -1.87 -7.74
CA LEU A 33 -0.70 -2.20 -6.43
C LEU A 33 -1.80 -2.60 -5.46
N ILE A 34 -2.65 -1.64 -5.10
CA ILE A 34 -3.74 -1.90 -4.17
C ILE A 34 -4.33 -3.29 -4.39
N SER A 35 -4.73 -3.57 -5.63
CA SER A 35 -5.30 -4.86 -5.97
C SER A 35 -4.35 -6.00 -5.59
N LYS A 36 -3.07 -5.81 -5.86
CA LYS A 36 -2.06 -6.82 -5.55
C LYS A 36 -1.93 -7.01 -4.04
N THR A 37 -1.67 -5.92 -3.33
CA THR A 37 -1.52 -5.97 -1.88
C THR A 37 -2.53 -6.92 -1.26
N LEU A 38 -3.81 -6.65 -1.48
CA LEU A 38 -4.87 -7.50 -0.95
C LEU A 38 -4.58 -8.97 -1.18
N ASP A 39 -4.23 -9.31 -2.42
CA ASP A 39 -3.92 -10.69 -2.77
C ASP A 39 -2.72 -11.20 -1.97
N ALA A 40 -1.70 -10.37 -1.85
CA ALA A 40 -0.50 -10.73 -1.11
C ALA A 40 -0.83 -11.05 0.35
N LEU A 41 -1.40 -10.07 1.04
CA LEU A 41 -1.77 -10.24 2.45
C LEU A 41 -3.00 -11.13 2.59
N VAL A 42 -3.49 -11.63 1.45
CA VAL A 42 -4.66 -12.49 1.45
C VAL A 42 -5.72 -12.00 2.43
N ILE A 43 -5.96 -10.69 2.42
CA ILE A 43 -6.95 -10.09 3.31
C ILE A 43 -8.32 -10.74 3.13
N ALA A 44 -9.01 -10.96 4.24
CA ALA A 44 -10.34 -11.57 4.20
C ALA A 44 -11.25 -10.83 3.22
N THR A 45 -11.46 -9.54 3.47
CA THR A 45 -12.31 -8.73 2.60
C THR A 45 -11.47 -7.86 1.67
N GLY A 46 -12.15 -7.16 0.76
CA GLY A 46 -11.45 -6.30 -0.18
C GLY A 46 -11.49 -4.84 0.23
N LEU A 47 -12.59 -4.43 0.84
CA LEU A 47 -12.75 -3.05 1.28
C LEU A 47 -11.64 -2.65 2.23
N VAL A 48 -10.64 -1.95 1.70
CA VAL A 48 -9.51 -1.50 2.51
C VAL A 48 -9.02 -0.12 2.06
N THR A 49 -8.15 0.48 2.85
CA THR A 49 -7.61 1.79 2.53
C THR A 49 -6.08 1.79 2.57
N LEU A 50 -5.46 2.18 1.46
CA LEU A 50 -4.01 2.21 1.37
C LEU A 50 -3.48 3.61 1.68
N VAL A 51 -2.50 3.69 2.58
CA VAL A 51 -1.91 4.96 2.97
C VAL A 51 -0.39 4.83 3.12
N LEU A 52 0.26 5.95 3.41
CA LEU A 52 1.71 5.96 3.58
C LEU A 52 2.10 5.51 4.98
N GLU A 53 3.14 4.70 5.07
CA GLU A 53 3.61 4.19 6.35
C GLU A 53 4.52 5.21 7.03
N GLU A 54 4.43 6.46 6.60
CA GLU A 54 5.25 7.52 7.17
C GLU A 54 4.39 8.49 7.97
N ASP A 55 3.30 8.95 7.38
CA ASP A 55 2.40 9.88 8.04
C ASP A 55 0.96 9.33 8.06
N GLY A 56 0.67 8.43 7.13
CA GLY A 56 -0.65 7.85 7.05
C GLY A 56 -1.53 8.54 6.04
N THR A 57 -0.92 9.04 4.97
CA THR A 57 -1.66 9.74 3.92
C THR A 57 -2.22 8.76 2.90
N VAL A 58 -3.55 8.69 2.81
CA VAL A 58 -4.21 7.79 1.87
C VAL A 58 -3.85 8.14 0.43
N VAL A 59 -3.31 7.16 -0.28
CA VAL A 59 -2.93 7.36 -1.68
C VAL A 59 -4.03 6.92 -2.63
N ASP A 60 -4.87 7.86 -3.02
CA ASP A 60 -5.99 7.57 -3.93
C ASP A 60 -5.81 8.31 -5.26
N THR A 61 -4.57 8.70 -5.55
CA THR A 61 -4.27 9.42 -6.78
C THR A 61 -3.11 8.78 -7.52
N GLU A 62 -3.22 8.71 -8.84
CA GLU A 62 -2.17 8.12 -9.67
C GLU A 62 -0.98 9.05 -9.80
N GLU A 63 -1.26 10.34 -9.92
CA GLU A 63 -0.21 11.35 -10.06
C GLU A 63 0.70 11.34 -8.84
N PHE A 64 0.13 11.01 -7.68
CA PHE A 64 0.90 10.96 -6.44
C PHE A 64 1.64 9.63 -6.30
N PHE A 65 1.10 8.60 -6.94
CA PHE A 65 1.70 7.27 -6.87
C PHE A 65 2.86 7.15 -7.87
N GLN A 66 2.83 8.00 -8.90
CA GLN A 66 3.88 8.00 -9.92
C GLN A 66 5.11 8.76 -9.44
N THR A 67 4.95 9.49 -8.34
CA THR A 67 6.05 10.28 -7.79
C THR A 67 6.81 9.49 -6.72
N LEU A 68 6.09 8.62 -6.02
CA LEU A 68 6.69 7.80 -4.98
C LEU A 68 7.90 7.03 -5.52
N GLY A 69 8.98 7.02 -4.76
CA GLY A 69 10.18 6.32 -5.17
C GLY A 69 10.01 4.81 -5.11
N ASP A 70 11.13 4.10 -5.19
CA ASP A 70 11.11 2.64 -5.15
C ASP A 70 11.06 2.14 -3.70
N ASN A 71 10.58 0.91 -3.53
CA ASN A 71 10.49 0.32 -2.20
C ASN A 71 9.79 1.27 -1.23
N THR A 72 8.65 1.79 -1.64
CA THR A 72 7.88 2.72 -0.80
C THR A 72 7.04 1.97 0.22
N HIS A 73 7.21 2.32 1.49
CA HIS A 73 6.46 1.67 2.57
C HIS A 73 5.01 2.15 2.58
N PHE A 74 4.08 1.21 2.69
CA PHE A 74 2.66 1.53 2.71
C PHE A 74 1.97 0.90 3.91
N MET A 75 0.77 1.37 4.21
CA MET A 75 0.00 0.86 5.35
C MET A 75 -1.43 0.53 4.93
N ILE A 76 -1.84 -0.72 5.13
CA ILE A 76 -3.18 -1.14 4.78
C ILE A 76 -4.09 -1.17 6.00
N LEU A 77 -5.33 -0.73 5.82
CA LEU A 77 -6.30 -0.70 6.91
C LEU A 77 -7.65 -1.22 6.45
N GLU A 78 -8.30 -2.03 7.29
CA GLU A 78 -9.60 -2.59 6.96
C GLU A 78 -10.71 -1.62 7.33
N LYS A 79 -11.95 -1.99 6.99
CA LYS A 79 -13.10 -1.15 7.29
C LYS A 79 -13.25 -0.94 8.79
N GLY A 80 -12.48 -0.01 9.34
CA GLY A 80 -12.55 0.26 10.76
C GLY A 80 -11.17 0.29 11.41
N GLN A 81 -10.19 0.82 10.69
CA GLN A 81 -8.83 0.89 11.20
C GLN A 81 -8.13 2.17 10.72
N LYS A 82 -7.29 2.73 11.57
CA LYS A 82 -6.56 3.95 11.24
C LYS A 82 -5.06 3.69 11.20
N TRP A 83 -4.32 4.61 10.60
CA TRP A 83 -2.87 4.48 10.49
C TRP A 83 -2.20 4.84 11.81
N MET A 84 -1.01 4.29 12.03
CA MET A 84 -0.26 4.55 13.25
C MET A 84 1.23 4.65 12.98
N PRO A 85 1.91 5.55 13.70
CA PRO A 85 3.35 5.77 13.54
C PRO A 85 4.18 4.59 14.05
N SER A 86 5.50 4.71 13.95
CA SER A 86 6.39 3.65 14.40
C SER A 86 6.41 3.56 15.92
N GLY A 87 5.98 2.41 16.44
CA GLY A 87 5.93 2.21 17.88
C GLY A 87 7.27 2.52 18.54
N PRO A 88 7.21 3.04 19.77
CA PRO A 88 8.41 3.40 20.53
C PRO A 88 9.19 2.16 20.98
N SER A 89 8.51 1.02 21.04
CA SER A 89 9.14 -0.22 21.46
C SER A 89 8.20 -1.41 21.23
N SER A 90 8.79 -2.60 21.12
CA SER A 90 8.01 -3.81 20.90
C SER A 90 8.13 -4.76 22.09
N GLY A 91 7.11 -4.75 22.95
CA GLY A 91 7.12 -5.61 24.12
C GLY A 91 6.26 -5.06 25.24
N GLY A 1 -10.24 -8.27 -24.87
CA GLY A 1 -9.10 -8.90 -24.24
C GLY A 1 -8.87 -8.39 -22.83
N SER A 2 -8.04 -7.35 -22.70
CA SER A 2 -7.74 -6.78 -21.39
C SER A 2 -7.82 -5.26 -21.43
N SER A 3 -8.00 -4.65 -20.27
CA SER A 3 -8.09 -3.19 -20.18
C SER A 3 -7.01 -2.52 -21.02
N GLY A 4 -5.78 -2.97 -20.84
CA GLY A 4 -4.67 -2.40 -21.59
C GLY A 4 -3.78 -1.51 -20.73
N SER A 5 -2.76 -2.11 -20.13
CA SER A 5 -1.84 -1.36 -19.28
C SER A 5 -0.46 -1.24 -19.94
N SER A 6 0.30 -0.24 -19.52
CA SER A 6 1.63 -0.01 -20.06
C SER A 6 2.58 0.52 -19.00
N GLY A 7 3.87 0.55 -19.31
CA GLY A 7 4.85 1.04 -18.37
C GLY A 7 5.33 -0.04 -17.42
N PRO A 8 6.60 0.02 -17.02
CA PRO A 8 7.20 -0.95 -16.11
C PRO A 8 6.65 -0.82 -14.68
N ALA A 9 6.64 -1.94 -13.96
CA ALA A 9 6.14 -1.96 -12.60
C ALA A 9 7.26 -1.65 -11.60
N ARG A 10 6.96 -0.79 -10.64
CA ARG A 10 7.94 -0.40 -9.62
C ARG A 10 7.69 -1.14 -8.31
N PRO A 11 8.77 -1.50 -7.62
CA PRO A 11 8.68 -2.22 -6.34
C PRO A 11 8.13 -1.34 -5.22
N PHE A 12 7.44 -1.96 -4.27
CA PHE A 12 6.85 -1.23 -3.15
C PHE A 12 6.70 -2.14 -1.93
N ARG A 13 6.89 -1.57 -0.75
CA ARG A 13 6.78 -2.32 0.50
C ARG A 13 5.43 -2.08 1.16
N VAL A 14 4.87 -3.14 1.75
CA VAL A 14 3.58 -3.04 2.42
C VAL A 14 3.65 -3.56 3.85
N SER A 15 2.87 -2.97 4.74
CA SER A 15 2.85 -3.38 6.14
C SER A 15 1.45 -3.30 6.71
N ASN A 16 1.11 -4.27 7.56
CA ASN A 16 -0.22 -4.31 8.18
C ASN A 16 -0.40 -3.16 9.16
N HIS A 17 -1.59 -3.07 9.75
CA HIS A 17 -1.89 -2.01 10.70
C HIS A 17 -0.92 -2.05 11.88
N ASP A 18 -0.57 -3.26 12.31
CA ASP A 18 0.36 -3.43 13.43
C ASP A 18 1.81 -3.35 12.95
N ARG A 19 2.00 -2.84 11.73
CA ARG A 19 3.33 -2.71 11.16
C ARG A 19 4.21 -3.89 11.58
N SER A 20 3.67 -5.11 11.44
CA SER A 20 4.41 -6.31 11.80
C SER A 20 4.74 -7.13 10.55
N SER A 21 3.80 -7.16 9.60
CA SER A 21 3.99 -7.91 8.37
C SER A 21 4.75 -7.08 7.33
N ARG A 22 5.51 -7.75 6.49
CA ARG A 22 6.29 -7.07 5.45
C ARG A 22 6.13 -7.78 4.11
N ARG A 23 5.50 -7.11 3.16
CA ARG A 23 5.28 -7.67 1.83
C ARG A 23 5.66 -6.66 0.74
N GLY A 24 6.61 -7.05 -0.11
CA GLY A 24 7.04 -6.18 -1.18
C GLY A 24 6.32 -6.45 -2.49
N VAL A 25 5.42 -5.56 -2.86
CA VAL A 25 4.66 -5.71 -4.09
C VAL A 25 5.11 -4.70 -5.16
N MET A 26 5.01 -5.10 -6.42
CA MET A 26 5.41 -4.23 -7.53
C MET A 26 4.23 -3.98 -8.46
N ALA A 27 4.09 -2.72 -8.88
CA ALA A 27 3.00 -2.35 -9.78
C ALA A 27 3.38 -1.12 -10.61
N SER A 28 2.73 -0.96 -11.76
CA SER A 28 3.00 0.16 -12.64
C SER A 28 2.27 1.42 -12.17
N SER A 29 1.19 1.21 -11.41
CA SER A 29 0.40 2.33 -10.90
C SER A 29 -0.10 2.03 -9.49
N LEU A 30 -0.89 2.95 -8.94
CA LEU A 30 -1.42 2.80 -7.60
C LEU A 30 -2.55 1.77 -7.58
N GLN A 31 -3.51 1.94 -8.48
CA GLN A 31 -4.65 1.01 -8.57
C GLN A 31 -4.17 -0.43 -8.60
N GLU A 32 -3.27 -0.74 -9.54
CA GLU A 32 -2.74 -2.09 -9.68
C GLU A 32 -2.20 -2.60 -8.35
N LEU A 33 -1.43 -1.75 -7.66
CA LEU A 33 -0.84 -2.12 -6.38
C LEU A 33 -1.93 -2.51 -5.38
N ILE A 34 -2.78 -1.54 -5.04
CA ILE A 34 -3.87 -1.78 -4.09
C ILE A 34 -4.48 -3.15 -4.31
N SER A 35 -4.91 -3.42 -5.53
CA SER A 35 -5.53 -4.70 -5.87
C SER A 35 -4.59 -5.86 -5.54
N LYS A 36 -3.30 -5.66 -5.78
CA LYS A 36 -2.30 -6.69 -5.50
C LYS A 36 -2.17 -6.92 -4.00
N THR A 37 -1.85 -5.86 -3.26
CA THR A 37 -1.71 -5.96 -1.81
C THR A 37 -2.75 -6.89 -1.20
N LEU A 38 -3.97 -6.82 -1.73
CA LEU A 38 -5.06 -7.65 -1.25
C LEU A 38 -4.78 -9.13 -1.51
N ASP A 39 -4.32 -9.44 -2.71
CA ASP A 39 -4.00 -10.82 -3.08
C ASP A 39 -2.75 -11.30 -2.35
N ALA A 40 -1.72 -10.45 -2.33
CA ALA A 40 -0.46 -10.79 -1.66
C ALA A 40 -0.69 -11.08 -0.18
N LEU A 41 -1.26 -10.12 0.52
CA LEU A 41 -1.53 -10.26 1.95
C LEU A 41 -2.68 -11.23 2.19
N VAL A 42 -3.26 -11.73 1.10
CA VAL A 42 -4.37 -12.67 1.20
C VAL A 42 -5.39 -12.21 2.22
N ILE A 43 -5.79 -10.94 2.13
CA ILE A 43 -6.77 -10.37 3.05
C ILE A 43 -8.15 -10.97 2.81
N ALA A 44 -8.87 -11.24 3.90
CA ALA A 44 -10.21 -11.80 3.81
C ALA A 44 -11.17 -10.84 3.14
N THR A 45 -11.34 -9.67 3.73
CA THR A 45 -12.23 -8.65 3.18
C THR A 45 -11.52 -7.80 2.13
N GLY A 46 -12.30 -7.18 1.25
CA GLY A 46 -11.73 -6.36 0.21
C GLY A 46 -11.74 -4.88 0.57
N LEU A 47 -12.76 -4.47 1.32
CA LEU A 47 -12.88 -3.07 1.74
C LEU A 47 -11.71 -2.66 2.62
N VAL A 48 -10.70 -2.05 1.99
CA VAL A 48 -9.52 -1.59 2.72
C VAL A 48 -9.02 -0.26 2.19
N THR A 49 -8.15 0.39 2.94
CA THR A 49 -7.59 1.67 2.54
C THR A 49 -6.06 1.66 2.59
N LEU A 50 -5.43 2.07 1.49
CA LEU A 50 -3.98 2.10 1.42
C LEU A 50 -3.44 3.49 1.76
N VAL A 51 -2.43 3.54 2.62
CA VAL A 51 -1.83 4.81 3.01
C VAL A 51 -0.32 4.68 3.15
N LEU A 52 0.35 5.81 3.36
CA LEU A 52 1.80 5.83 3.50
C LEU A 52 2.22 5.34 4.88
N GLU A 53 3.26 4.52 4.93
CA GLU A 53 3.76 3.99 6.19
C GLU A 53 4.67 4.99 6.89
N GLU A 54 4.59 6.25 6.45
CA GLU A 54 5.42 7.31 7.03
C GLU A 54 4.55 8.31 7.79
N ASP A 55 3.50 8.78 7.15
CA ASP A 55 2.60 9.75 7.76
C ASP A 55 1.15 9.25 7.71
N GLY A 56 0.94 8.14 7.01
CA GLY A 56 -0.39 7.57 6.90
C GLY A 56 -1.27 8.35 5.93
N THR A 57 -0.66 8.88 4.88
CA THR A 57 -1.39 9.65 3.88
C THR A 57 -2.02 8.73 2.84
N VAL A 58 -3.33 8.54 2.94
CA VAL A 58 -4.06 7.68 2.00
C VAL A 58 -3.76 8.09 0.56
N VAL A 59 -3.22 7.13 -0.21
CA VAL A 59 -2.89 7.38 -1.60
C VAL A 59 -3.99 6.87 -2.53
N ASP A 60 -4.80 7.79 -3.03
CA ASP A 60 -5.90 7.44 -3.93
C ASP A 60 -5.65 7.97 -5.33
N THR A 61 -4.59 8.78 -5.46
CA THR A 61 -4.24 9.36 -6.77
C THR A 61 -3.05 8.65 -7.38
N GLU A 62 -3.05 8.55 -8.71
CA GLU A 62 -1.96 7.88 -9.42
C GLU A 62 -0.77 8.82 -9.59
N GLU A 63 -1.06 10.11 -9.76
CA GLU A 63 -0.01 11.11 -9.93
C GLU A 63 0.93 11.12 -8.73
N PHE A 64 0.37 10.99 -7.53
CA PHE A 64 1.16 10.99 -6.31
C PHE A 64 1.90 9.67 -6.14
N PHE A 65 1.25 8.58 -6.53
CA PHE A 65 1.85 7.26 -6.42
C PHE A 65 2.98 7.09 -7.43
N GLN A 66 2.91 7.85 -8.52
CA GLN A 66 3.94 7.78 -9.55
C GLN A 66 5.18 8.57 -9.14
N THR A 67 5.04 9.40 -8.13
CA THR A 67 6.14 10.22 -7.65
C THR A 67 6.89 9.52 -6.52
N LEU A 68 6.19 8.63 -5.81
CA LEU A 68 6.79 7.89 -4.71
C LEU A 68 7.95 7.03 -5.20
N GLY A 69 9.10 7.16 -4.55
CA GLY A 69 10.27 6.39 -4.94
C GLY A 69 10.01 4.89 -4.90
N ASP A 70 11.07 4.10 -5.01
CA ASP A 70 10.95 2.65 -4.99
C ASP A 70 10.96 2.12 -3.56
N ASN A 71 10.60 0.84 -3.41
CA ASN A 71 10.58 0.21 -2.10
C ASN A 71 9.83 1.08 -1.09
N THR A 72 8.80 1.77 -1.57
CA THR A 72 7.99 2.65 -0.71
C THR A 72 7.13 1.83 0.25
N HIS A 73 7.26 2.11 1.54
CA HIS A 73 6.49 1.40 2.55
C HIS A 73 5.05 1.91 2.59
N PHE A 74 4.10 0.98 2.60
CA PHE A 74 2.69 1.33 2.64
C PHE A 74 1.99 0.67 3.82
N MET A 75 0.79 1.15 4.14
CA MET A 75 0.03 0.60 5.26
C MET A 75 -1.41 0.29 4.83
N ILE A 76 -1.82 -0.96 5.00
CA ILE A 76 -3.16 -1.37 4.63
C ILE A 76 -4.09 -1.41 5.85
N LEU A 77 -5.20 -0.68 5.77
CA LEU A 77 -6.16 -0.62 6.85
C LEU A 77 -7.50 -1.20 6.43
N GLU A 78 -8.02 -2.14 7.22
CA GLU A 78 -9.29 -2.78 6.92
C GLU A 78 -10.46 -1.87 7.31
N LYS A 79 -11.66 -2.29 6.95
CA LYS A 79 -12.86 -1.51 7.25
C LYS A 79 -13.04 -1.35 8.76
N GLY A 80 -12.43 -0.31 9.31
CA GLY A 80 -12.55 -0.07 10.74
C GLY A 80 -11.19 0.09 11.41
N GLN A 81 -10.23 0.64 10.68
CA GLN A 81 -8.88 0.83 11.21
C GLN A 81 -8.29 2.15 10.72
N LYS A 82 -7.28 2.64 11.43
CA LYS A 82 -6.62 3.90 11.08
C LYS A 82 -5.11 3.77 11.20
N TRP A 83 -4.39 4.63 10.47
CA TRP A 83 -2.94 4.61 10.50
C TRP A 83 -2.40 5.27 11.77
N MET A 84 -1.21 4.87 12.18
CA MET A 84 -0.59 5.43 13.38
C MET A 84 0.90 5.67 13.16
N PRO A 85 1.42 6.75 13.76
CA PRO A 85 2.84 7.12 13.64
C PRO A 85 3.76 6.15 14.38
N SER A 86 5.05 6.43 14.35
CA SER A 86 6.04 5.58 15.02
C SER A 86 6.63 6.28 16.23
N GLY A 87 6.80 7.60 16.12
CA GLY A 87 7.36 8.36 17.22
C GLY A 87 6.31 8.93 18.13
N PRO A 88 6.71 9.86 19.02
CA PRO A 88 5.79 10.50 19.97
C PRO A 88 4.82 11.45 19.29
N SER A 89 3.66 11.65 19.91
CA SER A 89 2.64 12.53 19.36
C SER A 89 1.96 13.34 20.46
N SER A 90 1.15 14.31 20.06
CA SER A 90 0.45 15.16 21.02
C SER A 90 1.38 15.60 22.14
N GLY A 91 2.61 15.94 21.77
CA GLY A 91 3.58 16.39 22.76
C GLY A 91 4.88 15.60 22.69
N GLY A 1 -7.30 1.37 -16.44
CA GLY A 1 -8.50 2.16 -16.24
C GLY A 1 -8.53 3.40 -17.10
N SER A 2 -9.17 4.44 -16.59
CA SER A 2 -9.29 5.71 -17.33
C SER A 2 -7.91 6.23 -17.71
N SER A 3 -7.05 6.41 -16.72
CA SER A 3 -5.70 6.91 -16.96
C SER A 3 -4.70 5.75 -17.05
N GLY A 4 -4.15 5.54 -18.25
CA GLY A 4 -3.19 4.47 -18.45
C GLY A 4 -1.77 4.91 -18.14
N SER A 5 -0.93 3.95 -17.76
CA SER A 5 0.46 4.23 -17.43
C SER A 5 1.41 3.39 -18.29
N SER A 6 2.61 3.92 -18.52
CA SER A 6 3.61 3.21 -19.32
C SER A 6 4.86 2.94 -18.50
N GLY A 7 5.68 2.01 -18.99
CA GLY A 7 6.91 1.67 -18.29
C GLY A 7 6.77 0.42 -17.44
N PRO A 8 7.92 -0.13 -17.01
CA PRO A 8 7.94 -1.35 -16.18
C PRO A 8 7.41 -1.10 -14.78
N ALA A 9 6.97 -2.17 -14.12
CA ALA A 9 6.44 -2.06 -12.76
C ALA A 9 7.56 -1.91 -11.74
N ARG A 10 7.35 -1.03 -10.76
CA ARG A 10 8.35 -0.79 -9.73
C ARG A 10 7.96 -1.48 -8.43
N PRO A 11 8.97 -1.87 -7.63
CA PRO A 11 8.75 -2.54 -6.35
C PRO A 11 8.17 -1.60 -5.30
N PHE A 12 7.36 -2.16 -4.40
CA PHE A 12 6.74 -1.38 -3.34
C PHE A 12 6.73 -2.14 -2.02
N ARG A 13 6.53 -1.42 -0.93
CA ARG A 13 6.50 -2.04 0.39
C ARG A 13 5.13 -1.87 1.05
N VAL A 14 4.65 -2.94 1.67
CA VAL A 14 3.35 -2.91 2.33
C VAL A 14 3.44 -3.45 3.75
N SER A 15 2.69 -2.83 4.66
CA SER A 15 2.69 -3.24 6.06
C SER A 15 1.30 -3.11 6.67
N ASN A 16 0.89 -4.13 7.41
CA ASN A 16 -0.43 -4.14 8.05
C ASN A 16 -0.49 -3.10 9.15
N HIS A 17 -1.66 -2.98 9.78
CA HIS A 17 -1.86 -2.02 10.86
C HIS A 17 -0.90 -2.29 12.01
N ASP A 18 -0.53 -3.56 12.17
CA ASP A 18 0.39 -3.96 13.24
C ASP A 18 1.81 -3.53 12.91
N ARG A 19 1.98 -2.82 11.81
CA ARG A 19 3.30 -2.36 11.38
C ARG A 19 4.37 -3.39 11.73
N SER A 20 4.00 -4.67 11.65
CA SER A 20 4.94 -5.75 11.97
C SER A 20 5.20 -6.61 10.72
N SER A 21 4.19 -6.70 9.86
CA SER A 21 4.32 -7.50 8.64
C SER A 21 4.86 -6.65 7.50
N ARG A 22 5.62 -7.28 6.61
CA ARG A 22 6.21 -6.59 5.47
C ARG A 22 6.06 -7.42 4.20
N ARG A 23 5.28 -6.91 3.25
CA ARG A 23 5.06 -7.60 1.99
C ARG A 23 5.46 -6.73 0.80
N GLY A 24 6.41 -7.22 0.00
CA GLY A 24 6.87 -6.47 -1.15
C GLY A 24 6.06 -6.76 -2.40
N VAL A 25 5.58 -5.72 -3.05
CA VAL A 25 4.78 -5.88 -4.27
C VAL A 25 5.23 -4.89 -5.34
N MET A 26 5.19 -5.34 -6.60
CA MET A 26 5.59 -4.50 -7.72
C MET A 26 4.41 -4.22 -8.64
N ALA A 27 4.22 -2.96 -9.01
CA ALA A 27 3.13 -2.57 -9.90
C ALA A 27 3.54 -1.40 -10.78
N SER A 28 2.66 -1.05 -11.72
CA SER A 28 2.92 0.06 -12.62
C SER A 28 2.16 1.31 -12.21
N SER A 29 1.13 1.12 -11.39
CA SER A 29 0.31 2.22 -10.93
C SER A 29 -0.15 1.99 -9.49
N LEU A 30 -0.84 2.98 -8.93
CA LEU A 30 -1.34 2.89 -7.56
C LEU A 30 -2.49 1.90 -7.46
N GLN A 31 -3.33 1.87 -8.49
CA GLN A 31 -4.47 0.96 -8.52
C GLN A 31 -4.01 -0.49 -8.61
N GLU A 32 -3.17 -0.77 -9.60
CA GLU A 32 -2.66 -2.13 -9.80
C GLU A 32 -2.09 -2.69 -8.51
N LEU A 33 -1.36 -1.85 -7.77
CA LEU A 33 -0.76 -2.25 -6.51
C LEU A 33 -1.82 -2.64 -5.49
N ILE A 34 -2.62 -1.67 -5.07
CA ILE A 34 -3.68 -1.90 -4.10
C ILE A 34 -4.31 -3.27 -4.31
N SER A 35 -5.02 -3.43 -5.42
CA SER A 35 -5.68 -4.69 -5.73
C SER A 35 -4.79 -5.88 -5.39
N LYS A 36 -3.56 -5.84 -5.87
CA LYS A 36 -2.60 -6.91 -5.60
C LYS A 36 -2.38 -7.08 -4.10
N THR A 37 -2.08 -5.99 -3.41
CA THR A 37 -1.85 -6.03 -1.98
C THR A 37 -2.81 -6.99 -1.29
N LEU A 38 -4.10 -6.82 -1.54
CA LEU A 38 -5.12 -7.68 -0.95
C LEU A 38 -4.81 -9.16 -1.21
N ASP A 39 -4.33 -9.44 -2.42
CA ASP A 39 -3.99 -10.81 -2.80
C ASP A 39 -2.71 -11.26 -2.09
N ALA A 40 -1.68 -10.44 -2.17
CA ALA A 40 -0.40 -10.77 -1.54
C ALA A 40 -0.57 -11.06 -0.05
N LEU A 41 -1.18 -10.12 0.66
CA LEU A 41 -1.41 -10.29 2.09
C LEU A 41 -2.51 -11.32 2.36
N VAL A 42 -3.21 -11.71 1.30
CA VAL A 42 -4.28 -12.69 1.41
C VAL A 42 -5.32 -12.26 2.44
N ILE A 43 -5.78 -11.01 2.33
CA ILE A 43 -6.77 -10.48 3.25
C ILE A 43 -8.13 -11.16 3.06
N ALA A 44 -8.91 -11.22 4.12
CA ALA A 44 -10.22 -11.84 4.08
C ALA A 44 -11.23 -10.94 3.35
N THR A 45 -11.30 -9.69 3.78
CA THR A 45 -12.21 -8.73 3.18
C THR A 45 -11.53 -7.92 2.09
N GLY A 46 -12.30 -7.51 1.08
CA GLY A 46 -11.75 -6.73 -0.01
C GLY A 46 -11.70 -5.25 0.30
N LEU A 47 -12.64 -4.78 1.10
CA LEU A 47 -12.71 -3.38 1.47
C LEU A 47 -11.50 -2.98 2.31
N VAL A 48 -10.64 -2.15 1.74
CA VAL A 48 -9.44 -1.69 2.44
C VAL A 48 -8.99 -0.33 1.92
N THR A 49 -8.14 0.35 2.70
CA THR A 49 -7.63 1.65 2.31
C THR A 49 -6.11 1.69 2.39
N LEU A 50 -5.48 2.10 1.30
CA LEU A 50 -4.02 2.18 1.24
C LEU A 50 -3.54 3.58 1.63
N VAL A 51 -2.57 3.63 2.54
CA VAL A 51 -2.02 4.91 2.99
C VAL A 51 -0.50 4.84 3.09
N LEU A 52 0.12 5.99 3.37
CA LEU A 52 1.57 6.06 3.49
C LEU A 52 2.04 5.60 4.87
N GLU A 53 3.11 4.82 4.90
CA GLU A 53 3.65 4.31 6.16
C GLU A 53 4.53 5.36 6.83
N GLU A 54 4.40 6.61 6.38
CA GLU A 54 5.19 7.70 6.95
C GLU A 54 4.31 8.61 7.80
N ASP A 55 3.20 9.05 7.24
CA ASP A 55 2.27 9.93 7.95
C ASP A 55 0.86 9.34 7.97
N GLY A 56 0.62 8.38 7.09
CA GLY A 56 -0.68 7.75 7.02
C GLY A 56 -1.60 8.42 6.02
N THR A 57 -1.01 9.13 5.06
CA THR A 57 -1.79 9.82 4.04
C THR A 57 -2.32 8.85 3.00
N VAL A 58 -3.64 8.76 2.89
CA VAL A 58 -4.27 7.86 1.93
C VAL A 58 -3.94 8.27 0.50
N VAL A 59 -3.48 7.31 -0.29
CA VAL A 59 -3.13 7.57 -1.69
C VAL A 59 -4.26 7.17 -2.63
N ASP A 60 -4.97 8.15 -3.14
CA ASP A 60 -6.09 7.89 -4.05
C ASP A 60 -5.77 8.41 -5.45
N THR A 61 -4.64 9.11 -5.57
CA THR A 61 -4.23 9.68 -6.86
C THR A 61 -2.99 8.97 -7.38
N GLU A 62 -2.91 8.83 -8.71
CA GLU A 62 -1.76 8.18 -9.35
C GLU A 62 -0.57 9.12 -9.42
N GLU A 63 -0.85 10.40 -9.63
CA GLU A 63 0.20 11.40 -9.73
C GLU A 63 1.11 11.37 -8.50
N PHE A 64 0.50 11.21 -7.33
CA PHE A 64 1.25 11.16 -6.08
C PHE A 64 2.00 9.84 -5.95
N PHE A 65 1.34 8.75 -6.34
CA PHE A 65 1.94 7.43 -6.26
C PHE A 65 3.07 7.28 -7.27
N GLN A 66 2.99 8.04 -8.36
CA GLN A 66 4.00 8.00 -9.41
C GLN A 66 5.30 8.65 -8.94
N THR A 67 5.18 9.60 -8.02
CA THR A 67 6.33 10.31 -7.48
C THR A 67 7.07 9.46 -6.47
N LEU A 68 6.33 8.65 -5.72
CA LEU A 68 6.92 7.77 -4.71
C LEU A 68 8.08 6.98 -5.29
N GLY A 69 9.17 6.90 -4.53
CA GLY A 69 10.34 6.15 -4.99
C GLY A 69 10.09 4.67 -5.05
N ASP A 70 11.17 3.89 -5.15
CA ASP A 70 11.07 2.44 -5.22
C ASP A 70 11.05 1.83 -3.82
N ASN A 71 10.30 0.75 -3.65
CA ASN A 71 10.20 0.07 -2.36
C ASN A 71 9.58 1.00 -1.32
N THR A 72 8.56 1.75 -1.71
CA THR A 72 7.89 2.67 -0.81
C THR A 72 7.02 1.93 0.19
N HIS A 73 7.24 2.21 1.48
CA HIS A 73 6.49 1.56 2.54
C HIS A 73 5.06 2.09 2.58
N PHE A 74 4.09 1.18 2.58
CA PHE A 74 2.68 1.57 2.62
C PHE A 74 1.97 0.89 3.79
N MET A 75 0.79 1.40 4.13
CA MET A 75 0.01 0.85 5.23
C MET A 75 -1.41 0.53 4.77
N ILE A 76 -1.83 -0.72 4.99
CA ILE A 76 -3.16 -1.16 4.60
C ILE A 76 -4.08 -1.25 5.81
N LEU A 77 -5.21 -0.53 5.75
CA LEU A 77 -6.17 -0.53 6.84
C LEU A 77 -7.48 -1.18 6.40
N GLU A 78 -8.05 -1.99 7.29
CA GLU A 78 -9.31 -2.67 7.00
C GLU A 78 -10.50 -1.80 7.38
N LYS A 79 -11.71 -2.28 7.07
CA LYS A 79 -12.92 -1.54 7.38
C LYS A 79 -13.09 -1.36 8.88
N GLY A 80 -12.41 -0.36 9.42
CA GLY A 80 -12.49 -0.10 10.85
C GLY A 80 -11.13 0.02 11.50
N GLN A 81 -10.21 0.69 10.83
CA GLN A 81 -8.86 0.87 11.34
C GLN A 81 -8.25 2.18 10.86
N LYS A 82 -7.24 2.67 11.57
CA LYS A 82 -6.58 3.91 11.21
C LYS A 82 -5.06 3.73 11.17
N TRP A 83 -4.36 4.74 10.68
CA TRP A 83 -2.90 4.70 10.59
C TRP A 83 -2.26 5.08 11.92
N MET A 84 -1.06 4.55 12.15
CA MET A 84 -0.33 4.84 13.39
C MET A 84 1.15 5.07 13.11
N PRO A 85 1.75 6.01 13.85
CA PRO A 85 3.18 6.35 13.71
C PRO A 85 4.09 5.22 14.19
N SER A 86 5.39 5.47 14.12
CA SER A 86 6.37 4.47 14.55
C SER A 86 6.40 4.35 16.07
N GLY A 87 5.86 3.26 16.59
CA GLY A 87 5.83 3.04 18.02
C GLY A 87 4.47 3.38 18.63
N PRO A 88 4.19 2.79 19.80
CA PRO A 88 2.93 3.02 20.50
C PRO A 88 2.83 4.43 21.08
N SER A 89 2.13 5.31 20.38
CA SER A 89 1.96 6.68 20.83
C SER A 89 0.57 7.21 20.48
N SER A 90 -0.23 7.48 21.51
CA SER A 90 -1.58 7.98 21.32
C SER A 90 -1.58 9.48 21.05
N GLY A 91 -1.39 9.86 19.79
CA GLY A 91 -1.37 11.26 19.43
C GLY A 91 0.04 11.84 19.44
N GLY A 1 -8.81 -8.11 -14.45
CA GLY A 1 -8.10 -6.92 -14.04
C GLY A 1 -6.91 -6.62 -14.93
N SER A 2 -7.13 -5.74 -15.91
CA SER A 2 -6.06 -5.37 -16.84
C SER A 2 -5.87 -3.85 -16.87
N SER A 3 -4.72 -3.40 -16.38
CA SER A 3 -4.41 -1.98 -16.35
C SER A 3 -3.95 -1.49 -17.72
N GLY A 4 -4.06 -0.18 -17.93
CA GLY A 4 -3.65 0.40 -19.20
C GLY A 4 -2.16 0.30 -19.43
N SER A 5 -1.76 -0.40 -20.49
CA SER A 5 -0.35 -0.57 -20.82
C SER A 5 0.43 0.72 -20.55
N SER A 6 1.17 0.73 -19.44
CA SER A 6 1.96 1.90 -19.07
C SER A 6 3.45 1.59 -19.12
N GLY A 7 3.88 0.64 -18.31
CA GLY A 7 5.28 0.26 -18.28
C GLY A 7 5.58 -0.78 -17.22
N PRO A 8 6.86 -0.91 -16.85
CA PRO A 8 7.31 -1.88 -15.84
C PRO A 8 6.84 -1.49 -14.44
N ALA A 9 6.66 -2.51 -13.59
CA ALA A 9 6.22 -2.28 -12.22
C ALA A 9 7.39 -1.82 -11.34
N ARG A 10 7.08 -0.99 -10.35
CA ARG A 10 8.09 -0.47 -9.44
C ARG A 10 8.02 -1.18 -8.09
N PRO A 11 9.19 -1.32 -7.44
CA PRO A 11 9.29 -1.99 -6.14
C PRO A 11 8.65 -1.17 -5.02
N PHE A 12 7.81 -1.81 -4.22
CA PHE A 12 7.13 -1.15 -3.12
C PHE A 12 6.92 -2.11 -1.95
N ARG A 13 7.03 -1.59 -0.73
CA ARG A 13 6.85 -2.41 0.47
C ARG A 13 5.47 -2.17 1.07
N VAL A 14 4.92 -3.21 1.70
CA VAL A 14 3.61 -3.12 2.32
C VAL A 14 3.63 -3.71 3.73
N SER A 15 3.01 -3.00 4.67
CA SER A 15 2.95 -3.46 6.06
C SER A 15 1.54 -3.34 6.61
N ASN A 16 1.14 -4.33 7.40
CA ASN A 16 -0.20 -4.34 8.00
C ASN A 16 -0.40 -3.13 8.90
N HIS A 17 -1.61 -3.00 9.43
CA HIS A 17 -1.93 -1.88 10.32
C HIS A 17 -1.05 -1.91 11.56
N ASP A 18 -0.66 -3.11 11.98
CA ASP A 18 0.19 -3.28 13.16
C ASP A 18 1.66 -3.16 12.79
N ARG A 19 1.93 -2.71 11.57
CA ARG A 19 3.30 -2.56 11.10
C ARG A 19 4.16 -3.72 11.56
N SER A 20 3.67 -4.93 11.35
CA SER A 20 4.40 -6.14 11.75
C SER A 20 4.76 -6.99 10.52
N SER A 21 3.87 -7.00 9.54
CA SER A 21 4.08 -7.77 8.32
C SER A 21 4.82 -6.95 7.28
N ARG A 22 5.52 -7.63 6.38
CA ARG A 22 6.27 -6.97 5.33
C ARG A 22 6.16 -7.73 4.02
N ARG A 23 5.52 -7.11 3.03
CA ARG A 23 5.35 -7.73 1.72
C ARG A 23 5.70 -6.76 0.60
N GLY A 24 6.67 -7.14 -0.23
CA GLY A 24 7.09 -6.28 -1.32
C GLY A 24 6.39 -6.63 -2.63
N VAL A 25 5.50 -5.74 -3.07
CA VAL A 25 4.77 -5.96 -4.31
C VAL A 25 5.24 -5.02 -5.40
N MET A 26 5.28 -5.52 -6.64
CA MET A 26 5.71 -4.71 -7.77
C MET A 26 4.54 -4.35 -8.66
N ALA A 27 4.06 -3.10 -8.53
CA ALA A 27 2.93 -2.62 -9.32
C ALA A 27 3.35 -1.46 -10.22
N SER A 28 2.66 -1.31 -11.34
CA SER A 28 2.97 -0.23 -12.28
C SER A 28 2.29 1.07 -11.85
N SER A 29 1.15 0.95 -11.18
CA SER A 29 0.42 2.11 -10.71
C SER A 29 -0.14 1.88 -9.31
N LEU A 30 -0.87 2.86 -8.80
CA LEU A 30 -1.46 2.77 -7.47
C LEU A 30 -2.52 1.68 -7.42
N GLN A 31 -3.54 1.80 -8.28
CA GLN A 31 -4.63 0.83 -8.32
C GLN A 31 -4.07 -0.59 -8.44
N GLU A 32 -3.10 -0.78 -9.33
CA GLU A 32 -2.50 -2.08 -9.54
C GLU A 32 -1.96 -2.64 -8.22
N LEU A 33 -1.23 -1.83 -7.48
CA LEU A 33 -0.66 -2.25 -6.21
C LEU A 33 -1.76 -2.68 -5.25
N ILE A 34 -2.53 -1.72 -4.75
CA ILE A 34 -3.61 -2.00 -3.82
C ILE A 34 -4.26 -3.35 -4.14
N SER A 35 -4.90 -3.44 -5.29
CA SER A 35 -5.58 -4.66 -5.72
C SER A 35 -4.68 -5.87 -5.48
N LYS A 36 -3.42 -5.76 -5.91
CA LYS A 36 -2.46 -6.85 -5.75
C LYS A 36 -2.28 -7.20 -4.27
N THR A 37 -1.96 -6.19 -3.47
CA THR A 37 -1.76 -6.39 -2.04
C THR A 37 -2.77 -7.38 -1.48
N LEU A 38 -4.05 -7.06 -1.60
CA LEU A 38 -5.11 -7.92 -1.10
C LEU A 38 -4.77 -9.39 -1.34
N ASP A 39 -4.26 -9.69 -2.52
CA ASP A 39 -3.89 -11.05 -2.88
C ASP A 39 -2.65 -11.50 -2.10
N ALA A 40 -1.69 -10.59 -1.95
CA ALA A 40 -0.46 -10.88 -1.24
C ALA A 40 -0.74 -11.20 0.23
N LEU A 41 -1.29 -10.22 0.94
CA LEU A 41 -1.60 -10.39 2.35
C LEU A 41 -2.77 -11.36 2.54
N VAL A 42 -3.38 -11.76 1.42
CA VAL A 42 -4.50 -12.69 1.46
C VAL A 42 -5.55 -12.23 2.47
N ILE A 43 -5.90 -10.95 2.42
CA ILE A 43 -6.88 -10.39 3.34
C ILE A 43 -8.28 -10.95 3.04
N ALA A 44 -8.95 -11.42 4.08
CA ALA A 44 -10.30 -11.97 3.95
C ALA A 44 -11.25 -10.93 3.37
N THR A 45 -11.22 -9.72 3.92
CA THR A 45 -12.09 -8.65 3.45
C THR A 45 -11.49 -7.94 2.24
N GLY A 46 -12.33 -7.24 1.50
CA GLY A 46 -11.88 -6.53 0.32
C GLY A 46 -11.78 -5.03 0.55
N LEU A 47 -12.71 -4.48 1.32
CA LEU A 47 -12.74 -3.06 1.61
C LEU A 47 -11.53 -2.66 2.45
N VAL A 48 -10.57 -2.01 1.82
CA VAL A 48 -9.36 -1.56 2.51
C VAL A 48 -8.88 -0.22 1.98
N THR A 49 -8.05 0.46 2.76
CA THR A 49 -7.52 1.76 2.36
C THR A 49 -6.00 1.79 2.46
N LEU A 50 -5.35 2.14 1.36
CA LEU A 50 -3.89 2.21 1.33
C LEU A 50 -3.40 3.61 1.68
N VAL A 51 -2.40 3.68 2.55
CA VAL A 51 -1.84 4.96 2.98
C VAL A 51 -0.32 4.87 3.11
N LEU A 52 0.31 6.02 3.31
CA LEU A 52 1.76 6.09 3.45
C LEU A 52 2.21 5.56 4.81
N GLU A 53 3.25 4.74 4.81
CA GLU A 53 3.78 4.17 6.05
C GLU A 53 4.68 5.17 6.77
N GLU A 54 4.61 6.43 6.36
CA GLU A 54 5.41 7.48 6.96
C GLU A 54 4.56 8.39 7.83
N ASP A 55 3.45 8.86 7.27
CA ASP A 55 2.54 9.74 7.99
C ASP A 55 1.12 9.18 8.01
N GLY A 56 0.86 8.24 7.10
CA GLY A 56 -0.46 7.62 7.03
C GLY A 56 -1.39 8.37 6.10
N THR A 57 -0.85 8.80 4.95
CA THR A 57 -1.64 9.53 3.98
C THR A 57 -2.25 8.58 2.94
N VAL A 58 -3.57 8.58 2.85
CA VAL A 58 -4.27 7.72 1.90
C VAL A 58 -3.98 8.14 0.47
N VAL A 59 -3.34 7.25 -0.29
CA VAL A 59 -3.00 7.52 -1.68
C VAL A 59 -4.10 7.04 -2.61
N ASP A 60 -4.93 7.96 -3.08
CA ASP A 60 -6.03 7.63 -3.99
C ASP A 60 -5.79 8.26 -5.36
N THR A 61 -4.64 8.90 -5.54
CA THR A 61 -4.31 9.54 -6.80
C THR A 61 -3.14 8.83 -7.48
N GLU A 62 -3.24 8.66 -8.79
CA GLU A 62 -2.19 8.00 -9.55
C GLU A 62 -0.94 8.87 -9.64
N GLU A 63 -1.15 10.17 -9.87
CA GLU A 63 -0.04 11.12 -9.98
C GLU A 63 0.80 11.11 -8.70
N PHE A 64 0.12 11.09 -7.55
CA PHE A 64 0.80 11.09 -6.27
C PHE A 64 1.60 9.81 -6.07
N PHE A 65 1.04 8.69 -6.55
CA PHE A 65 1.70 7.39 -6.42
C PHE A 65 2.88 7.29 -7.39
N GLN A 66 2.75 7.97 -8.53
CA GLN A 66 3.81 7.95 -9.55
C GLN A 66 5.03 8.72 -9.07
N THR A 67 4.81 9.68 -8.16
CA THR A 67 5.90 10.49 -7.63
C THR A 67 6.66 9.74 -6.54
N LEU A 68 5.94 8.94 -5.76
CA LEU A 68 6.54 8.17 -4.69
C LEU A 68 7.79 7.44 -5.17
N GLY A 69 8.89 7.58 -4.42
CA GLY A 69 10.12 6.93 -4.80
C GLY A 69 9.99 5.42 -4.85
N ASP A 70 11.12 4.74 -4.98
CA ASP A 70 11.13 3.28 -5.06
C ASP A 70 11.11 2.67 -3.65
N ASN A 71 10.71 1.40 -3.57
CA ASN A 71 10.64 0.70 -2.30
C ASN A 71 9.90 1.54 -1.25
N THR A 72 8.82 2.18 -1.68
CA THR A 72 8.03 3.01 -0.78
C THR A 72 7.16 2.17 0.15
N HIS A 73 7.30 2.40 1.44
CA HIS A 73 6.53 1.65 2.44
C HIS A 73 5.08 2.14 2.49
N PHE A 74 4.15 1.21 2.48
CA PHE A 74 2.73 1.54 2.52
C PHE A 74 2.03 0.83 3.68
N MET A 75 0.86 1.32 4.06
CA MET A 75 0.09 0.74 5.15
C MET A 75 -1.35 0.48 4.72
N ILE A 76 -1.84 -0.72 5.05
CA ILE A 76 -3.20 -1.09 4.69
C ILE A 76 -4.13 -1.00 5.90
N LEU A 77 -5.34 -0.50 5.69
CA LEU A 77 -6.32 -0.35 6.75
C LEU A 77 -7.66 -0.95 6.34
N GLU A 78 -8.27 -1.72 7.24
CA GLU A 78 -9.56 -2.34 6.97
C GLU A 78 -10.70 -1.34 7.20
N LYS A 79 -11.92 -1.78 6.91
CA LYS A 79 -13.09 -0.93 7.07
C LYS A 79 -13.31 -0.60 8.56
N GLY A 80 -12.55 0.37 9.06
CA GLY A 80 -12.68 0.77 10.45
C GLY A 80 -11.34 0.80 11.16
N GLN A 81 -10.26 1.00 10.40
CA GLN A 81 -8.93 1.05 10.97
C GLN A 81 -8.20 2.30 10.51
N LYS A 82 -7.38 2.87 11.40
CA LYS A 82 -6.62 4.07 11.08
C LYS A 82 -5.12 3.77 11.05
N TRP A 83 -4.34 4.71 10.54
CA TRP A 83 -2.90 4.55 10.45
C TRP A 83 -2.23 4.90 11.78
N MET A 84 -1.05 4.34 12.01
CA MET A 84 -0.31 4.59 13.24
C MET A 84 1.18 4.71 12.97
N PRO A 85 1.86 5.59 13.72
CA PRO A 85 3.30 5.82 13.56
C PRO A 85 4.13 4.63 14.05
N SER A 86 5.42 4.86 14.24
CA SER A 86 6.32 3.81 14.70
C SER A 86 5.99 3.39 16.12
N GLY A 87 5.37 2.23 16.27
CA GLY A 87 5.01 1.73 17.58
C GLY A 87 6.22 1.36 18.42
N PRO A 88 6.05 1.37 19.74
CA PRO A 88 7.12 1.04 20.68
C PRO A 88 7.49 -0.44 20.64
N SER A 89 6.55 -1.27 20.21
CA SER A 89 6.77 -2.70 20.14
C SER A 89 7.68 -3.05 18.95
N SER A 90 8.22 -4.26 18.96
CA SER A 90 9.11 -4.70 17.89
C SER A 90 8.38 -4.71 16.55
N GLY A 91 8.96 -4.03 15.57
CA GLY A 91 8.35 -3.97 14.25
C GLY A 91 9.23 -3.24 13.24
N GLY A 1 -4.64 -9.70 -27.62
CA GLY A 1 -4.47 -9.78 -26.18
C GLY A 1 -3.03 -9.56 -25.76
N SER A 2 -2.83 -8.68 -24.77
CA SER A 2 -1.50 -8.36 -24.28
C SER A 2 -1.17 -9.18 -23.04
N SER A 3 0.03 -9.72 -22.99
CA SER A 3 0.47 -10.53 -21.86
C SER A 3 0.28 -9.77 -20.55
N GLY A 4 0.12 -10.52 -19.46
CA GLY A 4 -0.07 -9.91 -18.16
C GLY A 4 -0.89 -8.63 -18.23
N SER A 5 -0.41 -7.59 -17.58
CA SER A 5 -1.11 -6.30 -17.57
C SER A 5 -0.22 -5.20 -18.14
N SER A 6 0.77 -4.79 -17.35
CA SER A 6 1.68 -3.73 -17.76
C SER A 6 3.08 -4.29 -18.01
N GLY A 7 3.99 -3.43 -18.45
CA GLY A 7 5.35 -3.86 -18.71
C GLY A 7 6.28 -3.60 -17.53
N PRO A 8 6.60 -2.32 -17.31
CA PRO A 8 7.49 -1.91 -16.21
C PRO A 8 6.83 -2.09 -14.85
N ALA A 9 7.64 -1.97 -13.79
CA ALA A 9 7.15 -2.11 -12.43
C ALA A 9 8.11 -1.50 -11.43
N ARG A 10 7.56 -1.01 -10.32
CA ARG A 10 8.38 -0.40 -9.28
C ARG A 10 8.21 -1.13 -7.95
N PRO A 11 9.31 -1.25 -7.19
CA PRO A 11 9.32 -1.93 -5.89
C PRO A 11 8.55 -1.15 -4.83
N PHE A 12 7.81 -1.87 -3.99
CA PHE A 12 7.03 -1.24 -2.93
C PHE A 12 6.95 -2.16 -1.70
N ARG A 13 6.94 -1.55 -0.53
CA ARG A 13 6.86 -2.31 0.71
C ARG A 13 5.52 -2.11 1.40
N VAL A 14 4.85 -3.21 1.73
CA VAL A 14 3.55 -3.14 2.39
C VAL A 14 3.61 -3.73 3.80
N SER A 15 2.98 -3.05 4.74
CA SER A 15 2.97 -3.49 6.13
C SER A 15 1.55 -3.46 6.70
N ASN A 16 1.25 -4.41 7.59
CA ASN A 16 -0.06 -4.49 8.21
C ASN A 16 -0.28 -3.32 9.17
N HIS A 17 -1.48 -3.26 9.77
CA HIS A 17 -1.81 -2.20 10.70
C HIS A 17 -0.83 -2.17 11.87
N ASP A 18 -0.44 -3.36 12.34
CA ASP A 18 0.49 -3.47 13.46
C ASP A 18 1.93 -3.34 12.97
N ARG A 19 2.09 -2.86 11.75
CA ARG A 19 3.43 -2.70 11.17
C ARG A 19 4.35 -3.83 11.60
N SER A 20 3.83 -5.05 11.60
CA SER A 20 4.61 -6.22 11.99
C SER A 20 4.90 -7.11 10.78
N SER A 21 4.04 -7.03 9.78
CA SER A 21 4.19 -7.82 8.57
C SER A 21 4.90 -7.03 7.47
N ARG A 22 5.54 -7.74 6.55
CA ARG A 22 6.26 -7.10 5.46
C ARG A 22 6.01 -7.84 4.14
N ARG A 23 5.35 -7.16 3.21
CA ARG A 23 5.06 -7.77 1.91
C ARG A 23 5.40 -6.80 0.78
N GLY A 24 6.29 -7.23 -0.12
CA GLY A 24 6.69 -6.40 -1.23
C GLY A 24 5.99 -6.77 -2.51
N VAL A 25 5.38 -5.79 -3.16
CA VAL A 25 4.66 -6.02 -4.42
C VAL A 25 5.15 -5.08 -5.51
N MET A 26 5.23 -5.59 -6.74
CA MET A 26 5.67 -4.79 -7.87
C MET A 26 4.49 -4.34 -8.72
N ALA A 27 4.27 -3.03 -8.77
CA ALA A 27 3.17 -2.47 -9.54
C ALA A 27 3.60 -1.21 -10.28
N SER A 28 3.17 -1.08 -11.53
CA SER A 28 3.51 0.07 -12.35
C SER A 28 2.64 1.27 -12.00
N SER A 29 1.52 1.00 -11.34
CA SER A 29 0.59 2.06 -10.94
C SER A 29 0.01 1.78 -9.56
N LEU A 30 -0.79 2.73 -9.07
CA LEU A 30 -1.40 2.59 -7.76
C LEU A 30 -2.50 1.53 -7.77
N GLN A 31 -3.40 1.63 -8.74
CA GLN A 31 -4.50 0.68 -8.87
C GLN A 31 -3.98 -0.75 -8.85
N GLU A 32 -3.06 -1.05 -9.75
CA GLU A 32 -2.48 -2.38 -9.83
C GLU A 32 -1.99 -2.86 -8.46
N LEU A 33 -1.18 -2.03 -7.81
CA LEU A 33 -0.65 -2.36 -6.49
C LEU A 33 -1.79 -2.64 -5.51
N ILE A 34 -2.51 -1.59 -5.13
CA ILE A 34 -3.62 -1.71 -4.19
C ILE A 34 -4.32 -3.05 -4.36
N SER A 35 -4.87 -3.29 -5.55
CA SER A 35 -5.57 -4.53 -5.84
C SER A 35 -4.71 -5.74 -5.50
N LYS A 36 -3.43 -5.67 -5.87
CA LYS A 36 -2.49 -6.75 -5.60
C LYS A 36 -2.32 -6.96 -4.10
N THR A 37 -1.94 -5.90 -3.40
CA THR A 37 -1.75 -5.97 -1.95
C THR A 37 -2.79 -6.88 -1.30
N LEU A 38 -4.05 -6.67 -1.65
CA LEU A 38 -5.13 -7.47 -1.10
C LEU A 38 -4.81 -8.96 -1.18
N ASP A 39 -4.37 -9.40 -2.34
CA ASP A 39 -4.02 -10.80 -2.54
C ASP A 39 -2.75 -11.17 -1.77
N ALA A 40 -1.83 -10.21 -1.67
CA ALA A 40 -0.58 -10.44 -0.96
C ALA A 40 -0.83 -10.76 0.50
N LEU A 41 -1.69 -9.98 1.15
CA LEU A 41 -2.02 -10.19 2.55
C LEU A 41 -3.26 -11.06 2.69
N VAL A 42 -3.73 -11.60 1.57
CA VAL A 42 -4.92 -12.45 1.57
C VAL A 42 -5.99 -11.92 2.52
N ILE A 43 -6.18 -10.60 2.49
CA ILE A 43 -7.18 -9.96 3.36
C ILE A 43 -8.55 -10.59 3.17
N ALA A 44 -9.24 -10.82 4.28
CA ALA A 44 -10.57 -11.42 4.25
C ALA A 44 -11.52 -10.60 3.37
N THR A 45 -11.62 -9.31 3.65
CA THR A 45 -12.49 -8.42 2.89
C THR A 45 -11.68 -7.61 1.88
N GLY A 46 -12.39 -6.97 0.94
CA GLY A 46 -11.73 -6.16 -0.06
C GLY A 46 -11.63 -4.70 0.33
N LEU A 47 -12.74 -4.13 0.78
CA LEU A 47 -12.77 -2.73 1.19
C LEU A 47 -11.58 -2.40 2.08
N VAL A 48 -10.53 -1.84 1.49
CA VAL A 48 -9.33 -1.48 2.23
C VAL A 48 -8.84 -0.09 1.83
N THR A 49 -8.06 0.53 2.71
CA THR A 49 -7.52 1.86 2.46
C THR A 49 -6.00 1.86 2.49
N LEU A 50 -5.39 2.21 1.37
CA LEU A 50 -3.93 2.24 1.26
C LEU A 50 -3.40 3.62 1.64
N VAL A 51 -2.41 3.64 2.53
CA VAL A 51 -1.80 4.90 2.97
C VAL A 51 -0.29 4.76 3.11
N LEU A 52 0.37 5.86 3.43
CA LEU A 52 1.83 5.86 3.60
C LEU A 52 2.20 5.42 5.01
N GLU A 53 3.21 4.56 5.10
CA GLU A 53 3.67 4.05 6.39
C GLU A 53 4.55 5.08 7.09
N GLU A 54 4.56 6.30 6.56
CA GLU A 54 5.37 7.37 7.14
C GLU A 54 4.50 8.32 7.96
N ASP A 55 3.42 8.80 7.34
CA ASP A 55 2.51 9.72 8.02
C ASP A 55 1.07 9.20 7.95
N GLY A 56 0.85 8.17 7.14
CA GLY A 56 -0.47 7.60 7.00
C GLY A 56 -1.34 8.39 6.05
N THR A 57 -0.75 8.88 4.97
CA THR A 57 -1.49 9.67 3.98
C THR A 57 -2.22 8.76 3.01
N VAL A 58 -3.55 8.94 2.92
CA VAL A 58 -4.37 8.15 2.02
C VAL A 58 -3.94 8.35 0.57
N VAL A 59 -3.41 7.29 -0.03
CA VAL A 59 -2.96 7.34 -1.42
C VAL A 59 -4.02 6.78 -2.36
N ASP A 60 -4.92 7.63 -2.81
CA ASP A 60 -5.98 7.22 -3.72
C ASP A 60 -5.88 7.96 -5.06
N THR A 61 -4.69 8.48 -5.35
CA THR A 61 -4.45 9.20 -6.59
C THR A 61 -3.29 8.60 -7.36
N GLU A 62 -3.43 8.52 -8.68
CA GLU A 62 -2.38 7.97 -9.54
C GLU A 62 -1.25 8.97 -9.72
N GLU A 63 -1.60 10.24 -9.88
CA GLU A 63 -0.61 11.29 -10.06
C GLU A 63 0.37 11.33 -8.89
N PHE A 64 -0.13 11.03 -7.70
CA PHE A 64 0.71 11.03 -6.50
C PHE A 64 1.51 9.73 -6.40
N PHE A 65 0.95 8.65 -6.92
CA PHE A 65 1.60 7.36 -6.89
C PHE A 65 2.75 7.30 -7.89
N GLN A 66 2.56 7.94 -9.03
CA GLN A 66 3.57 7.96 -10.08
C GLN A 66 4.79 8.76 -9.63
N THR A 67 4.63 9.54 -8.56
CA THR A 67 5.73 10.35 -8.04
C THR A 67 6.51 9.58 -6.98
N LEU A 68 5.82 8.70 -6.25
CA LEU A 68 6.46 7.90 -5.22
C LEU A 68 7.72 7.22 -5.74
N GLY A 69 8.80 7.36 -5.00
CA GLY A 69 10.06 6.76 -5.40
C GLY A 69 10.02 5.24 -5.37
N ASP A 70 11.18 4.61 -5.33
CA ASP A 70 11.27 3.16 -5.30
C ASP A 70 11.36 2.65 -3.87
N ASN A 71 10.81 1.46 -3.63
CA ASN A 71 10.84 0.87 -2.29
C ASN A 71 10.07 1.74 -1.30
N THR A 72 8.88 2.16 -1.69
CA THR A 72 8.04 3.00 -0.84
C THR A 72 7.18 2.15 0.09
N HIS A 73 7.20 2.49 1.37
CA HIS A 73 6.42 1.76 2.37
C HIS A 73 4.95 2.17 2.31
N PHE A 74 4.06 1.23 2.63
CA PHE A 74 2.63 1.49 2.61
C PHE A 74 1.95 0.83 3.82
N MET A 75 0.73 1.27 4.10
CA MET A 75 -0.04 0.73 5.21
C MET A 75 -1.47 0.40 4.79
N ILE A 76 -1.88 -0.84 4.99
CA ILE A 76 -3.21 -1.28 4.63
C ILE A 76 -4.13 -1.30 5.85
N LEU A 77 -5.26 -0.60 5.75
CA LEU A 77 -6.22 -0.54 6.84
C LEU A 77 -7.59 -1.04 6.39
N GLU A 78 -8.06 -2.11 7.02
CA GLU A 78 -9.34 -2.70 6.69
C GLU A 78 -10.49 -1.79 7.15
N LYS A 79 -11.71 -2.16 6.77
CA LYS A 79 -12.89 -1.38 7.15
C LYS A 79 -13.04 -1.31 8.66
N GLY A 80 -12.31 -0.39 9.29
CA GLY A 80 -12.38 -0.24 10.73
C GLY A 80 -11.01 -0.15 11.37
N GLN A 81 -10.07 0.50 10.68
CA GLN A 81 -8.71 0.66 11.19
C GLN A 81 -8.12 2.00 10.78
N LYS A 82 -7.11 2.44 11.52
CA LYS A 82 -6.45 3.71 11.24
C LYS A 82 -4.93 3.56 11.24
N TRP A 83 -4.24 4.53 10.67
CA TRP A 83 -2.79 4.50 10.61
C TRP A 83 -2.17 4.93 11.94
N MET A 84 -1.07 4.30 12.30
CA MET A 84 -0.39 4.61 13.54
C MET A 84 1.11 4.82 13.31
N PRO A 85 1.69 5.78 14.05
CA PRO A 85 3.12 6.10 13.94
C PRO A 85 4.01 4.99 14.49
N SER A 86 5.32 5.23 14.49
CA SER A 86 6.27 4.24 14.98
C SER A 86 6.54 4.46 16.47
N GLY A 87 6.34 3.41 17.26
CA GLY A 87 6.56 3.51 18.69
C GLY A 87 5.95 2.35 19.46
N PRO A 88 6.01 2.42 20.80
CA PRO A 88 5.45 1.39 21.67
C PRO A 88 3.93 1.35 21.64
N SER A 89 3.37 0.54 20.74
CA SER A 89 1.93 0.42 20.60
C SER A 89 1.39 -0.69 21.51
N SER A 90 0.08 -0.85 21.51
CA SER A 90 -0.57 -1.87 22.34
C SER A 90 -0.84 -3.14 21.53
N GLY A 91 -0.81 -4.28 22.21
CA GLY A 91 -1.04 -5.54 21.54
C GLY A 91 -2.44 -5.65 20.98
N GLY A 1 -4.55 0.42 -27.56
CA GLY A 1 -5.90 0.46 -27.02
C GLY A 1 -5.92 0.59 -25.51
N SER A 2 -6.68 -0.28 -24.85
CA SER A 2 -6.78 -0.25 -23.40
C SER A 2 -5.61 -0.98 -22.75
N SER A 3 -5.33 -2.18 -23.23
CA SER A 3 -4.24 -2.98 -22.69
C SER A 3 -3.03 -2.94 -23.62
N GLY A 4 -2.17 -1.94 -23.42
CA GLY A 4 -0.99 -1.80 -24.24
C GLY A 4 0.29 -1.95 -23.44
N SER A 5 1.31 -1.17 -23.80
CA SER A 5 2.59 -1.22 -23.12
C SER A 5 2.79 0.02 -22.25
N SER A 6 2.65 -0.17 -20.93
CA SER A 6 2.81 0.93 -19.99
C SER A 6 4.27 1.09 -19.58
N GLY A 7 4.85 0.01 -19.06
CA GLY A 7 6.24 0.05 -18.64
C GLY A 7 6.53 -0.89 -17.49
N PRO A 8 7.78 -0.91 -17.03
CA PRO A 8 8.21 -1.77 -15.93
C PRO A 8 7.62 -1.34 -14.59
N ALA A 9 7.32 -2.31 -13.73
CA ALA A 9 6.75 -2.03 -12.42
C ALA A 9 7.84 -1.73 -11.39
N ARG A 10 7.55 -0.84 -10.45
CA ARG A 10 8.51 -0.46 -9.43
C ARG A 10 8.21 -1.19 -8.12
N PRO A 11 9.27 -1.55 -7.38
CA PRO A 11 9.13 -2.25 -6.09
C PRO A 11 8.56 -1.36 -5.00
N PHE A 12 7.75 -1.94 -4.13
CA PHE A 12 7.14 -1.19 -3.03
C PHE A 12 6.97 -2.07 -1.80
N ARG A 13 7.01 -1.45 -0.62
CA ARG A 13 6.87 -2.18 0.64
C ARG A 13 5.47 -2.02 1.20
N VAL A 14 4.96 -3.06 1.85
CA VAL A 14 3.63 -3.03 2.44
C VAL A 14 3.64 -3.56 3.86
N SER A 15 2.83 -2.96 4.72
CA SER A 15 2.76 -3.37 6.12
C SER A 15 1.31 -3.34 6.61
N ASN A 16 0.99 -4.24 7.54
CA ASN A 16 -0.35 -4.31 8.10
C ASN A 16 -0.61 -3.18 9.08
N HIS A 17 -1.82 -3.11 9.60
CA HIS A 17 -2.19 -2.08 10.56
C HIS A 17 -1.26 -2.10 11.77
N ASP A 18 -0.93 -3.30 12.23
CA ASP A 18 -0.06 -3.46 13.39
C ASP A 18 1.40 -3.33 13.00
N ARG A 19 1.64 -2.81 11.79
CA ARG A 19 2.99 -2.63 11.28
C ARG A 19 3.90 -3.77 11.73
N SER A 20 3.39 -4.99 11.63
CA SER A 20 4.15 -6.17 12.02
C SER A 20 4.52 -7.02 10.80
N SER A 21 3.62 -7.06 9.83
CA SER A 21 3.85 -7.83 8.61
C SER A 21 4.58 -6.99 7.56
N ARG A 22 5.45 -7.64 6.79
CA ARG A 22 6.21 -6.95 5.75
C ARG A 22 6.09 -7.69 4.42
N ARG A 23 5.46 -7.05 3.45
CA ARG A 23 5.28 -7.63 2.12
C ARG A 23 5.65 -6.64 1.03
N GLY A 24 6.62 -7.01 0.20
CA GLY A 24 7.05 -6.15 -0.88
C GLY A 24 6.37 -6.46 -2.19
N VAL A 25 5.58 -5.52 -2.70
CA VAL A 25 4.87 -5.71 -3.97
C VAL A 25 5.34 -4.71 -5.01
N MET A 26 5.38 -5.14 -6.27
CA MET A 26 5.80 -4.29 -7.35
C MET A 26 4.67 -4.09 -8.36
N ALA A 27 4.41 -2.84 -8.71
CA ALA A 27 3.35 -2.51 -9.66
C ALA A 27 3.72 -1.30 -10.51
N SER A 28 3.10 -1.19 -11.68
CA SER A 28 3.37 -0.07 -12.58
C SER A 28 2.56 1.15 -12.19
N SER A 29 1.46 0.93 -11.47
CA SER A 29 0.61 2.02 -11.03
C SER A 29 0.07 1.76 -9.62
N LEU A 30 -0.74 2.68 -9.13
CA LEU A 30 -1.32 2.55 -7.79
C LEU A 30 -2.44 1.50 -7.77
N GLN A 31 -3.43 1.70 -8.62
CA GLN A 31 -4.56 0.77 -8.70
C GLN A 31 -4.07 -0.67 -8.78
N GLU A 32 -3.06 -0.90 -9.62
CA GLU A 32 -2.50 -2.24 -9.78
C GLU A 32 -1.97 -2.78 -8.46
N LEU A 33 -1.23 -1.94 -7.74
CA LEU A 33 -0.67 -2.33 -6.46
C LEU A 33 -1.77 -2.70 -5.47
N ILE A 34 -2.53 -1.70 -5.04
CA ILE A 34 -3.62 -1.92 -4.09
C ILE A 34 -4.28 -3.27 -4.31
N SER A 35 -4.84 -3.46 -5.51
CA SER A 35 -5.51 -4.71 -5.85
C SER A 35 -4.62 -5.91 -5.52
N LYS A 36 -3.34 -5.79 -5.87
CA LYS A 36 -2.37 -6.86 -5.63
C LYS A 36 -2.20 -7.09 -4.13
N THR A 37 -1.91 -6.02 -3.39
CA THR A 37 -1.72 -6.11 -1.96
C THR A 37 -2.74 -7.04 -1.32
N LEU A 38 -4.02 -6.75 -1.54
CA LEU A 38 -5.10 -7.56 -0.99
C LEU A 38 -4.87 -9.04 -1.29
N ASP A 39 -4.35 -9.32 -2.48
CA ASP A 39 -4.09 -10.71 -2.88
C ASP A 39 -2.91 -11.28 -2.10
N ALA A 40 -1.78 -10.57 -2.12
CA ALA A 40 -0.60 -11.01 -1.42
C ALA A 40 -0.90 -11.26 0.07
N LEU A 41 -1.37 -10.22 0.75
CA LEU A 41 -1.69 -10.32 2.16
C LEU A 41 -2.84 -11.31 2.40
N VAL A 42 -3.51 -11.69 1.31
CA VAL A 42 -4.62 -12.63 1.40
C VAL A 42 -5.67 -12.16 2.40
N ILE A 43 -6.01 -10.88 2.33
CA ILE A 43 -7.00 -10.31 3.24
C ILE A 43 -8.37 -10.93 3.02
N ALA A 44 -9.08 -11.19 4.10
CA ALA A 44 -10.41 -11.79 4.03
C ALA A 44 -11.34 -10.93 3.17
N THR A 45 -11.51 -9.68 3.56
CA THR A 45 -12.37 -8.76 2.83
C THR A 45 -11.56 -7.88 1.89
N GLY A 46 -12.23 -7.35 0.86
CA GLY A 46 -11.56 -6.50 -0.10
C GLY A 46 -11.55 -5.04 0.33
N LEU A 47 -12.63 -4.61 0.97
CA LEU A 47 -12.74 -3.23 1.43
C LEU A 47 -11.56 -2.85 2.31
N VAL A 48 -10.63 -2.08 1.74
CA VAL A 48 -9.45 -1.65 2.47
C VAL A 48 -8.92 -0.32 1.92
N THR A 49 -8.22 0.42 2.76
CA THR A 49 -7.66 1.71 2.37
C THR A 49 -6.13 1.71 2.49
N LEU A 50 -5.47 2.14 1.42
CA LEU A 50 -4.01 2.20 1.40
C LEU A 50 -3.51 3.55 1.88
N VAL A 51 -2.39 3.55 2.59
CA VAL A 51 -1.80 4.78 3.10
C VAL A 51 -0.29 4.66 3.23
N LEU A 52 0.36 5.76 3.57
CA LEU A 52 1.81 5.78 3.73
C LEU A 52 2.21 5.29 5.12
N GLU A 53 3.24 4.44 5.17
CA GLU A 53 3.72 3.90 6.43
C GLU A 53 4.68 4.88 7.10
N GLU A 54 4.64 6.14 6.68
CA GLU A 54 5.50 7.17 7.24
C GLU A 54 4.68 8.29 7.85
N ASP A 55 3.64 8.72 7.14
CA ASP A 55 2.78 9.79 7.62
C ASP A 55 1.32 9.33 7.65
N GLY A 56 1.05 8.19 7.03
CA GLY A 56 -0.31 7.66 6.99
C GLY A 56 -1.21 8.46 6.08
N THR A 57 -0.66 8.96 4.98
CA THR A 57 -1.43 9.74 4.02
C THR A 57 -2.13 8.84 3.00
N VAL A 58 -3.46 8.89 2.99
CA VAL A 58 -4.24 8.08 2.07
C VAL A 58 -3.85 8.37 0.63
N VAL A 59 -3.20 7.40 -0.01
CA VAL A 59 -2.77 7.55 -1.40
C VAL A 59 -3.78 6.90 -2.36
N ASP A 60 -4.80 7.66 -2.71
CA ASP A 60 -5.84 7.17 -3.62
C ASP A 60 -5.77 7.91 -4.96
N THR A 61 -4.65 8.57 -5.21
CA THR A 61 -4.47 9.31 -6.46
C THR A 61 -3.27 8.78 -7.24
N GLU A 62 -3.46 8.62 -8.55
CA GLU A 62 -2.41 8.11 -9.41
C GLU A 62 -1.30 9.15 -9.57
N GLU A 63 -1.69 10.40 -9.77
CA GLU A 63 -0.74 11.49 -9.96
C GLU A 63 0.26 11.54 -8.79
N PHE A 64 -0.20 11.13 -7.61
CA PHE A 64 0.64 11.11 -6.43
C PHE A 64 1.49 9.85 -6.37
N PHE A 65 0.95 8.76 -6.91
CA PHE A 65 1.66 7.49 -6.91
C PHE A 65 2.75 7.48 -7.99
N GLN A 66 2.52 8.23 -9.06
CA GLN A 66 3.48 8.31 -10.15
C GLN A 66 4.70 9.12 -9.75
N THR A 67 4.63 9.75 -8.59
CA THR A 67 5.74 10.56 -8.08
C THR A 67 6.58 9.78 -7.07
N LEU A 68 5.91 8.90 -6.32
CA LEU A 68 6.59 8.08 -5.32
C LEU A 68 7.76 7.32 -5.93
N GLY A 69 8.88 7.28 -5.21
CA GLY A 69 10.05 6.57 -5.71
C GLY A 69 9.93 5.06 -5.54
N ASP A 70 11.07 4.38 -5.49
CA ASP A 70 11.10 2.94 -5.34
C ASP A 70 11.12 2.56 -3.86
N ASN A 71 10.80 1.30 -3.57
CA ASN A 71 10.78 0.81 -2.20
C ASN A 71 9.96 1.73 -1.30
N THR A 72 8.74 2.03 -1.72
CA THR A 72 7.86 2.90 -0.96
C THR A 72 7.06 2.11 0.07
N HIS A 73 7.13 2.54 1.33
CA HIS A 73 6.42 1.87 2.42
C HIS A 73 4.95 2.25 2.40
N PHE A 74 4.08 1.25 2.56
CA PHE A 74 2.64 1.47 2.57
C PHE A 74 1.99 0.78 3.76
N MET A 75 0.75 1.16 4.05
CA MET A 75 0.01 0.58 5.17
C MET A 75 -1.44 0.29 4.77
N ILE A 76 -1.88 -0.93 5.07
CA ILE A 76 -3.24 -1.34 4.75
C ILE A 76 -4.15 -1.25 5.97
N LEU A 77 -5.28 -0.56 5.82
CA LEU A 77 -6.23 -0.40 6.91
C LEU A 77 -7.60 -0.95 6.52
N GLU A 78 -8.11 -1.89 7.31
CA GLU A 78 -9.41 -2.49 7.06
C GLU A 78 -10.54 -1.52 7.40
N LYS A 79 -11.77 -1.91 7.07
CA LYS A 79 -12.94 -1.08 7.34
C LYS A 79 -13.11 -0.86 8.84
N GLY A 80 -12.41 0.14 9.38
CA GLY A 80 -12.51 0.42 10.80
C GLY A 80 -11.16 0.47 11.48
N GLN A 81 -10.18 1.05 10.80
CA GLN A 81 -8.83 1.16 11.35
C GLN A 81 -8.15 2.44 10.88
N LYS A 82 -7.19 2.91 11.67
CA LYS A 82 -6.45 4.13 11.33
C LYS A 82 -4.96 3.86 11.26
N TRP A 83 -4.23 4.81 10.71
CA TRP A 83 -2.77 4.69 10.57
C TRP A 83 -2.07 5.07 11.87
N MET A 84 -0.98 4.37 12.18
CA MET A 84 -0.22 4.64 13.39
C MET A 84 1.27 4.72 13.09
N PRO A 85 1.97 5.62 13.79
CA PRO A 85 3.41 5.82 13.62
C PRO A 85 4.23 4.63 14.12
N SER A 86 5.56 4.79 14.12
CA SER A 86 6.44 3.73 14.58
C SER A 86 6.70 3.85 16.07
N GLY A 87 6.22 4.93 16.67
CA GLY A 87 6.40 5.14 18.09
C GLY A 87 5.19 5.77 18.75
N PRO A 88 5.19 5.82 20.09
CA PRO A 88 4.09 6.39 20.87
C PRO A 88 4.01 7.90 20.73
N SER A 89 3.29 8.36 19.71
CA SER A 89 3.14 9.79 19.46
C SER A 89 2.14 10.40 20.43
N SER A 90 2.55 11.48 21.10
CA SER A 90 1.69 12.15 22.06
C SER A 90 1.10 11.16 23.05
N GLY A 91 1.92 10.22 23.50
CA GLY A 91 1.47 9.22 24.45
C GLY A 91 1.96 7.83 24.12
N GLY A 1 -8.24 -3.44 -16.05
CA GLY A 1 -8.86 -2.64 -17.10
C GLY A 1 -8.18 -1.30 -17.28
N SER A 2 -7.25 -1.23 -18.23
CA SER A 2 -6.52 0.00 -18.50
C SER A 2 -6.05 0.05 -19.95
N SER A 3 -5.75 1.26 -20.42
CA SER A 3 -5.30 1.45 -21.80
C SER A 3 -3.96 2.19 -21.83
N GLY A 4 -2.88 1.45 -21.95
CA GLY A 4 -1.56 2.06 -21.99
C GLY A 4 -0.67 1.60 -20.86
N SER A 5 0.61 1.98 -20.92
CA SER A 5 1.57 1.59 -19.89
C SER A 5 2.83 2.44 -19.98
N SER A 6 3.24 3.00 -18.85
CA SER A 6 4.43 3.85 -18.80
C SER A 6 5.40 3.34 -17.73
N GLY A 7 6.63 3.06 -18.15
CA GLY A 7 7.64 2.57 -17.22
C GLY A 7 7.28 1.23 -16.62
N PRO A 8 8.30 0.40 -16.36
CA PRO A 8 8.10 -0.94 -15.79
C PRO A 8 7.65 -0.88 -14.33
N ALA A 9 6.87 -1.87 -13.91
CA ALA A 9 6.38 -1.94 -12.55
C ALA A 9 7.51 -1.75 -11.55
N ARG A 10 7.28 -0.90 -10.55
CA ARG A 10 8.29 -0.64 -9.52
C ARG A 10 7.92 -1.34 -8.22
N PRO A 11 8.95 -1.83 -7.50
CA PRO A 11 8.76 -2.52 -6.23
C PRO A 11 8.31 -1.59 -5.12
N PHE A 12 7.51 -2.11 -4.19
CA PHE A 12 7.01 -1.32 -3.07
C PHE A 12 6.87 -2.18 -1.82
N ARG A 13 7.07 -1.56 -0.67
CA ARG A 13 6.96 -2.27 0.61
C ARG A 13 5.61 -2.01 1.27
N VAL A 14 4.99 -3.06 1.78
CA VAL A 14 3.69 -2.95 2.43
C VAL A 14 3.74 -3.52 3.85
N SER A 15 2.97 -2.91 4.74
CA SER A 15 2.92 -3.36 6.13
C SER A 15 1.48 -3.37 6.65
N ASN A 16 1.16 -4.38 7.45
CA ASN A 16 -0.18 -4.50 8.02
C ASN A 16 -0.44 -3.41 9.05
N HIS A 17 -1.66 -3.38 9.58
CA HIS A 17 -2.04 -2.38 10.57
C HIS A 17 -1.13 -2.45 11.79
N ASP A 18 -0.84 -3.67 12.24
CA ASP A 18 0.02 -3.87 13.40
C ASP A 18 1.49 -3.61 13.05
N ARG A 19 1.72 -3.18 11.81
CA ARG A 19 3.07 -2.90 11.34
C ARG A 19 4.04 -4.01 11.74
N SER A 20 3.59 -5.25 11.57
CA SER A 20 4.40 -6.41 11.92
C SER A 20 4.74 -7.23 10.68
N SER A 21 3.91 -7.10 9.65
CA SER A 21 4.11 -7.83 8.40
C SER A 21 4.82 -6.96 7.37
N ARG A 22 5.52 -7.60 6.45
CA ARG A 22 6.25 -6.90 5.40
C ARG A 22 6.20 -7.66 4.09
N ARG A 23 5.55 -7.06 3.09
CA ARG A 23 5.43 -7.68 1.78
C ARG A 23 5.88 -6.73 0.67
N GLY A 24 6.68 -7.23 -0.26
CA GLY A 24 7.15 -6.41 -1.35
C GLY A 24 6.41 -6.68 -2.65
N VAL A 25 5.60 -5.73 -3.08
CA VAL A 25 4.85 -5.86 -4.31
C VAL A 25 5.28 -4.83 -5.35
N MET A 26 5.27 -5.24 -6.62
CA MET A 26 5.67 -4.36 -7.70
C MET A 26 4.48 -4.06 -8.62
N ALA A 27 4.26 -2.78 -8.90
CA ALA A 27 3.16 -2.36 -9.76
C ALA A 27 3.55 -1.14 -10.58
N SER A 28 2.89 -0.96 -11.73
CA SER A 28 3.16 0.15 -12.61
C SER A 28 2.38 1.40 -12.17
N SER A 29 1.21 1.17 -11.60
CA SER A 29 0.36 2.27 -11.14
C SER A 29 -0.12 2.03 -9.72
N LEU A 30 -0.96 2.92 -9.22
CA LEU A 30 -1.50 2.80 -7.87
C LEU A 30 -2.56 1.71 -7.79
N GLN A 31 -3.56 1.80 -8.67
CA GLN A 31 -4.63 0.82 -8.70
C GLN A 31 -4.06 -0.60 -8.75
N GLU A 32 -3.07 -0.80 -9.60
CA GLU A 32 -2.44 -2.11 -9.75
C GLU A 32 -1.93 -2.62 -8.40
N LEU A 33 -1.16 -1.79 -7.72
CA LEU A 33 -0.61 -2.16 -6.41
C LEU A 33 -1.73 -2.54 -5.44
N ILE A 34 -2.54 -1.57 -5.06
CA ILE A 34 -3.65 -1.80 -4.14
C ILE A 34 -4.27 -3.18 -4.36
N SER A 35 -4.75 -3.41 -5.58
CA SER A 35 -5.37 -4.69 -5.92
C SER A 35 -4.43 -5.85 -5.59
N LYS A 36 -3.16 -5.67 -5.88
CA LYS A 36 -2.16 -6.70 -5.62
C LYS A 36 -2.01 -6.95 -4.12
N THR A 37 -1.70 -5.89 -3.38
CA THR A 37 -1.54 -6.00 -1.94
C THR A 37 -2.55 -6.96 -1.33
N LEU A 38 -3.84 -6.70 -1.60
CA LEU A 38 -4.91 -7.55 -1.08
C LEU A 38 -4.56 -9.03 -1.27
N ASP A 39 -4.15 -9.39 -2.48
CA ASP A 39 -3.80 -10.77 -2.77
C ASP A 39 -2.56 -11.19 -2.00
N ALA A 40 -1.61 -10.27 -1.87
CA ALA A 40 -0.37 -10.54 -1.15
C ALA A 40 -0.64 -10.89 0.31
N LEU A 41 -1.29 -9.98 1.02
CA LEU A 41 -1.61 -10.18 2.43
C LEU A 41 -2.86 -11.05 2.58
N VAL A 42 -3.31 -11.61 1.46
CA VAL A 42 -4.51 -12.46 1.47
C VAL A 42 -5.54 -11.96 2.47
N ILE A 43 -5.69 -10.63 2.55
CA ILE A 43 -6.65 -10.03 3.47
C ILE A 43 -8.01 -10.72 3.38
N ALA A 44 -8.71 -10.78 4.50
CA ALA A 44 -10.03 -11.40 4.54
C ALA A 44 -11.02 -10.64 3.67
N THR A 45 -11.25 -9.38 4.01
CA THR A 45 -12.18 -8.54 3.25
C THR A 45 -11.44 -7.67 2.25
N GLY A 46 -12.13 -7.29 1.17
CA GLY A 46 -11.52 -6.45 0.15
C GLY A 46 -11.55 -4.98 0.52
N LEU A 47 -12.65 -4.55 1.14
CA LEU A 47 -12.81 -3.15 1.54
C LEU A 47 -11.64 -2.71 2.43
N VAL A 48 -10.68 -2.02 1.84
CA VAL A 48 -9.52 -1.54 2.58
C VAL A 48 -9.10 -0.14 2.11
N THR A 49 -8.15 0.45 2.81
CA THR A 49 -7.65 1.77 2.46
C THR A 49 -6.13 1.83 2.52
N LEU A 50 -5.51 2.17 1.39
CA LEU A 50 -4.06 2.26 1.31
C LEU A 50 -3.59 3.68 1.62
N VAL A 51 -2.63 3.78 2.54
CA VAL A 51 -2.09 5.08 2.93
C VAL A 51 -0.58 5.01 3.11
N LEU A 52 0.05 6.17 3.25
CA LEU A 52 1.49 6.24 3.44
C LEU A 52 1.89 5.83 4.86
N GLU A 53 2.86 4.94 4.96
CA GLU A 53 3.33 4.47 6.26
C GLU A 53 4.20 5.51 6.94
N GLU A 54 4.26 6.71 6.35
CA GLU A 54 5.06 7.79 6.90
C GLU A 54 4.19 8.75 7.71
N ASP A 55 3.13 9.23 7.10
CA ASP A 55 2.22 10.16 7.76
C ASP A 55 0.79 9.64 7.74
N GLY A 56 0.59 8.50 7.06
CA GLY A 56 -0.73 7.92 6.96
C GLY A 56 -1.64 8.68 6.02
N THR A 57 -1.06 9.23 4.95
CA THR A 57 -1.82 9.99 3.97
C THR A 57 -2.44 9.06 2.92
N VAL A 58 -3.76 9.16 2.77
CA VAL A 58 -4.48 8.33 1.79
C VAL A 58 -3.98 8.61 0.38
N VAL A 59 -3.47 7.56 -0.27
CA VAL A 59 -2.95 7.69 -1.63
C VAL A 59 -3.97 7.17 -2.64
N ASP A 60 -4.82 8.06 -3.12
CA ASP A 60 -5.85 7.70 -4.10
C ASP A 60 -5.61 8.41 -5.42
N THR A 61 -4.41 8.93 -5.61
CA THR A 61 -4.06 9.65 -6.83
C THR A 61 -2.91 8.96 -7.56
N GLU A 62 -3.10 8.75 -8.87
CA GLU A 62 -2.08 8.10 -9.68
C GLU A 62 -0.83 8.97 -9.79
N GLU A 63 -1.03 10.25 -10.03
CA GLU A 63 0.08 11.20 -10.15
C GLU A 63 0.90 11.25 -8.87
N PHE A 64 0.23 11.02 -7.74
CA PHE A 64 0.90 11.04 -6.44
C PHE A 64 1.61 9.72 -6.17
N PHE A 65 1.13 8.66 -6.81
CA PHE A 65 1.72 7.33 -6.63
C PHE A 65 2.86 7.12 -7.62
N GLN A 66 2.82 7.82 -8.74
CA GLN A 66 3.85 7.72 -9.76
C GLN A 66 5.09 8.51 -9.36
N THR A 67 4.95 9.34 -8.33
CA THR A 67 6.06 10.16 -7.85
C THR A 67 6.82 9.45 -6.72
N LEU A 68 6.22 8.38 -6.20
CA LEU A 68 6.85 7.63 -5.12
C LEU A 68 7.97 6.75 -5.65
N GLY A 69 9.10 6.76 -4.96
CA GLY A 69 10.24 5.96 -5.38
C GLY A 69 10.16 4.53 -4.86
N ASP A 70 10.66 3.59 -5.66
CA ASP A 70 10.64 2.19 -5.27
C ASP A 70 10.93 2.02 -3.79
N ASN A 71 10.46 0.92 -3.22
CA ASN A 71 10.68 0.64 -1.80
C ASN A 71 9.86 1.59 -0.94
N THR A 72 8.63 1.87 -1.37
CA THR A 72 7.75 2.77 -0.63
C THR A 72 6.95 2.01 0.42
N HIS A 73 7.04 2.47 1.66
CA HIS A 73 6.32 1.83 2.76
C HIS A 73 4.87 2.29 2.80
N PHE A 74 3.95 1.35 2.60
CA PHE A 74 2.52 1.66 2.62
C PHE A 74 1.84 1.03 3.83
N MET A 75 0.62 1.49 4.12
CA MET A 75 -0.13 0.97 5.26
C MET A 75 -1.55 0.62 4.84
N ILE A 76 -1.93 -0.64 5.02
CA ILE A 76 -3.26 -1.11 4.67
C ILE A 76 -4.17 -1.17 5.90
N LEU A 77 -5.31 -0.52 5.81
CA LEU A 77 -6.27 -0.50 6.90
C LEU A 77 -7.61 -1.07 6.47
N GLU A 78 -8.14 -1.99 7.26
CA GLU A 78 -9.43 -2.62 6.96
C GLU A 78 -10.59 -1.74 7.43
N LYS A 79 -11.80 -2.17 7.12
CA LYS A 79 -13.00 -1.43 7.52
C LYS A 79 -13.10 -1.33 9.04
N GLY A 80 -12.32 -0.42 9.62
CA GLY A 80 -12.33 -0.24 11.06
C GLY A 80 -10.93 -0.16 11.65
N GLN A 81 -10.03 0.53 10.95
CA GLN A 81 -8.66 0.67 11.41
C GLN A 81 -8.06 1.99 10.92
N LYS A 82 -7.20 2.57 11.75
CA LYS A 82 -6.55 3.84 11.41
C LYS A 82 -5.03 3.68 11.35
N TRP A 83 -4.36 4.62 10.70
CA TRP A 83 -2.91 4.59 10.59
C TRP A 83 -2.25 4.89 11.93
N MET A 84 -1.07 4.31 12.15
CA MET A 84 -0.34 4.53 13.39
C MET A 84 1.16 4.62 13.12
N PRO A 85 1.84 5.50 13.88
CA PRO A 85 3.28 5.71 13.74
C PRO A 85 4.09 4.51 14.22
N SER A 86 5.41 4.63 14.16
CA SER A 86 6.30 3.55 14.59
C SER A 86 6.19 3.33 16.09
N GLY A 87 5.46 2.27 16.48
CA GLY A 87 5.29 1.97 17.88
C GLY A 87 4.26 2.85 18.55
N PRO A 88 3.59 2.30 19.58
CA PRO A 88 2.57 3.03 20.33
C PRO A 88 3.14 4.17 21.15
N SER A 89 2.26 4.96 21.77
CA SER A 89 2.67 6.08 22.59
C SER A 89 1.64 6.39 23.68
N SER A 90 2.06 7.14 24.69
CA SER A 90 1.18 7.49 25.80
C SER A 90 -0.25 7.68 25.31
N GLY A 91 -0.40 8.39 24.18
CA GLY A 91 -1.72 8.62 23.63
C GLY A 91 -1.98 10.10 23.38
N GLY A 1 -6.24 -0.42 -16.24
CA GLY A 1 -6.26 -0.14 -17.66
C GLY A 1 -5.02 0.61 -18.12
N SER A 2 -4.56 0.30 -19.33
CA SER A 2 -3.37 0.94 -19.88
C SER A 2 -3.34 0.80 -21.40
N SER A 3 -2.78 1.80 -22.07
CA SER A 3 -2.68 1.80 -23.52
C SER A 3 -1.28 2.19 -23.98
N GLY A 4 -0.46 1.17 -24.29
CA GLY A 4 0.89 1.44 -24.74
C GLY A 4 1.90 1.34 -23.62
N SER A 5 3.10 0.87 -23.94
CA SER A 5 4.15 0.73 -22.94
C SER A 5 4.39 2.04 -22.21
N SER A 6 4.31 2.00 -20.88
CA SER A 6 4.51 3.19 -20.07
C SER A 6 5.76 3.05 -19.21
N GLY A 7 5.91 1.89 -18.57
CA GLY A 7 7.07 1.66 -17.73
C GLY A 7 6.96 0.35 -16.97
N PRO A 8 8.13 -0.24 -16.65
CA PRO A 8 8.20 -1.51 -15.92
C PRO A 8 7.75 -1.37 -14.47
N ALA A 9 6.99 -2.33 -13.98
CA ALA A 9 6.50 -2.32 -12.61
C ALA A 9 7.61 -1.94 -11.64
N ARG A 10 7.29 -1.13 -10.65
CA ARG A 10 8.26 -0.70 -9.66
C ARG A 10 8.06 -1.44 -8.34
N PRO A 11 9.16 -1.69 -7.62
CA PRO A 11 9.14 -2.40 -6.34
C PRO A 11 8.50 -1.56 -5.24
N PHE A 12 7.77 -2.22 -4.34
CA PHE A 12 7.10 -1.53 -3.24
C PHE A 12 6.92 -2.47 -2.05
N ARG A 13 6.98 -1.91 -0.85
CA ARG A 13 6.82 -2.71 0.37
C ARG A 13 5.53 -2.34 1.08
N VAL A 14 4.80 -3.36 1.53
CA VAL A 14 3.54 -3.15 2.24
C VAL A 14 3.59 -3.73 3.65
N SER A 15 2.93 -3.06 4.59
CA SER A 15 2.90 -3.50 5.97
C SER A 15 1.52 -3.29 6.58
N ASN A 16 1.05 -4.29 7.32
CA ASN A 16 -0.27 -4.21 7.96
C ASN A 16 -0.28 -3.14 9.04
N HIS A 17 -1.44 -2.93 9.64
CA HIS A 17 -1.59 -1.92 10.69
C HIS A 17 -0.62 -2.19 11.83
N ASP A 18 -0.28 -3.46 12.03
CA ASP A 18 0.64 -3.85 13.09
C ASP A 18 2.07 -3.46 12.75
N ARG A 19 2.24 -2.86 11.56
CA ARG A 19 3.56 -2.43 11.12
C ARG A 19 4.63 -3.47 11.48
N SER A 20 4.28 -4.74 11.29
CA SER A 20 5.21 -5.83 11.61
C SER A 20 5.43 -6.72 10.40
N SER A 21 4.43 -6.77 9.52
CA SER A 21 4.51 -7.59 8.31
C SER A 21 5.07 -6.78 7.15
N ARG A 22 5.72 -7.48 6.20
CA ARG A 22 6.31 -6.82 5.04
C ARG A 22 6.09 -7.67 3.79
N ARG A 23 5.32 -7.12 2.85
CA ARG A 23 5.03 -7.83 1.60
C ARG A 23 5.50 -7.00 0.40
N GLY A 24 6.38 -7.58 -0.39
CA GLY A 24 6.90 -6.89 -1.56
C GLY A 24 6.03 -7.12 -2.79
N VAL A 25 5.52 -6.04 -3.36
CA VAL A 25 4.68 -6.13 -4.55
C VAL A 25 5.18 -5.22 -5.65
N MET A 26 5.05 -5.67 -6.90
CA MET A 26 5.50 -4.90 -8.06
C MET A 26 4.31 -4.42 -8.88
N ALA A 27 4.01 -3.13 -8.79
CA ALA A 27 2.89 -2.56 -9.54
C ALA A 27 3.34 -1.33 -10.33
N SER A 28 2.98 -1.29 -11.60
CA SER A 28 3.34 -0.18 -12.48
C SER A 28 2.63 1.10 -12.05
N SER A 29 1.56 0.94 -11.29
CA SER A 29 0.79 2.08 -10.81
C SER A 29 0.18 1.79 -9.44
N LEU A 30 -0.54 2.77 -8.91
CA LEU A 30 -1.18 2.64 -7.60
C LEU A 30 -2.32 1.63 -7.66
N GLN A 31 -3.30 1.92 -8.51
CA GLN A 31 -4.46 1.04 -8.67
C GLN A 31 -4.02 -0.42 -8.73
N GLU A 32 -2.99 -0.69 -9.52
CA GLU A 32 -2.48 -2.05 -9.67
C GLU A 32 -2.00 -2.60 -8.32
N LEU A 33 -1.32 -1.75 -7.56
CA LEU A 33 -0.82 -2.15 -6.25
C LEU A 33 -1.95 -2.54 -5.30
N ILE A 34 -2.72 -1.55 -4.87
CA ILE A 34 -3.84 -1.78 -3.97
C ILE A 34 -4.50 -3.13 -4.26
N SER A 35 -4.97 -3.30 -5.49
CA SER A 35 -5.63 -4.53 -5.90
C SER A 35 -4.76 -5.74 -5.59
N LYS A 36 -3.46 -5.61 -5.88
CA LYS A 36 -2.51 -6.69 -5.64
C LYS A 36 -2.38 -6.97 -4.15
N THR A 37 -2.09 -5.94 -3.38
CA THR A 37 -1.94 -6.09 -1.93
C THR A 37 -2.95 -7.08 -1.37
N LEU A 38 -4.23 -6.80 -1.60
CA LEU A 38 -5.30 -7.67 -1.11
C LEU A 38 -4.93 -9.15 -1.31
N ASP A 39 -4.50 -9.49 -2.52
CA ASP A 39 -4.11 -10.87 -2.83
C ASP A 39 -2.82 -11.24 -2.11
N ALA A 40 -1.92 -10.26 -1.96
CA ALA A 40 -0.66 -10.49 -1.29
C ALA A 40 -0.86 -10.90 0.17
N LEU A 41 -1.58 -10.06 0.92
CA LEU A 41 -1.85 -10.33 2.32
C LEU A 41 -3.06 -11.25 2.48
N VAL A 42 -3.54 -11.77 1.35
CA VAL A 42 -4.70 -12.67 1.36
C VAL A 42 -5.73 -12.22 2.39
N ILE A 43 -6.07 -10.94 2.37
CA ILE A 43 -7.04 -10.40 3.30
C ILE A 43 -8.39 -11.11 3.18
N ALA A 44 -9.19 -11.04 4.23
CA ALA A 44 -10.50 -11.68 4.24
C ALA A 44 -11.49 -10.91 3.37
N THR A 45 -11.63 -9.62 3.64
CA THR A 45 -12.54 -8.77 2.87
C THR A 45 -11.83 -8.07 1.74
N GLY A 46 -12.57 -7.27 0.98
CA GLY A 46 -11.97 -6.55 -0.14
C GLY A 46 -11.91 -5.05 0.11
N LEU A 47 -12.76 -4.57 1.02
CA LEU A 47 -12.78 -3.15 1.34
C LEU A 47 -11.61 -2.76 2.23
N VAL A 48 -10.65 -2.06 1.66
CA VAL A 48 -9.46 -1.63 2.40
C VAL A 48 -9.07 -0.21 2.03
N THR A 49 -8.12 0.35 2.77
CA THR A 49 -7.64 1.71 2.52
C THR A 49 -6.13 1.77 2.54
N LEU A 50 -5.54 2.27 1.45
CA LEU A 50 -4.09 2.38 1.34
C LEU A 50 -3.62 3.75 1.85
N VAL A 51 -2.62 3.73 2.74
CA VAL A 51 -2.08 4.96 3.29
C VAL A 51 -0.57 4.87 3.46
N LEU A 52 0.09 6.02 3.50
CA LEU A 52 1.54 6.07 3.66
C LEU A 52 1.95 5.54 5.02
N GLU A 53 2.94 4.65 5.03
CA GLU A 53 3.44 4.06 6.27
C GLU A 53 4.40 5.01 6.97
N GLU A 54 4.41 6.27 6.54
CA GLU A 54 5.28 7.28 7.12
C GLU A 54 4.47 8.39 7.76
N ASP A 55 3.45 8.86 7.06
CA ASP A 55 2.59 9.92 7.56
C ASP A 55 1.13 9.49 7.55
N GLY A 56 0.89 8.22 7.27
CA GLY A 56 -0.47 7.71 7.24
C GLY A 56 -1.34 8.44 6.24
N THR A 57 -0.71 9.19 5.34
CA THR A 57 -1.44 9.95 4.33
C THR A 57 -2.11 9.01 3.33
N VAL A 58 -3.42 9.22 3.14
CA VAL A 58 -4.18 8.40 2.20
C VAL A 58 -3.69 8.60 0.77
N VAL A 59 -3.47 7.49 0.06
CA VAL A 59 -3.01 7.54 -1.32
C VAL A 59 -4.03 6.92 -2.26
N ASP A 60 -4.80 7.76 -2.93
CA ASP A 60 -5.82 7.29 -3.86
C ASP A 60 -5.66 7.96 -5.23
N THR A 61 -4.46 8.47 -5.48
CA THR A 61 -4.17 9.15 -6.74
C THR A 61 -2.98 8.50 -7.44
N GLU A 62 -2.97 8.57 -8.77
CA GLU A 62 -1.88 8.00 -9.56
C GLU A 62 -0.70 8.97 -9.65
N GLU A 63 -1.01 10.25 -9.77
CA GLU A 63 0.01 11.28 -9.87
C GLU A 63 0.87 11.32 -8.61
N PHE A 64 0.25 11.02 -7.48
CA PHE A 64 0.95 11.02 -6.20
C PHE A 64 1.76 9.73 -6.02
N PHE A 65 1.26 8.64 -6.59
CA PHE A 65 1.93 7.35 -6.49
C PHE A 65 3.09 7.26 -7.49
N GLN A 66 2.99 8.02 -8.57
CA GLN A 66 4.03 8.02 -9.59
C GLN A 66 5.22 8.87 -9.16
N THR A 67 5.05 9.60 -8.06
CA THR A 67 6.10 10.46 -7.54
C THR A 67 6.92 9.75 -6.47
N LEU A 68 6.27 8.84 -5.75
CA LEU A 68 6.94 8.08 -4.70
C LEU A 68 8.14 7.32 -5.24
N GLY A 69 9.24 7.34 -4.49
CA GLY A 69 10.44 6.66 -4.92
C GLY A 69 10.38 5.16 -4.68
N ASP A 70 10.94 4.39 -5.60
CA ASP A 70 10.94 2.94 -5.49
C ASP A 70 11.13 2.51 -4.03
N ASN A 71 10.65 1.31 -3.70
CA ASN A 71 10.77 0.79 -2.35
C ASN A 71 10.03 1.67 -1.35
N THR A 72 8.75 1.90 -1.63
CA THR A 72 7.92 2.73 -0.77
C THR A 72 7.11 1.87 0.20
N HIS A 73 7.13 2.25 1.48
CA HIS A 73 6.39 1.52 2.50
C HIS A 73 4.95 2.02 2.61
N PHE A 74 3.99 1.11 2.44
CA PHE A 74 2.59 1.47 2.52
C PHE A 74 1.89 0.73 3.66
N MET A 75 0.73 1.21 4.06
CA MET A 75 -0.03 0.60 5.14
C MET A 75 -1.46 0.32 4.71
N ILE A 76 -1.91 -0.92 4.94
CA ILE A 76 -3.27 -1.31 4.58
C ILE A 76 -4.18 -1.36 5.80
N LEU A 77 -5.31 -0.67 5.72
CA LEU A 77 -6.27 -0.64 6.82
C LEU A 77 -7.64 -1.15 6.37
N GLU A 78 -8.18 -2.11 7.09
CA GLU A 78 -9.48 -2.68 6.77
C GLU A 78 -10.60 -1.84 7.36
N LYS A 79 -11.84 -2.16 6.99
CA LYS A 79 -13.00 -1.43 7.48
C LYS A 79 -13.04 -1.44 9.01
N GLY A 80 -12.32 -0.50 9.63
CA GLY A 80 -12.29 -0.42 11.07
C GLY A 80 -10.88 -0.32 11.61
N GLN A 81 -9.99 0.30 10.86
CA GLN A 81 -8.59 0.46 11.27
C GLN A 81 -8.02 1.77 10.76
N LYS A 82 -7.28 2.46 11.62
CA LYS A 82 -6.67 3.73 11.27
C LYS A 82 -5.16 3.67 11.40
N TRP A 83 -4.47 4.53 10.66
CA TRP A 83 -3.01 4.57 10.69
C TRP A 83 -2.51 5.21 11.98
N MET A 84 -1.38 4.74 12.48
CA MET A 84 -0.79 5.26 13.70
C MET A 84 0.69 5.60 13.50
N PRO A 85 1.13 6.70 14.15
CA PRO A 85 2.53 7.14 14.05
C PRO A 85 3.49 6.20 14.77
N SER A 86 4.77 6.55 14.74
CA SER A 86 5.79 5.73 15.39
C SER A 86 6.46 6.49 16.53
N GLY A 87 6.52 7.82 16.39
CA GLY A 87 7.14 8.64 17.42
C GLY A 87 6.18 8.94 18.57
N PRO A 88 6.74 9.42 19.69
CA PRO A 88 5.95 9.75 20.88
C PRO A 88 5.08 10.99 20.67
N SER A 89 5.53 11.88 19.80
CA SER A 89 4.80 13.11 19.51
C SER A 89 5.46 13.88 18.37
N SER A 90 4.65 14.37 17.45
CA SER A 90 5.14 15.11 16.29
C SER A 90 4.86 16.60 16.46
N GLY A 91 5.65 17.43 15.78
CA GLY A 91 5.48 18.87 15.87
C GLY A 91 4.43 19.38 14.90
N GLY A 1 -13.45 -9.70 -17.93
CA GLY A 1 -12.15 -9.86 -17.33
C GLY A 1 -11.03 -9.39 -18.25
N SER A 2 -11.07 -8.11 -18.62
CA SER A 2 -10.05 -7.55 -19.50
C SER A 2 -9.30 -6.42 -18.79
N SER A 3 -8.05 -6.68 -18.45
CA SER A 3 -7.22 -5.70 -17.77
C SER A 3 -6.01 -5.31 -18.62
N GLY A 4 -6.10 -4.15 -19.26
CA GLY A 4 -5.01 -3.68 -20.10
C GLY A 4 -4.03 -2.79 -19.35
N SER A 5 -2.94 -3.38 -18.89
CA SER A 5 -1.92 -2.63 -18.15
C SER A 5 -0.64 -2.51 -18.96
N SER A 6 0.05 -1.39 -18.81
CA SER A 6 1.30 -1.14 -19.53
C SER A 6 2.30 -0.39 -18.65
N GLY A 7 3.54 -0.34 -19.09
CA GLY A 7 4.57 0.35 -18.34
C GLY A 7 5.27 -0.55 -17.35
N PRO A 8 6.51 -0.19 -16.97
CA PRO A 8 7.30 -0.97 -16.02
C PRO A 8 6.75 -0.89 -14.60
N ALA A 9 7.02 -1.91 -13.81
CA ALA A 9 6.54 -1.96 -12.42
C ALA A 9 7.66 -1.64 -11.45
N ARG A 10 7.34 -0.87 -10.41
CA ARG A 10 8.32 -0.48 -9.41
C ARG A 10 8.08 -1.22 -8.10
N PRO A 11 9.17 -1.50 -7.37
CA PRO A 11 9.10 -2.20 -6.09
C PRO A 11 8.46 -1.36 -4.99
N PHE A 12 7.69 -2.01 -4.12
CA PHE A 12 7.02 -1.32 -3.02
C PHE A 12 6.90 -2.23 -1.80
N ARG A 13 6.97 -1.62 -0.62
CA ARG A 13 6.86 -2.37 0.63
C ARG A 13 5.53 -2.09 1.33
N VAL A 14 4.89 -3.15 1.80
CA VAL A 14 3.61 -3.02 2.49
C VAL A 14 3.68 -3.58 3.89
N SER A 15 2.91 -3.00 4.81
CA SER A 15 2.89 -3.44 6.20
C SER A 15 1.49 -3.31 6.79
N ASN A 16 1.14 -4.24 7.66
CA ASN A 16 -0.17 -4.24 8.30
C ASN A 16 -0.32 -3.03 9.21
N HIS A 17 -1.52 -2.86 9.76
CA HIS A 17 -1.79 -1.74 10.66
C HIS A 17 -0.81 -1.72 11.83
N ASP A 18 -0.49 -2.91 12.34
CA ASP A 18 0.44 -3.03 13.46
C ASP A 18 1.88 -2.94 12.97
N ARG A 19 2.05 -2.59 11.71
CA ARG A 19 3.39 -2.46 11.13
C ARG A 19 4.29 -3.62 11.57
N SER A 20 3.77 -4.84 11.45
CA SER A 20 4.53 -6.02 11.83
C SER A 20 4.82 -6.90 10.62
N SER A 21 3.89 -6.93 9.68
CA SER A 21 4.06 -7.74 8.47
C SER A 21 4.79 -6.93 7.39
N ARG A 22 5.39 -7.66 6.45
CA ARG A 22 6.13 -7.01 5.36
C ARG A 22 5.93 -7.78 4.05
N ARG A 23 5.28 -7.15 3.09
CA ARG A 23 5.02 -7.77 1.80
C ARG A 23 5.44 -6.84 0.66
N GLY A 24 6.28 -7.34 -0.23
CA GLY A 24 6.75 -6.55 -1.36
C GLY A 24 5.95 -6.82 -2.62
N VAL A 25 5.39 -5.76 -3.20
CA VAL A 25 4.60 -5.89 -4.42
C VAL A 25 5.17 -5.01 -5.53
N MET A 26 5.13 -5.51 -6.76
CA MET A 26 5.64 -4.78 -7.92
C MET A 26 4.50 -4.42 -8.87
N ALA A 27 4.12 -3.14 -8.86
CA ALA A 27 3.04 -2.67 -9.73
C ALA A 27 3.51 -1.50 -10.59
N SER A 28 2.77 -1.22 -11.66
CA SER A 28 3.11 -0.13 -12.56
C SER A 28 2.40 1.16 -12.16
N SER A 29 1.37 1.02 -11.33
CA SER A 29 0.60 2.17 -10.87
C SER A 29 0.03 1.93 -9.48
N LEU A 30 -0.77 2.87 -9.00
CA LEU A 30 -1.38 2.76 -7.68
C LEU A 30 -2.50 1.72 -7.69
N GLN A 31 -3.52 1.95 -8.51
CA GLN A 31 -4.64 1.03 -8.60
C GLN A 31 -4.16 -0.42 -8.65
N GLU A 32 -3.15 -0.67 -9.48
CA GLU A 32 -2.60 -2.02 -9.61
C GLU A 32 -2.09 -2.53 -8.27
N LEU A 33 -1.27 -1.72 -7.61
CA LEU A 33 -0.71 -2.10 -6.31
C LEU A 33 -1.82 -2.46 -5.32
N ILE A 34 -2.62 -1.46 -4.96
CA ILE A 34 -3.71 -1.67 -4.03
C ILE A 34 -4.37 -3.03 -4.24
N SER A 35 -4.79 -3.30 -5.47
CA SER A 35 -5.43 -4.57 -5.80
C SER A 35 -4.51 -5.74 -5.50
N LYS A 36 -3.21 -5.54 -5.74
CA LYS A 36 -2.22 -6.58 -5.49
C LYS A 36 -2.08 -6.85 -4.00
N THR A 37 -1.78 -5.80 -3.23
CA THR A 37 -1.61 -5.91 -1.79
C THR A 37 -2.68 -6.81 -1.18
N LEU A 38 -3.90 -6.69 -1.68
CA LEU A 38 -5.01 -7.50 -1.19
C LEU A 38 -4.76 -8.98 -1.44
N ASP A 39 -4.38 -9.32 -2.66
CA ASP A 39 -4.09 -10.70 -3.03
C ASP A 39 -2.86 -11.22 -2.29
N ALA A 40 -1.81 -10.42 -2.28
CA ALA A 40 -0.57 -10.80 -1.61
C ALA A 40 -0.81 -11.08 -0.13
N LEU A 41 -1.39 -10.10 0.57
CA LEU A 41 -1.67 -10.24 2.00
C LEU A 41 -2.90 -11.12 2.21
N VAL A 42 -3.44 -11.66 1.13
CA VAL A 42 -4.61 -12.53 1.21
C VAL A 42 -5.57 -12.05 2.30
N ILE A 43 -5.80 -10.75 2.33
CA ILE A 43 -6.70 -10.15 3.32
C ILE A 43 -8.08 -10.81 3.27
N ALA A 44 -8.68 -11.01 4.42
CA ALA A 44 -10.00 -11.62 4.50
C ALA A 44 -11.03 -10.83 3.70
N THR A 45 -11.20 -9.56 4.06
CA THR A 45 -12.14 -8.69 3.37
C THR A 45 -11.44 -7.83 2.32
N GLY A 46 -12.21 -7.34 1.36
CA GLY A 46 -11.65 -6.52 0.31
C GLY A 46 -11.65 -5.04 0.67
N LEU A 47 -12.68 -4.61 1.38
CA LEU A 47 -12.80 -3.21 1.80
C LEU A 47 -11.61 -2.80 2.64
N VAL A 48 -10.63 -2.15 2.00
CA VAL A 48 -9.43 -1.69 2.70
C VAL A 48 -8.94 -0.37 2.13
N THR A 49 -8.14 0.35 2.91
CA THR A 49 -7.60 1.63 2.49
C THR A 49 -6.08 1.65 2.58
N LEU A 50 -5.44 1.98 1.47
CA LEU A 50 -3.98 2.04 1.43
C LEU A 50 -3.48 3.45 1.71
N VAL A 51 -2.48 3.55 2.58
CA VAL A 51 -1.91 4.85 2.94
C VAL A 51 -0.39 4.76 3.08
N LEU A 52 0.25 5.90 3.29
CA LEU A 52 1.70 5.95 3.44
C LEU A 52 2.11 5.47 4.82
N GLU A 53 3.20 4.71 4.88
CA GLU A 53 3.70 4.19 6.15
C GLU A 53 4.58 5.23 6.86
N GLU A 54 4.40 6.49 6.49
CA GLU A 54 5.17 7.57 7.08
C GLU A 54 4.26 8.50 7.89
N ASP A 55 3.18 8.94 7.27
CA ASP A 55 2.23 9.84 7.94
C ASP A 55 0.82 9.25 7.91
N GLY A 56 0.60 8.31 6.99
CA GLY A 56 -0.71 7.69 6.88
C GLY A 56 -1.62 8.43 5.92
N THR A 57 -1.08 8.83 4.78
CA THR A 57 -1.86 9.55 3.77
C THR A 57 -2.53 8.59 2.80
N VAL A 58 -3.85 8.68 2.70
CA VAL A 58 -4.62 7.83 1.81
C VAL A 58 -4.28 8.11 0.35
N VAL A 59 -3.47 7.24 -0.24
CA VAL A 59 -3.07 7.39 -1.64
C VAL A 59 -4.13 6.84 -2.58
N ASP A 60 -4.97 7.72 -3.10
CA ASP A 60 -6.03 7.31 -4.01
C ASP A 60 -5.78 7.88 -5.42
N THR A 61 -4.69 8.62 -5.56
CA THR A 61 -4.35 9.22 -6.84
C THR A 61 -3.13 8.53 -7.46
N GLU A 62 -3.10 8.48 -8.79
CA GLU A 62 -1.98 7.86 -9.50
C GLU A 62 -0.82 8.83 -9.67
N GLU A 63 -1.14 10.12 -9.76
CA GLU A 63 -0.12 11.15 -9.92
C GLU A 63 0.79 11.20 -8.69
N PHE A 64 0.19 11.04 -7.51
CA PHE A 64 0.95 11.08 -6.26
C PHE A 64 1.71 9.78 -6.05
N PHE A 65 1.11 8.67 -6.50
CA PHE A 65 1.73 7.36 -6.36
C PHE A 65 2.89 7.19 -7.34
N GLN A 66 2.83 7.93 -8.44
CA GLN A 66 3.87 7.87 -9.46
C GLN A 66 5.13 8.60 -9.00
N THR A 67 4.93 9.64 -8.19
CA THR A 67 6.05 10.43 -7.68
C THR A 67 6.83 9.66 -6.62
N LEU A 68 6.13 8.83 -5.86
CA LEU A 68 6.77 8.04 -4.81
C LEU A 68 8.00 7.31 -5.35
N GLY A 69 9.08 7.34 -4.58
CA GLY A 69 10.31 6.69 -5.00
C GLY A 69 10.15 5.19 -5.09
N ASP A 70 11.27 4.47 -5.09
CA ASP A 70 11.25 3.01 -5.18
C ASP A 70 11.26 2.38 -3.79
N ASN A 71 10.59 1.24 -3.67
CA ASN A 71 10.52 0.53 -2.39
C ASN A 71 9.81 1.39 -1.34
N THR A 72 8.76 2.08 -1.76
CA THR A 72 7.99 2.93 -0.85
C THR A 72 7.14 2.10 0.10
N HIS A 73 7.26 2.37 1.39
CA HIS A 73 6.49 1.65 2.40
C HIS A 73 5.04 2.12 2.43
N PHE A 74 4.13 1.18 2.63
CA PHE A 74 2.71 1.50 2.68
C PHE A 74 2.03 0.82 3.87
N MET A 75 0.83 1.29 4.20
CA MET A 75 0.08 0.73 5.32
C MET A 75 -1.35 0.39 4.91
N ILE A 76 -1.76 -0.84 5.18
CA ILE A 76 -3.10 -1.29 4.83
C ILE A 76 -4.03 -1.24 6.04
N LEU A 77 -5.14 -0.53 5.90
CA LEU A 77 -6.11 -0.39 6.98
C LEU A 77 -7.42 -1.10 6.63
N GLU A 78 -7.94 -1.88 7.58
CA GLU A 78 -9.18 -2.60 7.37
C GLU A 78 -10.38 -1.67 7.44
N LYS A 79 -11.57 -2.21 7.17
CA LYS A 79 -12.79 -1.43 7.21
C LYS A 79 -13.06 -0.90 8.62
N GLY A 80 -12.54 0.27 8.92
CA GLY A 80 -12.74 0.87 10.23
C GLY A 80 -11.45 0.96 11.03
N GLN A 81 -10.32 0.97 10.33
CA GLN A 81 -9.02 1.05 10.99
C GLN A 81 -8.28 2.32 10.56
N LYS A 82 -7.48 2.85 11.47
CA LYS A 82 -6.71 4.07 11.20
C LYS A 82 -5.22 3.75 11.09
N TRP A 83 -4.45 4.73 10.64
CA TRP A 83 -3.00 4.55 10.50
C TRP A 83 -2.28 4.88 11.80
N MET A 84 -1.18 4.17 12.05
CA MET A 84 -0.40 4.39 13.27
C MET A 84 1.09 4.52 12.94
N PRO A 85 1.77 5.41 13.68
CA PRO A 85 3.20 5.65 13.49
C PRO A 85 4.06 4.46 13.92
N SER A 86 5.37 4.67 14.00
CA SER A 86 6.29 3.62 14.39
C SER A 86 5.84 2.96 15.70
N GLY A 87 5.61 1.65 15.65
CA GLY A 87 5.17 0.94 16.82
C GLY A 87 3.71 1.17 17.15
N PRO A 88 3.12 0.28 17.95
CA PRO A 88 1.71 0.38 18.35
C PRO A 88 1.46 1.54 19.31
N SER A 89 2.52 2.29 19.61
CA SER A 89 2.41 3.42 20.52
C SER A 89 1.36 4.40 20.03
N SER A 90 0.65 5.03 20.97
CA SER A 90 -0.39 5.99 20.64
C SER A 90 0.20 7.40 20.50
N GLY A 91 0.04 7.97 19.32
CA GLY A 91 0.55 9.31 19.06
C GLY A 91 -0.54 10.37 19.07
N GLY A 1 -11.29 -1.45 -16.97
CA GLY A 1 -10.14 -0.65 -17.33
C GLY A 1 -8.97 -1.50 -17.79
N SER A 2 -7.85 -1.38 -17.11
CA SER A 2 -6.65 -2.14 -17.46
C SER A 2 -6.26 -1.90 -18.92
N SER A 3 -6.34 -0.64 -19.34
CA SER A 3 -6.00 -0.28 -20.71
C SER A 3 -5.18 1.01 -20.75
N GLY A 4 -3.94 0.90 -21.22
CA GLY A 4 -3.08 2.07 -21.30
C GLY A 4 -1.99 2.05 -20.24
N SER A 5 -0.86 1.44 -20.58
CA SER A 5 0.26 1.35 -19.65
C SER A 5 1.55 1.88 -20.30
N SER A 6 2.51 2.25 -19.46
CA SER A 6 3.78 2.78 -19.94
C SER A 6 4.84 2.73 -18.85
N GLY A 7 5.89 1.95 -19.09
CA GLY A 7 6.96 1.83 -18.11
C GLY A 7 6.84 0.56 -17.27
N PRO A 8 7.98 0.07 -16.78
CA PRO A 8 8.03 -1.15 -15.96
C PRO A 8 7.41 -0.94 -14.58
N ALA A 9 7.32 -2.01 -13.80
CA ALA A 9 6.76 -1.93 -12.46
C ALA A 9 7.84 -1.67 -11.41
N ARG A 10 7.51 -0.89 -10.40
CA ARG A 10 8.46 -0.56 -9.35
C ARG A 10 8.12 -1.32 -8.06
N PRO A 11 9.15 -1.63 -7.26
CA PRO A 11 8.99 -2.35 -6.00
C PRO A 11 8.30 -1.51 -4.93
N PHE A 12 7.54 -2.16 -4.06
CA PHE A 12 6.82 -1.48 -2.99
C PHE A 12 6.64 -2.39 -1.79
N ARG A 13 6.83 -1.82 -0.59
CA ARG A 13 6.70 -2.59 0.64
C ARG A 13 5.38 -2.26 1.34
N VAL A 14 4.67 -3.29 1.76
CA VAL A 14 3.39 -3.12 2.45
C VAL A 14 3.43 -3.72 3.85
N SER A 15 2.92 -2.95 4.82
CA SER A 15 2.90 -3.41 6.21
C SER A 15 1.48 -3.34 6.78
N ASN A 16 1.13 -4.35 7.58
CA ASN A 16 -0.20 -4.40 8.19
C ASN A 16 -0.39 -3.24 9.16
N HIS A 17 -1.59 -3.15 9.75
CA HIS A 17 -1.90 -2.09 10.69
C HIS A 17 -0.92 -2.10 11.86
N ASP A 18 -0.56 -3.29 12.32
CA ASP A 18 0.38 -3.42 13.43
C ASP A 18 1.83 -3.29 12.95
N ARG A 19 1.99 -2.76 11.74
CA ARG A 19 3.31 -2.57 11.17
C ARG A 19 4.26 -3.70 11.59
N SER A 20 3.77 -4.94 11.45
CA SER A 20 4.56 -6.11 11.82
C SER A 20 4.88 -6.96 10.59
N SER A 21 3.92 -7.02 9.67
CA SER A 21 4.08 -7.80 8.45
C SER A 21 4.77 -6.97 7.36
N ARG A 22 5.42 -7.65 6.43
CA ARG A 22 6.11 -6.98 5.34
C ARG A 22 5.91 -7.73 4.02
N ARG A 23 5.22 -7.10 3.08
CA ARG A 23 4.95 -7.71 1.79
C ARG A 23 5.47 -6.82 0.66
N GLY A 24 6.33 -7.38 -0.19
CA GLY A 24 6.87 -6.62 -1.30
C GLY A 24 6.17 -6.93 -2.61
N VAL A 25 5.43 -5.95 -3.12
CA VAL A 25 4.70 -6.13 -4.37
C VAL A 25 5.19 -5.14 -5.43
N MET A 26 5.21 -5.57 -6.68
CA MET A 26 5.65 -4.72 -7.78
C MET A 26 4.48 -4.36 -8.69
N ALA A 27 4.24 -3.06 -8.85
CA ALA A 27 3.15 -2.58 -9.70
C ALA A 27 3.56 -1.33 -10.46
N SER A 28 3.07 -1.20 -11.69
CA SER A 28 3.39 -0.04 -12.52
C SER A 28 2.68 1.21 -12.01
N SER A 29 1.41 1.06 -11.65
CA SER A 29 0.62 2.18 -11.14
C SER A 29 0.06 1.87 -9.76
N LEU A 30 -0.76 2.78 -9.24
CA LEU A 30 -1.36 2.60 -7.93
C LEU A 30 -2.49 1.57 -7.98
N GLN A 31 -3.52 1.87 -8.75
CA GLN A 31 -4.65 0.96 -8.89
C GLN A 31 -4.19 -0.49 -8.96
N GLU A 32 -3.11 -0.73 -9.70
CA GLU A 32 -2.57 -2.08 -9.85
C GLU A 32 -2.02 -2.59 -8.52
N LEU A 33 -1.26 -1.74 -7.83
CA LEU A 33 -0.68 -2.11 -6.54
C LEU A 33 -1.76 -2.47 -5.53
N ILE A 34 -2.58 -1.49 -5.17
CA ILE A 34 -3.66 -1.70 -4.21
C ILE A 34 -4.27 -3.09 -4.38
N SER A 35 -4.78 -3.36 -5.57
CA SER A 35 -5.39 -4.66 -5.85
C SER A 35 -4.45 -5.80 -5.51
N LYS A 36 -3.18 -5.65 -5.89
CA LYS A 36 -2.17 -6.67 -5.61
C LYS A 36 -2.01 -6.88 -4.11
N THR A 37 -1.72 -5.79 -3.39
CA THR A 37 -1.53 -5.85 -1.95
C THR A 37 -2.52 -6.82 -1.31
N LEU A 38 -3.80 -6.65 -1.60
CA LEU A 38 -4.84 -7.50 -1.05
C LEU A 38 -4.53 -8.97 -1.33
N ASP A 39 -4.39 -9.32 -2.60
CA ASP A 39 -4.09 -10.68 -3.00
C ASP A 39 -2.87 -11.21 -2.24
N ALA A 40 -1.86 -10.36 -2.10
CA ALA A 40 -0.64 -10.74 -1.41
C ALA A 40 -0.91 -11.05 0.06
N LEU A 41 -1.57 -10.12 0.75
CA LEU A 41 -1.90 -10.28 2.15
C LEU A 41 -3.09 -11.22 2.33
N VAL A 42 -3.51 -11.83 1.23
CA VAL A 42 -4.65 -12.75 1.26
C VAL A 42 -5.71 -12.29 2.26
N ILE A 43 -6.03 -11.00 2.21
CA ILE A 43 -7.03 -10.43 3.10
C ILE A 43 -8.40 -11.06 2.87
N ALA A 44 -9.15 -11.25 3.94
CA ALA A 44 -10.48 -11.85 3.86
C ALA A 44 -11.43 -10.96 3.05
N THR A 45 -11.47 -9.68 3.41
CA THR A 45 -12.34 -8.73 2.72
C THR A 45 -11.55 -7.90 1.71
N GLY A 46 -12.25 -7.36 0.72
CA GLY A 46 -11.60 -6.56 -0.30
C GLY A 46 -11.48 -5.10 0.09
N LEU A 47 -12.50 -4.59 0.78
CA LEU A 47 -12.51 -3.21 1.22
C LEU A 47 -11.31 -2.90 2.10
N VAL A 48 -10.41 -2.05 1.60
CA VAL A 48 -9.21 -1.68 2.34
C VAL A 48 -8.77 -0.26 1.99
N THR A 49 -7.98 0.35 2.87
CA THR A 49 -7.49 1.71 2.65
C THR A 49 -5.96 1.75 2.69
N LEU A 50 -5.36 2.16 1.58
CA LEU A 50 -3.91 2.24 1.48
C LEU A 50 -3.42 3.63 1.88
N VAL A 51 -2.39 3.67 2.74
CA VAL A 51 -1.83 4.93 3.20
C VAL A 51 -0.30 4.84 3.29
N LEU A 52 0.33 5.99 3.51
CA LEU A 52 1.78 6.05 3.62
C LEU A 52 2.25 5.57 4.99
N GLU A 53 3.27 4.72 5.00
CA GLU A 53 3.81 4.18 6.24
C GLU A 53 4.77 5.18 6.89
N GLU A 54 4.71 6.43 6.43
CA GLU A 54 5.57 7.48 6.98
C GLU A 54 4.74 8.56 7.66
N ASP A 55 3.63 8.93 7.02
CA ASP A 55 2.75 9.97 7.56
C ASP A 55 1.32 9.44 7.67
N GLY A 56 1.07 8.30 7.06
CA GLY A 56 -0.26 7.72 7.10
C GLY A 56 -1.23 8.40 6.13
N THR A 57 -0.67 9.13 5.18
CA THR A 57 -1.48 9.83 4.19
C THR A 57 -2.14 8.85 3.23
N VAL A 58 -3.46 9.00 3.05
CA VAL A 58 -4.21 8.13 2.16
C VAL A 58 -3.74 8.29 0.71
N VAL A 59 -3.23 7.20 0.14
CA VAL A 59 -2.75 7.22 -1.23
C VAL A 59 -3.73 6.52 -2.17
N ASP A 60 -4.73 7.27 -2.63
CA ASP A 60 -5.73 6.73 -3.54
C ASP A 60 -5.76 7.52 -4.85
N THR A 61 -4.59 7.93 -5.32
CA THR A 61 -4.48 8.68 -6.55
C THR A 61 -3.26 8.24 -7.36
N GLU A 62 -3.34 8.41 -8.68
CA GLU A 62 -2.24 8.02 -9.56
C GLU A 62 -1.18 9.13 -9.62
N GLU A 63 -1.62 10.37 -9.47
CA GLU A 63 -0.71 11.51 -9.51
C GLU A 63 0.25 11.47 -8.33
N PHE A 64 -0.26 11.09 -7.17
CA PHE A 64 0.55 11.02 -5.96
C PHE A 64 1.39 9.74 -5.95
N PHE A 65 0.87 8.69 -6.59
CA PHE A 65 1.56 7.41 -6.65
C PHE A 65 2.72 7.47 -7.64
N GLN A 66 2.48 8.09 -8.79
CA GLN A 66 3.51 8.22 -9.82
C GLN A 66 4.75 8.90 -9.26
N THR A 67 4.56 9.77 -8.28
CA THR A 67 5.67 10.49 -7.66
C THR A 67 6.44 9.59 -6.70
N LEU A 68 5.72 8.71 -6.02
CA LEU A 68 6.34 7.79 -5.06
C LEU A 68 7.59 7.14 -5.67
N GLY A 69 8.63 7.01 -4.85
CA GLY A 69 9.86 6.39 -5.32
C GLY A 69 9.78 4.88 -5.34
N ASP A 70 10.92 4.23 -5.15
CA ASP A 70 10.98 2.77 -5.15
C ASP A 70 10.93 2.22 -3.72
N ASN A 71 10.57 0.96 -3.59
CA ASN A 71 10.48 0.31 -2.28
C ASN A 71 9.77 1.22 -1.29
N THR A 72 8.68 1.84 -1.73
CA THR A 72 7.90 2.72 -0.87
C THR A 72 7.04 1.93 0.10
N HIS A 73 7.18 2.20 1.39
CA HIS A 73 6.41 1.52 2.41
C HIS A 73 4.98 2.03 2.46
N PHE A 74 4.03 1.13 2.67
CA PHE A 74 2.62 1.49 2.72
C PHE A 74 1.92 0.78 3.88
N MET A 75 0.78 1.32 4.30
CA MET A 75 0.01 0.74 5.39
C MET A 75 -1.42 0.45 4.95
N ILE A 76 -1.84 -0.80 5.16
CA ILE A 76 -3.19 -1.21 4.79
C ILE A 76 -4.11 -1.20 6.00
N LEU A 77 -5.21 -0.44 5.91
CA LEU A 77 -6.17 -0.35 6.99
C LEU A 77 -7.54 -0.86 6.54
N GLU A 78 -7.99 -1.95 7.15
CA GLU A 78 -9.29 -2.53 6.81
C GLU A 78 -10.43 -1.59 7.20
N LYS A 79 -11.65 -1.97 6.85
CA LYS A 79 -12.82 -1.16 7.16
C LYS A 79 -12.97 -0.97 8.67
N GLY A 80 -12.35 0.09 9.19
CA GLY A 80 -12.42 0.36 10.61
C GLY A 80 -11.05 0.40 11.27
N GLN A 81 -10.06 0.93 10.54
CA GLN A 81 -8.71 1.02 11.06
C GLN A 81 -8.06 2.33 10.63
N LYS A 82 -7.17 2.85 11.47
CA LYS A 82 -6.47 4.09 11.18
C LYS A 82 -4.96 3.89 11.24
N TRP A 83 -4.22 4.85 10.68
CA TRP A 83 -2.77 4.78 10.67
C TRP A 83 -2.19 5.33 11.96
N MET A 84 -1.09 4.73 12.42
CA MET A 84 -0.44 5.17 13.66
C MET A 84 1.06 5.34 13.44
N PRO A 85 1.64 6.36 14.09
CA PRO A 85 3.07 6.66 13.99
C PRO A 85 3.94 5.60 14.68
N SER A 86 5.25 5.82 14.67
CA SER A 86 6.18 4.88 15.28
C SER A 86 6.42 5.24 16.74
N GLY A 87 6.20 4.26 17.62
CA GLY A 87 6.40 4.49 19.04
C GLY A 87 5.20 5.14 19.70
N PRO A 88 5.09 4.97 21.03
CA PRO A 88 3.97 5.54 21.81
C PRO A 88 4.05 7.06 21.89
N SER A 89 2.94 7.68 22.31
CA SER A 89 2.89 9.13 22.43
C SER A 89 2.98 9.55 23.89
N SER A 90 3.09 10.85 24.13
CA SER A 90 3.20 11.39 25.48
C SER A 90 2.26 12.57 25.67
N GLY A 91 1.79 12.77 26.90
CA GLY A 91 0.89 13.86 27.19
C GLY A 91 1.62 15.09 27.68
N GLY A 1 -9.36 -0.01 -16.30
CA GLY A 1 -8.91 0.24 -17.67
C GLY A 1 -7.50 0.77 -17.72
N SER A 2 -7.34 1.93 -18.35
CA SER A 2 -6.01 2.55 -18.48
C SER A 2 -5.00 1.55 -19.02
N SER A 3 -5.41 0.77 -20.02
CA SER A 3 -4.54 -0.22 -20.62
C SER A 3 -3.68 0.40 -21.71
N GLY A 4 -2.41 0.65 -21.40
CA GLY A 4 -1.51 1.24 -22.37
C GLY A 4 -0.46 2.12 -21.72
N SER A 5 0.42 2.70 -22.54
CA SER A 5 1.47 3.58 -22.03
C SER A 5 2.00 3.07 -20.70
N SER A 6 2.18 1.76 -20.60
CA SER A 6 2.68 1.15 -19.37
C SER A 6 4.17 0.87 -19.47
N GLY A 7 4.76 0.42 -18.36
CA GLY A 7 6.18 0.12 -18.34
C GLY A 7 6.55 -0.86 -17.25
N PRO A 8 7.83 -0.85 -16.85
CA PRO A 8 8.35 -1.75 -15.81
C PRO A 8 7.81 -1.40 -14.43
N ALA A 9 7.40 -2.41 -13.68
CA ALA A 9 6.86 -2.21 -12.34
C ALA A 9 7.95 -1.76 -11.38
N ARG A 10 7.56 -0.97 -10.39
CA ARG A 10 8.51 -0.46 -9.40
C ARG A 10 8.31 -1.16 -8.06
N PRO A 11 9.41 -1.30 -7.30
CA PRO A 11 9.38 -1.94 -5.98
C PRO A 11 8.66 -1.09 -4.93
N PHE A 12 7.87 -1.76 -4.08
CA PHE A 12 7.12 -1.07 -3.05
C PHE A 12 6.92 -1.97 -1.82
N ARG A 13 6.93 -1.37 -0.64
CA ARG A 13 6.75 -2.11 0.59
C ARG A 13 5.31 -2.00 1.10
N VAL A 14 4.83 -3.05 1.75
CA VAL A 14 3.47 -3.06 2.29
C VAL A 14 3.43 -3.69 3.67
N SER A 15 2.90 -2.95 4.64
CA SER A 15 2.80 -3.44 6.01
C SER A 15 1.35 -3.45 6.49
N ASN A 16 1.09 -4.19 7.55
CA ASN A 16 -0.25 -4.28 8.11
C ASN A 16 -0.53 -3.13 9.06
N HIS A 17 -1.75 -3.08 9.58
CA HIS A 17 -2.15 -2.02 10.51
C HIS A 17 -1.20 -1.97 11.71
N ASP A 18 -0.80 -3.15 12.18
CA ASP A 18 0.10 -3.24 13.32
C ASP A 18 1.55 -3.06 12.89
N ARG A 19 1.74 -2.58 11.66
CA ARG A 19 3.07 -2.37 11.12
C ARG A 19 4.03 -3.47 11.59
N SER A 20 3.57 -4.71 11.55
CA SER A 20 4.38 -5.85 11.99
C SER A 20 4.74 -6.73 10.80
N SER A 21 3.85 -6.77 9.81
CA SER A 21 4.07 -7.58 8.61
C SER A 21 4.79 -6.78 7.54
N ARG A 22 5.48 -7.49 6.65
CA ARG A 22 6.20 -6.85 5.56
C ARG A 22 6.06 -7.64 4.26
N ARG A 23 5.40 -7.03 3.29
CA ARG A 23 5.19 -7.69 2.00
C ARG A 23 5.67 -6.80 0.85
N GLY A 24 6.61 -7.31 0.06
CA GLY A 24 7.14 -6.54 -1.05
C GLY A 24 6.37 -6.79 -2.33
N VAL A 25 5.53 -5.83 -2.71
CA VAL A 25 4.74 -5.94 -3.92
C VAL A 25 5.27 -5.03 -5.02
N MET A 26 5.10 -5.46 -6.27
CA MET A 26 5.57 -4.69 -7.42
C MET A 26 4.44 -4.40 -8.39
N ALA A 27 4.24 -3.12 -8.70
CA ALA A 27 3.18 -2.72 -9.62
C ALA A 27 3.59 -1.49 -10.42
N SER A 28 3.03 -1.35 -11.61
CA SER A 28 3.33 -0.22 -12.47
C SER A 28 2.60 1.04 -12.01
N SER A 29 1.36 0.86 -11.57
CA SER A 29 0.54 1.98 -11.10
C SER A 29 0.05 1.73 -9.68
N LEU A 30 -0.77 2.66 -9.18
CA LEU A 30 -1.33 2.54 -7.84
C LEU A 30 -2.42 1.48 -7.80
N GLN A 31 -3.50 1.72 -8.54
CA GLN A 31 -4.61 0.79 -8.58
C GLN A 31 -4.12 -0.66 -8.69
N GLU A 32 -3.11 -0.87 -9.52
CA GLU A 32 -2.54 -2.20 -9.71
C GLU A 32 -1.92 -2.72 -8.42
N LEU A 33 -1.17 -1.85 -7.73
CA LEU A 33 -0.52 -2.23 -6.49
C LEU A 33 -1.54 -2.72 -5.47
N ILE A 34 -2.39 -1.81 -5.00
CA ILE A 34 -3.42 -2.15 -4.02
C ILE A 34 -4.07 -3.49 -4.36
N SER A 35 -4.85 -3.51 -5.43
CA SER A 35 -5.54 -4.72 -5.86
C SER A 35 -4.68 -5.95 -5.57
N LYS A 36 -3.45 -5.95 -6.09
CA LYS A 36 -2.54 -7.06 -5.89
C LYS A 36 -2.25 -7.27 -4.41
N THR A 37 -2.05 -6.17 -3.69
CA THR A 37 -1.76 -6.23 -2.25
C THR A 37 -2.76 -7.14 -1.54
N LEU A 38 -4.04 -6.84 -1.69
CA LEU A 38 -5.09 -7.63 -1.06
C LEU A 38 -4.78 -9.12 -1.14
N ASP A 39 -4.27 -9.55 -2.29
CA ASP A 39 -3.92 -10.95 -2.49
C ASP A 39 -2.71 -11.34 -1.65
N ALA A 40 -1.62 -10.60 -1.81
CA ALA A 40 -0.41 -10.87 -1.05
C ALA A 40 -0.69 -11.00 0.44
N LEU A 41 -1.28 -9.94 1.01
CA LEU A 41 -1.60 -9.94 2.43
C LEU A 41 -2.72 -10.94 2.74
N VAL A 42 -3.33 -11.48 1.69
CA VAL A 42 -4.41 -12.44 1.84
C VAL A 42 -5.48 -11.92 2.81
N ILE A 43 -5.90 -10.68 2.59
CA ILE A 43 -6.92 -10.07 3.43
C ILE A 43 -8.28 -10.74 3.24
N ALA A 44 -9.03 -10.89 4.33
CA ALA A 44 -10.34 -11.51 4.27
C ALA A 44 -11.34 -10.62 3.55
N THR A 45 -11.41 -9.35 3.96
CA THR A 45 -12.33 -8.40 3.35
C THR A 45 -11.61 -7.54 2.31
N GLY A 46 -12.39 -6.96 1.40
CA GLY A 46 -11.82 -6.12 0.37
C GLY A 46 -11.79 -4.65 0.76
N LEU A 47 -12.86 -4.19 1.39
CA LEU A 47 -12.94 -2.79 1.81
C LEU A 47 -11.73 -2.40 2.64
N VAL A 48 -10.75 -1.78 1.98
CA VAL A 48 -9.53 -1.35 2.67
C VAL A 48 -9.08 0.02 2.16
N THR A 49 -7.97 0.51 2.71
CA THR A 49 -7.42 1.80 2.32
C THR A 49 -5.91 1.83 2.46
N LEU A 50 -5.23 2.17 1.37
CA LEU A 50 -3.77 2.22 1.37
C LEU A 50 -3.29 3.65 1.66
N VAL A 51 -2.34 3.77 2.58
CA VAL A 51 -1.79 5.07 2.94
C VAL A 51 -0.27 5.01 3.10
N LEU A 52 0.34 6.15 3.36
CA LEU A 52 1.79 6.23 3.53
C LEU A 52 2.19 5.90 4.96
N GLU A 53 3.02 4.88 5.12
CA GLU A 53 3.48 4.47 6.45
C GLU A 53 4.16 5.63 7.17
N GLU A 54 4.59 6.63 6.41
CA GLU A 54 5.24 7.80 6.98
C GLU A 54 4.35 8.48 8.01
N ASP A 55 3.16 8.87 7.58
CA ASP A 55 2.22 9.54 8.46
C ASP A 55 0.85 8.85 8.41
N GLY A 56 0.57 8.19 7.29
CA GLY A 56 -0.70 7.51 7.14
C GLY A 56 -1.59 8.16 6.10
N THR A 57 -0.98 8.91 5.19
CA THR A 57 -1.73 9.59 4.15
C THR A 57 -2.24 8.62 3.11
N VAL A 58 -3.56 8.62 2.89
CA VAL A 58 -4.17 7.73 1.91
C VAL A 58 -3.86 8.18 0.49
N VAL A 59 -3.36 7.24 -0.33
CA VAL A 59 -3.02 7.53 -1.71
C VAL A 59 -4.05 6.93 -2.66
N ASP A 60 -5.01 7.76 -3.08
CA ASP A 60 -6.05 7.30 -4.00
C ASP A 60 -5.91 8.00 -5.35
N THR A 61 -4.68 8.37 -5.70
CA THR A 61 -4.41 9.05 -6.97
C THR A 61 -3.23 8.42 -7.68
N GLU A 62 -3.25 8.48 -9.01
CA GLU A 62 -2.17 7.91 -9.81
C GLU A 62 -1.01 8.89 -9.92
N GLU A 63 -1.32 10.17 -10.03
CA GLU A 63 -0.29 11.21 -10.14
C GLU A 63 0.56 11.27 -8.87
N PHE A 64 -0.08 11.00 -7.73
CA PHE A 64 0.62 11.03 -6.44
C PHE A 64 1.41 9.74 -6.23
N PHE A 65 0.99 8.67 -6.90
CA PHE A 65 1.65 7.37 -6.78
C PHE A 65 2.87 7.30 -7.70
N GLN A 66 2.76 7.95 -8.86
CA GLN A 66 3.85 7.96 -9.82
C GLN A 66 5.01 8.82 -9.34
N THR A 67 4.70 9.77 -8.45
CA THR A 67 5.72 10.66 -7.90
C THR A 67 6.55 9.96 -6.84
N LEU A 68 5.91 9.09 -6.06
CA LEU A 68 6.58 8.36 -5.00
C LEU A 68 7.91 7.78 -5.51
N GLY A 69 8.88 7.68 -4.61
CA GLY A 69 10.18 7.14 -4.98
C GLY A 69 10.15 5.64 -5.17
N ASP A 70 11.28 5.00 -4.92
CA ASP A 70 11.39 3.55 -5.06
C ASP A 70 11.21 2.86 -3.71
N ASN A 71 10.78 1.60 -3.75
CA ASN A 71 10.56 0.82 -2.54
C ASN A 71 9.81 1.64 -1.49
N THR A 72 8.80 2.38 -1.95
CA THR A 72 8.00 3.21 -1.05
C THR A 72 7.15 2.35 -0.12
N HIS A 73 7.18 2.68 1.16
CA HIS A 73 6.41 1.94 2.16
C HIS A 73 4.93 2.36 2.13
N PHE A 74 4.06 1.42 2.43
CA PHE A 74 2.62 1.69 2.44
C PHE A 74 1.96 1.07 3.67
N MET A 75 0.73 1.50 3.95
CA MET A 75 -0.02 0.98 5.09
C MET A 75 -1.44 0.62 4.69
N ILE A 76 -1.83 -0.63 4.97
CA ILE A 76 -3.17 -1.10 4.64
C ILE A 76 -4.08 -1.05 5.86
N LEU A 77 -5.21 -0.36 5.72
CA LEU A 77 -6.18 -0.24 6.81
C LEU A 77 -7.51 -0.89 6.44
N GLU A 78 -8.03 -1.70 7.36
CA GLU A 78 -9.30 -2.38 7.12
C GLU A 78 -10.49 -1.46 7.45
N LYS A 79 -11.69 -1.95 7.17
CA LYS A 79 -12.90 -1.18 7.44
C LYS A 79 -13.01 -0.84 8.92
N GLY A 80 -12.63 0.40 9.26
CA GLY A 80 -12.69 0.83 10.64
C GLY A 80 -11.35 0.76 11.34
N GLN A 81 -10.27 0.89 10.56
CA GLN A 81 -8.92 0.84 11.11
C GLN A 81 -8.13 2.08 10.72
N LYS A 82 -7.40 2.63 11.68
CA LYS A 82 -6.58 3.82 11.44
C LYS A 82 -5.11 3.45 11.26
N TRP A 83 -4.32 4.40 10.76
CA TRP A 83 -2.90 4.17 10.56
C TRP A 83 -2.13 4.29 11.86
N MET A 84 -0.99 3.60 11.93
CA MET A 84 -0.16 3.63 13.13
C MET A 84 1.32 3.67 12.77
N PRO A 85 2.10 4.40 13.57
CA PRO A 85 3.55 4.54 13.34
C PRO A 85 4.30 3.23 13.63
N SER A 86 5.63 3.28 13.50
CA SER A 86 6.46 2.10 13.75
C SER A 86 6.03 1.39 15.02
N GLY A 87 5.67 0.12 14.89
CA GLY A 87 5.24 -0.65 16.03
C GLY A 87 6.34 -1.54 16.58
N PRO A 88 6.36 -1.73 17.91
CA PRO A 88 7.36 -2.55 18.58
C PRO A 88 7.19 -4.04 18.27
N SER A 89 8.30 -4.74 18.08
CA SER A 89 8.27 -6.16 17.78
C SER A 89 9.11 -6.95 18.79
N SER A 90 8.92 -8.26 18.80
CA SER A 90 9.65 -9.13 19.71
C SER A 90 9.96 -10.47 19.06
N GLY A 91 11.20 -10.92 19.20
CA GLY A 91 11.60 -12.18 18.62
C GLY A 91 10.69 -13.33 19.03
N GLY A 1 -0.32 -22.79 -13.51
CA GLY A 1 -1.12 -22.04 -12.56
C GLY A 1 -1.49 -20.68 -13.08
N SER A 2 -0.82 -19.64 -12.56
CA SER A 2 -1.10 -18.27 -12.98
C SER A 2 -0.99 -18.12 -14.49
N SER A 3 -1.37 -16.95 -14.99
CA SER A 3 -1.32 -16.68 -16.42
C SER A 3 -0.29 -15.62 -16.74
N GLY A 4 0.34 -15.74 -17.91
CA GLY A 4 1.35 -14.78 -18.31
C GLY A 4 0.86 -13.34 -18.22
N SER A 5 1.78 -12.41 -18.18
CA SER A 5 1.44 -10.99 -18.09
C SER A 5 2.50 -10.12 -18.77
N SER A 6 2.20 -8.84 -18.91
CA SER A 6 3.12 -7.91 -19.55
C SER A 6 3.01 -6.51 -18.94
N GLY A 7 4.11 -5.78 -18.93
CA GLY A 7 4.11 -4.44 -18.37
C GLY A 7 5.11 -4.27 -17.25
N PRO A 8 5.69 -3.06 -17.15
CA PRO A 8 6.69 -2.75 -16.12
C PRO A 8 6.08 -2.68 -14.73
N ALA A 9 6.94 -2.61 -13.71
CA ALA A 9 6.49 -2.54 -12.33
C ALA A 9 7.61 -2.08 -11.41
N ARG A 10 7.26 -1.28 -10.41
CA ARG A 10 8.24 -0.77 -9.46
C ARG A 10 8.09 -1.46 -8.11
N PRO A 11 9.21 -1.61 -7.39
CA PRO A 11 9.24 -2.25 -6.07
C PRO A 11 8.56 -1.40 -5.00
N PHE A 12 7.81 -2.05 -4.12
CA PHE A 12 7.11 -1.36 -3.06
C PHE A 12 6.87 -2.28 -1.86
N ARG A 13 7.08 -1.75 -0.66
CA ARG A 13 6.90 -2.53 0.56
C ARG A 13 5.54 -2.23 1.20
N VAL A 14 4.89 -3.27 1.69
CA VAL A 14 3.58 -3.12 2.33
C VAL A 14 3.60 -3.68 3.75
N SER A 15 3.00 -2.95 4.68
CA SER A 15 2.95 -3.38 6.07
C SER A 15 1.51 -3.38 6.58
N ASN A 16 1.22 -4.27 7.53
CA ASN A 16 -0.11 -4.38 8.10
C ASN A 16 -0.36 -3.27 9.12
N HIS A 17 -1.58 -3.21 9.64
CA HIS A 17 -1.95 -2.20 10.62
C HIS A 17 -0.98 -2.21 11.80
N ASP A 18 -0.61 -3.40 12.26
CA ASP A 18 0.32 -3.54 13.38
C ASP A 18 1.76 -3.41 12.90
N ARG A 19 1.94 -2.88 11.69
CA ARG A 19 3.27 -2.71 11.12
C ARG A 19 4.19 -3.85 11.53
N SER A 20 3.71 -5.08 11.39
CA SER A 20 4.49 -6.26 11.76
C SER A 20 4.80 -7.11 10.53
N SER A 21 3.90 -7.09 9.56
CA SER A 21 4.07 -7.86 8.34
C SER A 21 4.76 -7.03 7.26
N ARG A 22 5.54 -7.70 6.42
CA ARG A 22 6.26 -7.02 5.34
C ARG A 22 6.08 -7.75 4.01
N ARG A 23 5.40 -7.10 3.07
CA ARG A 23 5.16 -7.69 1.77
C ARG A 23 5.64 -6.76 0.66
N GLY A 24 6.54 -7.27 -0.19
CA GLY A 24 7.06 -6.46 -1.28
C GLY A 24 6.32 -6.70 -2.58
N VAL A 25 5.42 -5.79 -2.93
CA VAL A 25 4.64 -5.90 -4.16
C VAL A 25 5.26 -5.07 -5.27
N MET A 26 5.13 -5.56 -6.51
CA MET A 26 5.66 -4.86 -7.67
C MET A 26 4.55 -4.42 -8.60
N ALA A 27 4.19 -3.14 -8.53
CA ALA A 27 3.13 -2.59 -9.38
C ALA A 27 3.63 -1.37 -10.15
N SER A 28 2.95 -1.07 -11.25
CA SER A 28 3.31 0.07 -12.09
C SER A 28 2.56 1.33 -11.66
N SER A 29 1.33 1.14 -11.21
CA SER A 29 0.49 2.26 -10.77
C SER A 29 -0.03 2.02 -9.35
N LEU A 30 -0.88 2.92 -8.89
CA LEU A 30 -1.46 2.82 -7.55
C LEU A 30 -2.52 1.72 -7.51
N GLN A 31 -3.57 1.90 -8.30
CA GLN A 31 -4.66 0.92 -8.35
C GLN A 31 -4.11 -0.49 -8.45
N GLU A 32 -3.16 -0.70 -9.36
CA GLU A 32 -2.56 -2.01 -9.54
C GLU A 32 -2.06 -2.57 -8.22
N LEU A 33 -1.30 -1.77 -7.49
CA LEU A 33 -0.76 -2.19 -6.20
C LEU A 33 -1.87 -2.61 -5.25
N ILE A 34 -2.66 -1.63 -4.80
CA ILE A 34 -3.77 -1.90 -3.90
C ILE A 34 -4.40 -3.25 -4.19
N SER A 35 -4.97 -3.40 -5.38
CA SER A 35 -5.61 -4.64 -5.78
C SER A 35 -4.70 -5.84 -5.49
N LYS A 36 -3.42 -5.70 -5.83
CA LYS A 36 -2.46 -6.76 -5.60
C LYS A 36 -2.31 -7.06 -4.11
N THR A 37 -1.97 -6.03 -3.34
CA THR A 37 -1.80 -6.18 -1.90
C THR A 37 -2.82 -7.14 -1.32
N LEU A 38 -4.09 -6.77 -1.41
CA LEU A 38 -5.18 -7.60 -0.89
C LEU A 38 -4.91 -9.08 -1.16
N ASP A 39 -4.41 -9.38 -2.35
CA ASP A 39 -4.10 -10.75 -2.74
C ASP A 39 -2.82 -11.23 -2.05
N ALA A 40 -1.75 -10.45 -2.19
CA ALA A 40 -0.48 -10.80 -1.58
C ALA A 40 -0.64 -11.09 -0.09
N LEU A 41 -1.17 -10.12 0.64
CA LEU A 41 -1.39 -10.26 2.08
C LEU A 41 -2.50 -11.25 2.36
N VAL A 42 -3.31 -11.54 1.36
CA VAL A 42 -4.42 -12.48 1.49
C VAL A 42 -5.41 -12.01 2.56
N ILE A 43 -5.87 -10.78 2.42
CA ILE A 43 -6.82 -10.21 3.37
C ILE A 43 -8.24 -10.74 3.12
N ALA A 44 -8.88 -11.19 4.18
CA ALA A 44 -10.24 -11.73 4.08
C ALA A 44 -11.17 -10.73 3.38
N THR A 45 -11.26 -9.53 3.93
CA THR A 45 -12.11 -8.49 3.36
C THR A 45 -11.39 -7.75 2.24
N GLY A 46 -12.18 -7.25 1.28
CA GLY A 46 -11.59 -6.52 0.16
C GLY A 46 -11.58 -5.02 0.40
N LEU A 47 -12.58 -4.52 1.12
CA LEU A 47 -12.69 -3.10 1.41
C LEU A 47 -11.54 -2.64 2.29
N VAL A 48 -10.51 -2.07 1.68
CA VAL A 48 -9.34 -1.59 2.42
C VAL A 48 -8.88 -0.23 1.89
N THR A 49 -8.07 0.46 2.67
CA THR A 49 -7.55 1.76 2.28
C THR A 49 -6.03 1.80 2.36
N LEU A 50 -5.40 2.21 1.27
CA LEU A 50 -3.95 2.30 1.21
C LEU A 50 -3.46 3.70 1.58
N VAL A 51 -2.44 3.76 2.44
CA VAL A 51 -1.90 5.04 2.88
C VAL A 51 -0.38 4.95 3.04
N LEU A 52 0.26 6.11 3.19
CA LEU A 52 1.70 6.17 3.35
C LEU A 52 2.12 5.68 4.73
N GLU A 53 3.14 4.85 4.78
CA GLU A 53 3.64 4.31 6.04
C GLU A 53 4.55 5.32 6.74
N GLU A 54 4.54 6.55 6.25
CA GLU A 54 5.36 7.61 6.83
C GLU A 54 4.53 8.54 7.69
N ASP A 55 3.44 9.05 7.11
CA ASP A 55 2.56 9.96 7.82
C ASP A 55 1.11 9.46 7.80
N GLY A 56 0.87 8.44 6.97
CA GLY A 56 -0.48 7.88 6.86
C GLY A 56 -1.38 8.70 5.98
N THR A 57 -0.95 8.94 4.74
CA THR A 57 -1.73 9.72 3.79
C THR A 57 -2.44 8.82 2.79
N VAL A 58 -3.76 8.98 2.70
CA VAL A 58 -4.56 8.18 1.77
C VAL A 58 -4.19 8.48 0.32
N VAL A 59 -3.62 7.49 -0.35
CA VAL A 59 -3.22 7.64 -1.75
C VAL A 59 -4.26 7.05 -2.69
N ASP A 60 -5.15 7.89 -3.19
CA ASP A 60 -6.20 7.44 -4.10
C ASP A 60 -5.95 7.98 -5.51
N THR A 61 -4.88 8.75 -5.67
CA THR A 61 -4.53 9.32 -6.97
C THR A 61 -3.32 8.61 -7.57
N GLU A 62 -3.20 8.68 -8.89
CA GLU A 62 -2.09 8.05 -9.59
C GLU A 62 -0.91 9.01 -9.71
N GLU A 63 -1.20 10.30 -9.63
CA GLU A 63 -0.16 11.33 -9.72
C GLU A 63 0.72 11.33 -8.48
N PHE A 64 0.10 11.15 -7.32
CA PHE A 64 0.82 11.14 -6.05
C PHE A 64 1.56 9.82 -5.86
N PHE A 65 0.99 8.74 -6.41
CA PHE A 65 1.60 7.43 -6.30
C PHE A 65 2.76 7.27 -7.29
N GLN A 66 2.63 7.94 -8.44
CA GLN A 66 3.66 7.87 -9.47
C GLN A 66 4.92 8.62 -9.02
N THR A 67 4.75 9.54 -8.09
CA THR A 67 5.87 10.33 -7.59
C THR A 67 6.65 9.55 -6.53
N LEU A 68 5.94 8.78 -5.71
CA LEU A 68 6.57 7.99 -4.67
C LEU A 68 7.77 7.21 -5.22
N GLY A 69 8.91 7.35 -4.55
CA GLY A 69 10.10 6.65 -4.97
C GLY A 69 9.92 5.15 -5.02
N ASP A 70 11.02 4.42 -5.00
CA ASP A 70 10.98 2.96 -5.03
C ASP A 70 10.90 2.38 -3.63
N ASN A 71 10.58 1.09 -3.53
CA ASN A 71 10.47 0.43 -2.24
C ASN A 71 9.75 1.32 -1.23
N THR A 72 8.72 2.02 -1.69
CA THR A 72 7.96 2.91 -0.83
C THR A 72 7.11 2.11 0.15
N HIS A 73 7.28 2.40 1.45
CA HIS A 73 6.54 1.72 2.49
C HIS A 73 5.10 2.21 2.53
N PHE A 74 4.15 1.27 2.43
CA PHE A 74 2.73 1.60 2.45
C PHE A 74 2.04 0.93 3.64
N MET A 75 0.84 1.41 3.95
CA MET A 75 0.07 0.85 5.07
C MET A 75 -1.37 0.59 4.64
N ILE A 76 -1.81 -0.65 4.79
CA ILE A 76 -3.17 -1.04 4.44
C ILE A 76 -4.07 -1.08 5.66
N LEU A 77 -5.27 -0.52 5.54
CA LEU A 77 -6.23 -0.51 6.64
C LEU A 77 -7.58 -1.05 6.20
N GLU A 78 -8.15 -1.95 7.00
CA GLU A 78 -9.44 -2.54 6.69
C GLU A 78 -10.58 -1.61 7.10
N LYS A 79 -11.80 -2.01 6.78
CA LYS A 79 -12.98 -1.22 7.11
C LYS A 79 -13.13 -1.07 8.62
N GLY A 80 -12.41 -0.11 9.19
CA GLY A 80 -12.47 0.12 10.62
C GLY A 80 -11.10 0.16 11.27
N GLN A 81 -10.15 0.82 10.60
CA GLN A 81 -8.80 0.93 11.12
C GLN A 81 -8.16 2.25 10.69
N LYS A 82 -7.13 2.67 11.41
CA LYS A 82 -6.44 3.91 11.11
C LYS A 82 -4.92 3.71 11.12
N TRP A 83 -4.19 4.66 10.54
CA TRP A 83 -2.74 4.58 10.49
C TRP A 83 -2.12 4.99 11.82
N MET A 84 -1.00 4.35 12.17
CA MET A 84 -0.31 4.65 13.42
C MET A 84 1.20 4.78 13.19
N PRO A 85 1.83 5.71 13.93
CA PRO A 85 3.26 5.94 13.82
C PRO A 85 4.09 4.80 14.39
N SER A 86 5.41 4.95 14.36
CA SER A 86 6.31 3.92 14.88
C SER A 86 6.46 4.02 16.39
N GLY A 87 6.16 2.92 17.08
CA GLY A 87 6.27 2.91 18.53
C GLY A 87 5.47 1.79 19.16
N PRO A 88 5.13 1.96 20.45
CA PRO A 88 4.35 0.97 21.19
C PRO A 88 2.90 0.89 20.72
N SER A 89 2.28 -0.28 20.93
CA SER A 89 0.90 -0.48 20.53
C SER A 89 0.22 -1.51 21.42
N SER A 90 -1.11 -1.47 21.48
CA SER A 90 -1.88 -2.39 22.29
C SER A 90 -1.95 -3.77 21.63
N GLY A 91 -1.22 -4.72 22.21
CA GLY A 91 -1.21 -6.07 21.67
C GLY A 91 -0.54 -7.06 22.60
N GLY A 1 -4.83 -9.48 -11.29
CA GLY A 1 -5.71 -8.53 -11.95
C GLY A 1 -4.94 -7.57 -12.84
N SER A 2 -4.28 -8.11 -13.86
CA SER A 2 -3.50 -7.29 -14.78
C SER A 2 -4.40 -6.67 -15.85
N SER A 3 -4.59 -5.35 -15.75
CA SER A 3 -5.43 -4.65 -16.70
C SER A 3 -4.61 -3.63 -17.51
N GLY A 4 -4.03 -4.11 -18.60
CA GLY A 4 -3.22 -3.23 -19.44
C GLY A 4 -1.99 -2.71 -18.72
N SER A 5 -0.83 -3.20 -19.13
CA SER A 5 0.44 -2.77 -18.52
C SER A 5 1.08 -1.64 -19.31
N SER A 6 1.15 -0.46 -18.70
CA SER A 6 1.73 0.70 -19.34
C SER A 6 2.95 1.20 -18.57
N GLY A 7 4.09 0.54 -18.80
CA GLY A 7 5.32 0.92 -18.13
C GLY A 7 5.86 -0.19 -17.25
N PRO A 8 7.15 -0.08 -16.88
CA PRO A 8 7.82 -1.07 -16.04
C PRO A 8 7.31 -1.06 -14.61
N ALA A 9 7.26 -2.23 -13.99
CA ALA A 9 6.80 -2.36 -12.61
C ALA A 9 7.86 -1.90 -11.63
N ARG A 10 7.45 -1.17 -10.61
CA ARG A 10 8.36 -0.67 -9.59
C ARG A 10 8.14 -1.37 -8.26
N PRO A 11 9.23 -1.56 -7.50
CA PRO A 11 9.18 -2.21 -6.19
C PRO A 11 8.48 -1.36 -5.14
N PHE A 12 7.78 -2.03 -4.22
CA PHE A 12 7.06 -1.33 -3.16
C PHE A 12 6.89 -2.23 -1.94
N ARG A 13 7.01 -1.63 -0.76
CA ARG A 13 6.88 -2.38 0.50
C ARG A 13 5.54 -2.08 1.17
N VAL A 14 4.78 -3.12 1.44
CA VAL A 14 3.48 -2.96 2.09
C VAL A 14 3.48 -3.57 3.49
N SER A 15 2.92 -2.83 4.45
CA SER A 15 2.85 -3.30 5.83
C SER A 15 1.42 -3.31 6.33
N ASN A 16 1.15 -4.16 7.33
CA ASN A 16 -0.17 -4.27 7.90
C ASN A 16 -0.40 -3.20 8.97
N HIS A 17 -1.61 -3.16 9.52
CA HIS A 17 -1.95 -2.18 10.54
C HIS A 17 -1.07 -2.35 11.77
N ASP A 18 -0.46 -3.52 11.89
CA ASP A 18 0.42 -3.82 13.02
C ASP A 18 1.82 -3.26 12.79
N ARG A 19 2.09 -2.89 11.55
CA ARG A 19 3.40 -2.34 11.19
C ARG A 19 4.50 -3.35 11.48
N SER A 20 4.18 -4.63 11.36
CA SER A 20 5.15 -5.69 11.63
C SER A 20 5.31 -6.59 10.40
N SER A 21 4.28 -6.61 9.55
CA SER A 21 4.31 -7.43 8.34
C SER A 21 4.98 -6.69 7.19
N ARG A 22 5.52 -7.44 6.24
CA ARG A 22 6.18 -6.85 5.09
C ARG A 22 5.85 -7.61 3.81
N ARG A 23 5.24 -6.91 2.86
CA ARG A 23 4.86 -7.52 1.58
C ARG A 23 5.42 -6.72 0.40
N GLY A 24 6.22 -7.39 -0.42
CA GLY A 24 6.81 -6.73 -1.58
C GLY A 24 6.07 -7.03 -2.86
N VAL A 25 5.42 -6.02 -3.43
CA VAL A 25 4.68 -6.19 -4.67
C VAL A 25 5.23 -5.31 -5.78
N MET A 26 5.21 -5.82 -7.00
CA MET A 26 5.72 -5.08 -8.15
C MET A 26 4.58 -4.61 -9.04
N ALA A 27 4.24 -3.33 -8.95
CA ALA A 27 3.17 -2.76 -9.75
C ALA A 27 3.66 -1.56 -10.56
N SER A 28 2.97 -1.26 -11.65
CA SER A 28 3.34 -0.14 -12.51
C SER A 28 2.57 1.12 -12.12
N SER A 29 1.48 0.93 -11.38
CA SER A 29 0.66 2.06 -10.95
C SER A 29 0.15 1.84 -9.52
N LEU A 30 -0.61 2.81 -9.02
CA LEU A 30 -1.16 2.72 -7.67
C LEU A 30 -2.34 1.75 -7.63
N GLN A 31 -3.12 1.73 -8.69
CA GLN A 31 -4.28 0.85 -8.78
C GLN A 31 -3.86 -0.61 -8.85
N GLU A 32 -2.96 -0.92 -9.79
CA GLU A 32 -2.48 -2.29 -9.95
C GLU A 32 -1.94 -2.83 -8.64
N LEU A 33 -1.29 -1.97 -7.85
CA LEU A 33 -0.74 -2.37 -6.58
C LEU A 33 -1.84 -2.79 -5.61
N ILE A 34 -2.63 -1.81 -5.15
CA ILE A 34 -3.72 -2.07 -4.23
C ILE A 34 -4.36 -3.43 -4.50
N SER A 35 -4.96 -3.56 -5.70
CA SER A 35 -5.61 -4.80 -6.08
C SER A 35 -4.74 -6.00 -5.77
N LYS A 36 -3.45 -5.89 -6.12
CA LYS A 36 -2.50 -6.98 -5.87
C LYS A 36 -2.34 -7.23 -4.38
N THR A 37 -2.04 -6.17 -3.64
CA THR A 37 -1.86 -6.28 -2.19
C THR A 37 -2.91 -7.20 -1.57
N LEU A 38 -4.18 -6.86 -1.77
CA LEU A 38 -5.28 -7.66 -1.23
C LEU A 38 -4.98 -9.14 -1.34
N ASP A 39 -4.45 -9.55 -2.51
CA ASP A 39 -4.12 -10.95 -2.73
C ASP A 39 -2.87 -11.35 -1.95
N ALA A 40 -1.81 -10.57 -2.11
CA ALA A 40 -0.54 -10.84 -1.42
C ALA A 40 -0.78 -11.05 0.07
N LEU A 41 -1.41 -10.05 0.71
CA LEU A 41 -1.68 -10.12 2.14
C LEU A 41 -2.93 -10.97 2.41
N VAL A 42 -3.51 -11.50 1.34
CA VAL A 42 -4.71 -12.33 1.47
C VAL A 42 -5.64 -11.81 2.56
N ILE A 43 -5.84 -10.49 2.57
CA ILE A 43 -6.70 -9.85 3.56
C ILE A 43 -8.05 -10.55 3.63
N ALA A 44 -8.63 -10.58 4.82
CA ALA A 44 -9.93 -11.22 5.02
C ALA A 44 -10.96 -10.67 4.03
N THR A 45 -11.27 -9.39 4.15
CA THR A 45 -12.25 -8.75 3.27
C THR A 45 -11.56 -7.83 2.28
N GLY A 46 -12.33 -7.32 1.32
CA GLY A 46 -11.77 -6.41 0.32
C GLY A 46 -11.80 -4.97 0.77
N LEU A 47 -12.88 -4.58 1.43
CA LEU A 47 -13.04 -3.21 1.91
C LEU A 47 -11.82 -2.79 2.74
N VAL A 48 -10.87 -2.12 2.10
CA VAL A 48 -9.67 -1.65 2.77
C VAL A 48 -9.23 -0.29 2.25
N THR A 49 -8.20 0.27 2.87
CA THR A 49 -7.68 1.57 2.47
C THR A 49 -6.15 1.58 2.48
N LEU A 50 -5.57 2.21 1.46
CA LEU A 50 -4.11 2.30 1.36
C LEU A 50 -3.62 3.69 1.74
N VAL A 51 -2.66 3.74 2.66
CA VAL A 51 -2.09 5.01 3.10
C VAL A 51 -0.58 4.91 3.26
N LEU A 52 0.06 6.06 3.46
CA LEU A 52 1.51 6.11 3.62
C LEU A 52 1.91 5.69 5.03
N GLU A 53 2.94 4.86 5.13
CA GLU A 53 3.43 4.38 6.41
C GLU A 53 4.30 5.43 7.09
N GLU A 54 4.28 6.65 6.55
CA GLU A 54 5.07 7.74 7.10
C GLU A 54 4.18 8.70 7.90
N ASP A 55 3.12 9.18 7.27
CA ASP A 55 2.20 10.11 7.92
C ASP A 55 0.76 9.60 7.82
N GLY A 56 0.60 8.37 7.33
CA GLY A 56 -0.72 7.79 7.19
C GLY A 56 -1.60 8.59 6.26
N THR A 57 -1.03 9.05 5.15
CA THR A 57 -1.78 9.83 4.16
C THR A 57 -2.44 8.92 3.14
N VAL A 58 -3.75 9.08 2.97
CA VAL A 58 -4.52 8.28 2.03
C VAL A 58 -4.03 8.52 0.59
N VAL A 59 -3.33 7.53 0.04
CA VAL A 59 -2.82 7.63 -1.32
C VAL A 59 -3.79 7.02 -2.32
N ASP A 60 -4.69 7.84 -2.85
CA ASP A 60 -5.67 7.37 -3.82
C ASP A 60 -5.50 8.09 -5.15
N THR A 61 -4.29 8.59 -5.40
CA THR A 61 -4.01 9.30 -6.64
C THR A 61 -2.74 8.75 -7.31
N GLU A 62 -2.84 8.47 -8.60
CA GLU A 62 -1.71 7.95 -9.35
C GLU A 62 -0.60 8.98 -9.47
N GLU A 63 -0.98 10.24 -9.62
CA GLU A 63 -0.03 11.33 -9.74
C GLU A 63 0.87 11.40 -8.51
N PHE A 64 0.31 11.06 -7.35
CA PHE A 64 1.06 11.08 -6.10
C PHE A 64 1.85 9.79 -5.91
N PHE A 65 1.33 8.70 -6.46
CA PHE A 65 1.99 7.41 -6.36
C PHE A 65 3.13 7.29 -7.36
N GLN A 66 3.01 8.00 -8.47
CA GLN A 66 4.03 7.98 -9.51
C GLN A 66 5.27 8.75 -9.08
N THR A 67 5.10 9.64 -8.11
CA THR A 67 6.20 10.45 -7.60
C THR A 67 7.00 9.68 -6.54
N LEU A 68 6.31 8.87 -5.76
CA LEU A 68 6.95 8.08 -4.71
C LEU A 68 8.14 7.30 -5.28
N GLY A 69 9.23 7.29 -4.52
CA GLY A 69 10.42 6.59 -4.95
C GLY A 69 10.22 5.08 -5.01
N ASP A 70 11.30 4.35 -5.24
CA ASP A 70 11.23 2.89 -5.31
C ASP A 70 11.23 2.28 -3.92
N ASN A 71 10.54 1.15 -3.77
CA ASN A 71 10.46 0.46 -2.50
C ASN A 71 9.81 1.35 -1.43
N THR A 72 8.70 1.98 -1.80
CA THR A 72 7.99 2.86 -0.89
C THR A 72 7.15 2.07 0.11
N HIS A 73 7.10 2.55 1.35
CA HIS A 73 6.33 1.87 2.39
C HIS A 73 4.87 2.30 2.35
N PHE A 74 3.97 1.39 2.73
CA PHE A 74 2.55 1.67 2.74
C PHE A 74 1.86 0.96 3.89
N MET A 75 0.63 1.38 4.20
CA MET A 75 -0.13 0.79 5.29
C MET A 75 -1.57 0.49 4.84
N ILE A 76 -1.98 -0.76 4.97
CA ILE A 76 -3.32 -1.17 4.59
C ILE A 76 -4.23 -1.28 5.80
N LEU A 77 -5.35 -0.56 5.76
CA LEU A 77 -6.31 -0.58 6.86
C LEU A 77 -7.64 -1.18 6.41
N GLU A 78 -8.23 -1.99 7.28
CA GLU A 78 -9.51 -2.63 6.98
C GLU A 78 -10.68 -1.77 7.44
N LYS A 79 -11.89 -2.20 7.11
CA LYS A 79 -13.10 -1.47 7.48
C LYS A 79 -13.22 -1.36 9.00
N GLY A 80 -12.59 -0.34 9.58
CA GLY A 80 -12.65 -0.15 11.01
C GLY A 80 -11.28 -0.06 11.64
N GLN A 81 -10.34 0.58 10.94
CA GLN A 81 -8.98 0.73 11.44
C GLN A 81 -8.38 2.05 10.95
N LYS A 82 -7.41 2.55 11.72
CA LYS A 82 -6.75 3.81 11.38
C LYS A 82 -5.23 3.62 11.30
N TRP A 83 -4.55 4.61 10.76
CA TRP A 83 -3.09 4.56 10.63
C TRP A 83 -2.42 4.98 11.93
N MET A 84 -1.25 4.42 12.21
CA MET A 84 -0.50 4.76 13.41
C MET A 84 0.98 4.93 13.11
N PRO A 85 1.62 5.88 13.81
CA PRO A 85 3.05 6.16 13.63
C PRO A 85 3.94 5.04 14.15
N SER A 86 5.24 5.29 14.17
CA SER A 86 6.20 4.29 14.64
C SER A 86 6.16 4.18 16.16
N GLY A 87 5.55 3.10 16.65
CA GLY A 87 5.46 2.89 18.08
C GLY A 87 5.79 1.45 18.49
N PRO A 88 6.07 1.25 19.77
CA PRO A 88 6.42 -0.07 20.31
C PRO A 88 5.22 -1.01 20.32
N SER A 89 5.43 -2.23 19.84
CA SER A 89 4.36 -3.23 19.80
C SER A 89 3.90 -3.59 21.21
N SER A 90 2.68 -3.18 21.54
CA SER A 90 2.12 -3.47 22.86
C SER A 90 1.26 -4.72 22.83
N GLY A 91 1.14 -5.38 23.97
CA GLY A 91 0.34 -6.59 24.06
C GLY A 91 -1.13 -6.29 24.31
N GLY A 1 -8.73 2.00 -13.32
CA GLY A 1 -8.30 3.15 -14.10
C GLY A 1 -7.21 2.80 -15.09
N SER A 2 -7.40 1.70 -15.81
CA SER A 2 -6.42 1.25 -16.80
C SER A 2 -6.92 1.50 -18.21
N SER A 3 -6.45 2.58 -18.82
CA SER A 3 -6.84 2.94 -20.18
C SER A 3 -5.63 3.14 -21.07
N GLY A 4 -5.19 2.05 -21.69
CA GLY A 4 -4.03 2.12 -22.57
C GLY A 4 -3.03 1.01 -22.31
N SER A 5 -1.75 1.35 -22.35
CA SER A 5 -0.69 0.37 -22.12
C SER A 5 -0.05 0.59 -20.75
N SER A 6 0.75 -0.39 -20.33
CA SER A 6 1.43 -0.32 -19.03
C SER A 6 2.94 -0.21 -19.22
N GLY A 7 3.64 0.14 -18.13
CA GLY A 7 5.08 0.27 -18.19
C GLY A 7 5.78 -0.61 -17.18
N PRO A 8 7.03 -0.24 -16.84
CA PRO A 8 7.84 -1.00 -15.88
C PRO A 8 7.30 -0.88 -14.45
N ALA A 9 7.09 -2.01 -13.81
CA ALA A 9 6.58 -2.03 -12.44
C ALA A 9 7.68 -1.65 -11.44
N ARG A 10 7.29 -0.95 -10.38
CA ARG A 10 8.23 -0.54 -9.36
C ARG A 10 7.98 -1.26 -8.04
N PRO A 11 9.05 -1.57 -7.31
CA PRO A 11 8.96 -2.27 -6.02
C PRO A 11 8.36 -1.38 -4.93
N PHE A 12 7.56 -1.99 -4.06
CA PHE A 12 6.92 -1.26 -2.97
C PHE A 12 6.80 -2.14 -1.73
N ARG A 13 7.04 -1.54 -0.57
CA ARG A 13 6.96 -2.25 0.69
C ARG A 13 5.61 -2.02 1.38
N VAL A 14 4.97 -3.10 1.79
CA VAL A 14 3.67 -3.01 2.47
C VAL A 14 3.75 -3.55 3.89
N SER A 15 2.92 -3.01 4.77
CA SER A 15 2.88 -3.43 6.16
C SER A 15 1.46 -3.46 6.69
N ASN A 16 1.15 -4.47 7.50
CA ASN A 16 -0.18 -4.62 8.07
C ASN A 16 -0.48 -3.49 9.05
N HIS A 17 -1.69 -3.48 9.59
CA HIS A 17 -2.10 -2.45 10.54
C HIS A 17 -1.14 -2.39 11.72
N ASP A 18 -0.73 -3.56 12.20
CA ASP A 18 0.18 -3.63 13.35
C ASP A 18 1.63 -3.41 12.89
N ARG A 19 1.79 -2.94 11.66
CA ARG A 19 3.11 -2.69 11.11
C ARG A 19 4.10 -3.75 11.56
N SER A 20 3.71 -5.01 11.42
CA SER A 20 4.57 -6.12 11.83
C SER A 20 4.99 -6.94 10.61
N SER A 21 4.09 -7.08 9.64
CA SER A 21 4.38 -7.84 8.44
C SER A 21 4.98 -6.96 7.36
N ARG A 22 5.85 -7.54 6.54
CA ARG A 22 6.51 -6.80 5.47
C ARG A 22 6.48 -7.59 4.16
N ARG A 23 5.75 -7.07 3.18
CA ARG A 23 5.63 -7.74 1.89
C ARG A 23 5.95 -6.76 0.75
N GLY A 24 6.73 -7.23 -0.22
CA GLY A 24 7.10 -6.39 -1.34
C GLY A 24 6.34 -6.75 -2.61
N VAL A 25 5.50 -5.83 -3.07
CA VAL A 25 4.72 -6.05 -4.27
C VAL A 25 5.19 -5.15 -5.41
N MET A 26 5.02 -5.63 -6.64
CA MET A 26 5.43 -4.87 -7.82
C MET A 26 4.21 -4.46 -8.64
N ALA A 27 4.11 -3.16 -8.93
CA ALA A 27 3.00 -2.64 -9.71
C ALA A 27 3.41 -1.39 -10.47
N SER A 28 2.93 -1.26 -11.70
CA SER A 28 3.25 -0.11 -12.54
C SER A 28 2.54 1.15 -12.03
N SER A 29 1.30 0.99 -11.59
CA SER A 29 0.52 2.10 -11.08
C SER A 29 0.01 1.81 -9.67
N LEU A 30 -0.80 2.72 -9.14
CA LEU A 30 -1.36 2.56 -7.80
C LEU A 30 -2.48 1.52 -7.79
N GLN A 31 -3.50 1.76 -8.62
CA GLN A 31 -4.63 0.83 -8.71
C GLN A 31 -4.15 -0.61 -8.77
N GLU A 32 -3.16 -0.86 -9.61
CA GLU A 32 -2.61 -2.21 -9.75
C GLU A 32 -2.05 -2.72 -8.43
N LEU A 33 -1.37 -1.84 -7.70
CA LEU A 33 -0.79 -2.21 -6.41
C LEU A 33 -1.88 -2.62 -5.42
N ILE A 34 -2.70 -1.65 -5.02
CA ILE A 34 -3.78 -1.90 -4.08
C ILE A 34 -4.42 -3.26 -4.34
N SER A 35 -4.81 -3.50 -5.58
CA SER A 35 -5.44 -4.76 -5.96
C SER A 35 -4.52 -5.94 -5.65
N LYS A 36 -3.22 -5.72 -5.84
CA LYS A 36 -2.24 -6.77 -5.58
C LYS A 36 -2.11 -7.05 -4.09
N THR A 37 -1.77 -6.00 -3.33
CA THR A 37 -1.61 -6.13 -1.88
C THR A 37 -2.67 -7.05 -1.30
N LEU A 38 -3.92 -6.84 -1.70
CA LEU A 38 -5.03 -7.65 -1.21
C LEU A 38 -4.77 -9.13 -1.46
N ASP A 39 -4.32 -9.45 -2.67
CA ASP A 39 -4.04 -10.83 -3.04
C ASP A 39 -2.80 -11.34 -2.32
N ALA A 40 -1.74 -10.53 -2.33
CA ALA A 40 -0.48 -10.90 -1.68
C ALA A 40 -0.70 -11.17 -0.19
N LEU A 41 -1.12 -10.13 0.53
CA LEU A 41 -1.37 -10.26 1.96
C LEU A 41 -2.50 -11.24 2.24
N VAL A 42 -3.34 -11.47 1.23
CA VAL A 42 -4.46 -12.40 1.38
C VAL A 42 -5.43 -11.91 2.45
N ILE A 43 -5.78 -10.64 2.40
CA ILE A 43 -6.71 -10.05 3.36
C ILE A 43 -8.08 -10.74 3.29
N ALA A 44 -8.75 -10.80 4.43
CA ALA A 44 -10.07 -11.41 4.51
C ALA A 44 -11.07 -10.68 3.63
N THR A 45 -11.33 -9.41 3.95
CA THR A 45 -12.27 -8.61 3.19
C THR A 45 -11.53 -7.69 2.22
N GLY A 46 -12.29 -7.11 1.29
CA GLY A 46 -11.70 -6.22 0.31
C GLY A 46 -11.68 -4.77 0.77
N LEU A 47 -12.80 -4.34 1.36
CA LEU A 47 -12.92 -2.96 1.84
C LEU A 47 -11.70 -2.56 2.66
N VAL A 48 -10.76 -1.87 2.01
CA VAL A 48 -9.54 -1.43 2.69
C VAL A 48 -9.10 -0.06 2.17
N THR A 49 -8.17 0.56 2.89
CA THR A 49 -7.66 1.87 2.51
C THR A 49 -6.14 1.90 2.55
N LEU A 50 -5.53 2.32 1.44
CA LEU A 50 -4.08 2.39 1.34
C LEU A 50 -3.57 3.77 1.78
N VAL A 51 -2.59 3.78 2.67
CA VAL A 51 -2.02 5.03 3.17
C VAL A 51 -0.51 4.89 3.39
N LEU A 52 0.18 6.02 3.43
CA LEU A 52 1.62 6.03 3.65
C LEU A 52 1.96 5.55 5.05
N GLU A 53 2.88 4.59 5.13
CA GLU A 53 3.29 4.04 6.42
C GLU A 53 4.25 4.99 7.13
N GLU A 54 4.37 6.20 6.60
CA GLU A 54 5.25 7.21 7.19
C GLU A 54 4.45 8.34 7.83
N ASP A 55 3.41 8.77 7.14
CA ASP A 55 2.55 9.84 7.65
C ASP A 55 1.08 9.40 7.68
N GLY A 56 0.81 8.23 7.12
CA GLY A 56 -0.54 7.71 7.10
C GLY A 56 -1.42 8.43 6.09
N THR A 57 -0.80 9.00 5.06
CA THR A 57 -1.51 9.72 4.03
C THR A 57 -2.13 8.76 3.01
N VAL A 58 -3.45 8.82 2.86
CA VAL A 58 -4.15 7.96 1.92
C VAL A 58 -3.87 8.36 0.48
N VAL A 59 -3.43 7.40 -0.33
CA VAL A 59 -3.12 7.65 -1.72
C VAL A 59 -4.25 7.17 -2.63
N ASP A 60 -5.02 8.11 -3.16
CA ASP A 60 -6.14 7.79 -4.03
C ASP A 60 -5.93 8.40 -5.42
N THR A 61 -4.67 8.67 -5.76
CA THR A 61 -4.34 9.26 -7.05
C THR A 61 -3.13 8.55 -7.68
N GLU A 62 -3.04 8.61 -8.99
CA GLU A 62 -1.95 7.98 -9.72
C GLU A 62 -0.73 8.91 -9.79
N GLU A 63 -1.00 10.20 -9.94
CA GLU A 63 0.07 11.19 -10.02
C GLU A 63 0.91 11.19 -8.75
N PHE A 64 0.25 10.98 -7.61
CA PHE A 64 0.93 10.95 -6.32
C PHE A 64 1.67 9.64 -6.12
N PHE A 65 1.13 8.57 -6.70
CA PHE A 65 1.74 7.25 -6.59
C PHE A 65 2.92 7.11 -7.54
N GLN A 66 2.85 7.82 -8.67
CA GLN A 66 3.91 7.77 -9.66
C GLN A 66 5.10 8.62 -9.24
N THR A 67 4.91 9.42 -8.19
CA THR A 67 5.96 10.28 -7.68
C THR A 67 6.79 9.58 -6.61
N LEU A 68 6.13 8.74 -5.81
CA LEU A 68 6.81 8.00 -4.75
C LEU A 68 8.03 7.25 -5.30
N GLY A 69 9.12 7.32 -4.56
CA GLY A 69 10.34 6.64 -4.98
C GLY A 69 10.30 5.15 -4.70
N ASP A 70 10.99 4.38 -5.53
CA ASP A 70 11.03 2.93 -5.37
C ASP A 70 11.12 2.55 -3.89
N ASN A 71 10.63 1.36 -3.56
CA ASN A 71 10.65 0.88 -2.18
C ASN A 71 9.79 1.76 -1.29
N THR A 72 8.58 2.06 -1.75
CA THR A 72 7.66 2.90 -0.99
C THR A 72 6.93 2.10 0.08
N HIS A 73 6.89 2.64 1.30
CA HIS A 73 6.21 1.97 2.41
C HIS A 73 4.74 2.35 2.46
N PHE A 74 3.87 1.36 2.36
CA PHE A 74 2.43 1.59 2.41
C PHE A 74 1.79 0.92 3.62
N MET A 75 0.57 1.31 3.93
CA MET A 75 -0.15 0.74 5.07
C MET A 75 -1.59 0.41 4.70
N ILE A 76 -1.99 -0.83 4.94
CA ILE A 76 -3.34 -1.27 4.64
C ILE A 76 -4.22 -1.26 5.87
N LEU A 77 -5.32 -0.51 5.80
CA LEU A 77 -6.25 -0.41 6.93
C LEU A 77 -7.65 -0.86 6.51
N GLU A 78 -8.28 -1.65 7.38
CA GLU A 78 -9.63 -2.15 7.10
C GLU A 78 -10.68 -1.09 7.41
N LYS A 79 -11.91 -1.33 6.97
CA LYS A 79 -13.00 -0.39 7.20
C LYS A 79 -13.03 0.05 8.65
N GLY A 80 -12.48 -0.77 9.54
CA GLY A 80 -12.46 -0.44 10.95
C GLY A 80 -11.06 -0.40 11.52
N GLN A 81 -10.18 0.36 10.86
CA GLN A 81 -8.80 0.49 11.31
C GLN A 81 -8.18 1.79 10.81
N LYS A 82 -7.28 2.36 11.59
CA LYS A 82 -6.61 3.60 11.23
C LYS A 82 -5.11 3.42 11.21
N TRP A 83 -4.40 4.43 10.70
CA TRP A 83 -2.95 4.38 10.62
C TRP A 83 -2.32 4.86 11.93
N MET A 84 -1.10 4.40 12.20
CA MET A 84 -0.39 4.80 13.42
C MET A 84 1.11 4.90 13.16
N PRO A 85 1.76 5.88 13.81
CA PRO A 85 3.19 6.11 13.67
C PRO A 85 4.02 5.00 14.31
N SER A 86 5.34 5.16 14.28
CA SER A 86 6.24 4.17 14.86
C SER A 86 6.65 4.57 16.28
N GLY A 87 6.99 5.84 16.45
CA GLY A 87 7.39 6.32 17.76
C GLY A 87 6.49 7.43 18.27
N PRO A 88 6.87 8.02 19.42
CA PRO A 88 6.10 9.11 20.03
C PRO A 88 6.17 10.40 19.21
N SER A 89 5.01 10.88 18.78
CA SER A 89 4.94 12.10 17.99
C SER A 89 3.64 12.85 18.26
N SER A 90 3.59 14.12 17.86
CA SER A 90 2.41 14.94 18.07
C SER A 90 1.93 15.55 16.75
N GLY A 91 0.65 15.38 16.46
CA GLY A 91 0.09 15.92 15.23
C GLY A 91 -1.37 16.27 15.36
N GLY A 1 -0.24 -15.59 -24.43
CA GLY A 1 -1.52 -15.28 -23.80
C GLY A 1 -1.38 -14.44 -22.56
N SER A 2 -1.49 -13.12 -22.72
CA SER A 2 -1.37 -12.19 -21.61
C SER A 2 -2.66 -11.41 -21.40
N SER A 3 -2.82 -10.86 -20.21
CA SER A 3 -4.02 -10.09 -19.87
C SER A 3 -3.71 -9.05 -18.79
N GLY A 4 -4.13 -7.81 -19.05
CA GLY A 4 -3.89 -6.74 -18.09
C GLY A 4 -3.08 -5.61 -18.68
N SER A 5 -1.84 -5.48 -18.22
CA SER A 5 -0.95 -4.43 -18.70
C SER A 5 0.50 -4.91 -18.75
N SER A 6 1.21 -4.50 -19.80
CA SER A 6 2.61 -4.90 -19.96
C SER A 6 3.52 -3.68 -19.93
N GLY A 7 4.06 -3.38 -18.75
CA GLY A 7 4.94 -2.24 -18.59
C GLY A 7 5.86 -2.38 -17.39
N PRO A 8 6.80 -1.43 -17.26
CA PRO A 8 7.76 -1.43 -16.15
C PRO A 8 7.10 -1.12 -14.81
N ALA A 9 7.39 -1.95 -13.81
CA ALA A 9 6.83 -1.77 -12.48
C ALA A 9 7.92 -1.45 -11.46
N ARG A 10 7.55 -0.74 -10.40
CA ARG A 10 8.50 -0.37 -9.36
C ARG A 10 8.20 -1.12 -8.06
N PRO A 11 9.27 -1.48 -7.33
CA PRO A 11 9.15 -2.20 -6.06
C PRO A 11 8.56 -1.34 -4.96
N PHE A 12 7.66 -1.92 -4.18
CA PHE A 12 7.01 -1.19 -3.09
C PHE A 12 6.95 -2.07 -1.83
N ARG A 13 6.72 -1.42 -0.69
CA ARG A 13 6.64 -2.14 0.58
C ARG A 13 5.25 -1.99 1.20
N VAL A 14 4.83 -3.00 1.96
CA VAL A 14 3.52 -2.98 2.60
C VAL A 14 3.60 -3.57 4.00
N SER A 15 2.81 -3.02 4.92
CA SER A 15 2.78 -3.50 6.30
C SER A 15 1.36 -3.47 6.87
N ASN A 16 1.03 -4.46 7.67
CA ASN A 16 -0.29 -4.55 8.28
C ASN A 16 -0.52 -3.39 9.24
N HIS A 17 -1.72 -3.35 9.82
CA HIS A 17 -2.08 -2.28 10.76
C HIS A 17 -1.22 -2.36 12.02
N ASP A 18 -0.70 -3.55 12.30
CA ASP A 18 0.13 -3.77 13.48
C ASP A 18 1.60 -3.51 13.16
N ARG A 19 1.86 -2.98 11.96
CA ARG A 19 3.22 -2.69 11.54
C ARG A 19 4.16 -3.81 11.94
N SER A 20 3.67 -5.05 11.88
CA SER A 20 4.48 -6.21 12.24
C SER A 20 4.74 -7.09 11.02
N SER A 21 3.90 -6.95 10.00
CA SER A 21 4.04 -7.73 8.78
C SER A 21 4.76 -6.92 7.70
N ARG A 22 5.49 -7.62 6.83
CA ARG A 22 6.22 -6.97 5.76
C ARG A 22 6.04 -7.72 4.44
N ARG A 23 5.38 -7.07 3.49
CA ARG A 23 5.14 -7.68 2.18
C ARG A 23 5.57 -6.74 1.06
N GLY A 24 6.49 -7.22 0.22
CA GLY A 24 6.96 -6.40 -0.89
C GLY A 24 6.17 -6.64 -2.16
N VAL A 25 5.67 -5.57 -2.75
CA VAL A 25 4.89 -5.66 -3.99
C VAL A 25 5.32 -4.60 -4.99
N MET A 26 5.22 -4.93 -6.27
CA MET A 26 5.59 -4.00 -7.33
C MET A 26 4.45 -3.81 -8.32
N ALA A 27 4.33 -2.60 -8.86
CA ALA A 27 3.27 -2.28 -9.81
C ALA A 27 3.59 -1.01 -10.57
N SER A 28 3.31 -1.02 -11.88
CA SER A 28 3.58 0.14 -12.72
C SER A 28 2.67 1.29 -12.36
N SER A 29 1.57 1.00 -11.67
CA SER A 29 0.61 2.02 -11.25
C SER A 29 0.06 1.70 -9.86
N LEU A 30 -0.82 2.57 -9.38
CA LEU A 30 -1.43 2.40 -8.07
C LEU A 30 -2.52 1.33 -8.11
N GLN A 31 -3.53 1.56 -8.94
CA GLN A 31 -4.63 0.61 -9.07
C GLN A 31 -4.11 -0.83 -9.09
N GLU A 32 -3.02 -1.05 -9.80
CA GLU A 32 -2.43 -2.38 -9.91
C GLU A 32 -1.92 -2.86 -8.55
N LEU A 33 -1.27 -1.95 -7.82
CA LEU A 33 -0.74 -2.28 -6.50
C LEU A 33 -1.87 -2.66 -5.53
N ILE A 34 -2.71 -1.68 -5.21
CA ILE A 34 -3.82 -1.92 -4.31
C ILE A 34 -4.41 -3.32 -4.49
N SER A 35 -4.77 -3.63 -5.73
CA SER A 35 -5.34 -4.94 -6.04
C SER A 35 -4.38 -6.05 -5.66
N LYS A 36 -3.09 -5.83 -5.87
CA LYS A 36 -2.07 -6.82 -5.55
C LYS A 36 -1.98 -7.03 -4.04
N THR A 37 -1.75 -5.95 -3.31
CA THR A 37 -1.65 -6.02 -1.85
C THR A 37 -2.73 -6.93 -1.27
N LEU A 38 -3.97 -6.69 -1.64
CA LEU A 38 -5.09 -7.49 -1.16
C LEU A 38 -4.80 -8.98 -1.33
N ASP A 39 -4.19 -9.33 -2.45
CA ASP A 39 -3.86 -10.73 -2.73
C ASP A 39 -2.63 -11.17 -1.92
N ALA A 40 -1.66 -10.27 -1.81
CA ALA A 40 -0.44 -10.58 -1.06
C ALA A 40 -0.75 -10.86 0.40
N LEU A 41 -1.58 -10.02 1.01
CA LEU A 41 -1.95 -10.20 2.41
C LEU A 41 -3.20 -11.05 2.54
N VAL A 42 -3.70 -11.53 1.40
CA VAL A 42 -4.90 -12.37 1.39
C VAL A 42 -5.95 -11.84 2.36
N ILE A 43 -6.14 -10.52 2.35
CA ILE A 43 -7.12 -9.90 3.23
C ILE A 43 -8.49 -10.54 3.07
N ALA A 44 -9.21 -10.70 4.18
CA ALA A 44 -10.54 -11.29 4.16
C ALA A 44 -11.45 -10.56 3.19
N THR A 45 -11.70 -9.28 3.48
CA THR A 45 -12.57 -8.46 2.63
C THR A 45 -11.75 -7.59 1.69
N GLY A 46 -12.43 -6.86 0.82
CA GLY A 46 -11.75 -6.00 -0.14
C GLY A 46 -11.76 -4.55 0.30
N LEU A 47 -12.67 -4.20 1.19
CA LEU A 47 -12.78 -2.83 1.68
C LEU A 47 -11.57 -2.47 2.55
N VAL A 48 -10.63 -1.74 1.96
CA VAL A 48 -9.44 -1.32 2.67
C VAL A 48 -8.96 0.05 2.22
N THR A 49 -8.05 0.65 2.98
CA THR A 49 -7.52 1.96 2.65
C THR A 49 -5.99 1.96 2.62
N LEU A 50 -5.42 2.32 1.48
CA LEU A 50 -3.97 2.35 1.32
C LEU A 50 -3.42 3.74 1.65
N VAL A 51 -2.44 3.79 2.54
CA VAL A 51 -1.83 5.06 2.93
C VAL A 51 -0.31 4.92 3.05
N LEU A 52 0.36 6.04 3.29
CA LEU A 52 1.81 6.05 3.42
C LEU A 52 2.23 5.62 4.83
N GLU A 53 3.23 4.75 4.90
CA GLU A 53 3.72 4.25 6.19
C GLU A 53 4.60 5.30 6.86
N GLU A 54 4.63 6.50 6.29
CA GLU A 54 5.44 7.58 6.84
C GLU A 54 4.57 8.56 7.62
N ASP A 55 3.53 9.08 6.96
CA ASP A 55 2.63 10.03 7.59
C ASP A 55 1.18 9.55 7.51
N GLY A 56 1.02 8.28 7.16
CA GLY A 56 -0.31 7.71 7.06
C GLY A 56 -1.18 8.44 6.05
N THR A 57 -0.53 9.09 5.08
CA THR A 57 -1.24 9.83 4.05
C THR A 57 -1.97 8.89 3.10
N VAL A 58 -3.25 9.15 2.88
CA VAL A 58 -4.06 8.34 1.98
C VAL A 58 -3.59 8.47 0.53
N VAL A 59 -3.22 7.34 -0.07
CA VAL A 59 -2.75 7.34 -1.45
C VAL A 59 -3.73 6.60 -2.36
N ASP A 60 -4.70 7.33 -2.89
CA ASP A 60 -5.70 6.75 -3.78
C ASP A 60 -5.72 7.48 -5.12
N THR A 61 -4.58 8.03 -5.50
CA THR A 61 -4.48 8.77 -6.77
C THR A 61 -3.24 8.34 -7.55
N GLU A 62 -3.37 8.27 -8.87
CA GLU A 62 -2.27 7.87 -9.73
C GLU A 62 -1.21 8.98 -9.81
N GLU A 63 -1.68 10.22 -9.86
CA GLU A 63 -0.78 11.37 -9.94
C GLU A 63 0.20 11.38 -8.77
N PHE A 64 -0.26 10.89 -7.62
CA PHE A 64 0.57 10.84 -6.42
C PHE A 64 1.42 9.57 -6.39
N PHE A 65 0.81 8.46 -6.82
CA PHE A 65 1.51 7.18 -6.83
C PHE A 65 2.62 7.18 -7.89
N GLN A 66 2.50 8.07 -8.86
CA GLN A 66 3.49 8.19 -9.92
C GLN A 66 4.70 9.00 -9.47
N THR A 67 4.50 9.81 -8.43
CA THR A 67 5.57 10.65 -7.90
C THR A 67 6.39 9.90 -6.87
N LEU A 68 5.82 8.81 -6.33
CA LEU A 68 6.50 8.01 -5.32
C LEU A 68 7.75 7.34 -5.91
N GLY A 69 8.78 7.20 -5.10
CA GLY A 69 10.01 6.58 -5.55
C GLY A 69 9.96 5.07 -5.47
N ASP A 70 11.09 4.45 -5.14
CA ASP A 70 11.15 3.00 -5.03
C ASP A 70 11.13 2.56 -3.57
N ASN A 71 10.87 1.28 -3.35
CA ASN A 71 10.81 0.73 -1.99
C ASN A 71 9.96 1.62 -1.09
N THR A 72 8.82 2.07 -1.60
CA THR A 72 7.92 2.92 -0.83
C THR A 72 7.03 2.10 0.08
N HIS A 73 7.17 2.31 1.38
CA HIS A 73 6.37 1.59 2.37
C HIS A 73 4.94 2.10 2.38
N PHE A 74 3.99 1.18 2.55
CA PHE A 74 2.58 1.54 2.58
C PHE A 74 1.88 0.89 3.78
N MET A 75 0.69 1.39 4.10
CA MET A 75 -0.09 0.85 5.22
C MET A 75 -1.51 0.52 4.78
N ILE A 76 -1.92 -0.72 5.02
CA ILE A 76 -3.26 -1.16 4.66
C ILE A 76 -4.18 -1.21 5.88
N LEU A 77 -5.34 -0.59 5.76
CA LEU A 77 -6.31 -0.58 6.86
C LEU A 77 -7.68 -1.05 6.39
N GLU A 78 -8.24 -2.02 7.10
CA GLU A 78 -9.55 -2.56 6.75
C GLU A 78 -10.67 -1.69 7.30
N LYS A 79 -11.91 -2.03 6.98
CA LYS A 79 -13.07 -1.28 7.45
C LYS A 79 -13.12 -1.26 8.97
N GLY A 80 -12.28 -0.41 9.57
CA GLY A 80 -12.25 -0.30 11.02
C GLY A 80 -10.84 -0.26 11.57
N GLN A 81 -9.94 0.37 10.82
CA GLN A 81 -8.54 0.46 11.24
C GLN A 81 -7.95 1.79 10.82
N LYS A 82 -7.04 2.33 11.64
CA LYS A 82 -6.40 3.60 11.35
C LYS A 82 -4.89 3.43 11.26
N TRP A 83 -4.21 4.43 10.72
CA TRP A 83 -2.76 4.40 10.58
C TRP A 83 -2.07 4.79 11.89
N MET A 84 -0.92 4.19 12.15
CA MET A 84 -0.17 4.47 13.36
C MET A 84 1.33 4.56 13.07
N PRO A 85 2.02 5.48 13.77
CA PRO A 85 3.46 5.69 13.60
C PRO A 85 4.27 4.52 14.13
N SER A 86 5.59 4.64 14.06
CA SER A 86 6.49 3.59 14.53
C SER A 86 6.07 3.10 15.92
N GLY A 87 5.70 1.84 16.00
CA GLY A 87 5.29 1.26 17.27
C GLY A 87 4.22 0.20 17.11
N PRO A 88 4.20 -0.77 18.04
CA PRO A 88 3.22 -1.86 18.03
C PRO A 88 1.81 -1.39 18.32
N SER A 89 0.85 -1.87 17.55
CA SER A 89 -0.54 -1.50 17.74
C SER A 89 -1.23 -2.42 18.75
N SER A 90 -1.24 -3.72 18.45
CA SER A 90 -1.85 -4.71 19.32
C SER A 90 -0.84 -5.28 20.29
N GLY A 91 -0.55 -4.54 21.37
CA GLY A 91 0.41 -5.00 22.35
C GLY A 91 1.17 -3.86 22.98
N GLY A 1 -4.16 -1.91 -14.58
CA GLY A 1 -3.20 -1.04 -15.21
C GLY A 1 -3.69 -0.51 -16.55
N SER A 2 -4.08 0.77 -16.58
CA SER A 2 -4.58 1.38 -17.79
C SER A 2 -3.86 2.70 -18.07
N SER A 3 -3.44 2.89 -19.32
CA SER A 3 -2.73 4.10 -19.72
C SER A 3 -1.80 4.58 -18.59
N GLY A 4 -1.11 3.62 -17.98
CA GLY A 4 -0.19 3.96 -16.90
C GLY A 4 1.16 4.43 -17.41
N SER A 5 2.18 4.29 -16.58
CA SER A 5 3.53 4.71 -16.95
C SER A 5 4.24 3.61 -17.74
N SER A 6 4.23 3.74 -19.06
CA SER A 6 4.88 2.75 -19.93
C SER A 6 6.22 2.32 -19.34
N GLY A 7 6.23 1.16 -18.69
CA GLY A 7 7.45 0.65 -18.11
C GLY A 7 7.20 -0.50 -17.15
N PRO A 8 8.29 -1.12 -16.67
CA PRO A 8 8.21 -2.25 -15.73
C PRO A 8 7.71 -1.83 -14.35
N ALA A 9 7.05 -2.75 -13.66
CA ALA A 9 6.53 -2.47 -12.34
C ALA A 9 7.64 -2.03 -11.39
N ARG A 10 7.29 -1.18 -10.43
CA ARG A 10 8.26 -0.69 -9.46
C ARG A 10 8.12 -1.42 -8.13
N PRO A 11 9.25 -1.63 -7.43
CA PRO A 11 9.27 -2.32 -6.14
C PRO A 11 8.65 -1.48 -5.03
N PHE A 12 7.77 -2.10 -4.25
CA PHE A 12 7.10 -1.41 -3.16
C PHE A 12 6.89 -2.35 -1.97
N ARG A 13 7.13 -1.84 -0.77
CA ARG A 13 6.96 -2.63 0.44
C ARG A 13 5.64 -2.31 1.13
N VAL A 14 4.93 -3.35 1.57
CA VAL A 14 3.65 -3.17 2.23
C VAL A 14 3.69 -3.74 3.64
N SER A 15 2.98 -3.08 4.56
CA SER A 15 2.94 -3.51 5.95
C SER A 15 1.52 -3.47 6.49
N ASN A 16 1.23 -4.34 7.46
CA ASN A 16 -0.09 -4.41 8.07
C ASN A 16 -0.30 -3.26 9.05
N HIS A 17 -1.49 -3.19 9.64
CA HIS A 17 -1.81 -2.15 10.61
C HIS A 17 -0.81 -2.16 11.76
N ASP A 18 -0.46 -3.35 12.22
CA ASP A 18 0.48 -3.50 13.32
C ASP A 18 1.93 -3.40 12.82
N ARG A 19 2.09 -2.90 11.59
CA ARG A 19 3.42 -2.76 11.00
C ARG A 19 4.32 -3.92 11.40
N SER A 20 3.79 -5.14 11.32
CA SER A 20 4.55 -6.33 11.68
C SER A 20 4.82 -7.19 10.46
N SER A 21 3.92 -7.12 9.49
CA SER A 21 4.06 -7.89 8.25
C SER A 21 4.78 -7.08 7.18
N ARG A 22 5.53 -7.78 6.33
CA ARG A 22 6.27 -7.12 5.25
C ARG A 22 6.09 -7.87 3.94
N ARG A 23 5.44 -7.22 2.98
CA ARG A 23 5.20 -7.82 1.67
C ARG A 23 5.60 -6.87 0.55
N GLY A 24 6.53 -7.31 -0.29
CA GLY A 24 6.99 -6.49 -1.39
C GLY A 24 6.25 -6.78 -2.68
N VAL A 25 5.49 -5.81 -3.16
CA VAL A 25 4.74 -5.97 -4.40
C VAL A 25 5.26 -5.05 -5.49
N MET A 26 5.23 -5.54 -6.73
CA MET A 26 5.71 -4.76 -7.87
C MET A 26 4.55 -4.36 -8.78
N ALA A 27 4.22 -3.08 -8.79
CA ALA A 27 3.14 -2.57 -9.62
C ALA A 27 3.57 -1.35 -10.42
N SER A 28 2.94 -1.13 -11.57
CA SER A 28 3.27 0.00 -12.42
C SER A 28 2.56 1.27 -11.95
N SER A 29 1.34 1.11 -11.43
CA SER A 29 0.57 2.24 -10.95
C SER A 29 0.06 1.97 -9.53
N LEU A 30 -0.75 2.90 -9.02
CA LEU A 30 -1.31 2.77 -7.68
C LEU A 30 -2.41 1.71 -7.64
N GLN A 31 -3.43 1.91 -8.46
CA GLN A 31 -4.55 0.97 -8.53
C GLN A 31 -4.05 -0.47 -8.63
N GLU A 32 -3.02 -0.67 -9.44
CA GLU A 32 -2.45 -2.00 -9.63
C GLU A 32 -1.93 -2.56 -8.30
N LEU A 33 -1.23 -1.74 -7.55
CA LEU A 33 -0.68 -2.16 -6.26
C LEU A 33 -1.79 -2.56 -5.30
N ILE A 34 -2.60 -1.59 -4.88
CA ILE A 34 -3.71 -1.85 -3.98
C ILE A 34 -4.33 -3.22 -4.24
N SER A 35 -4.86 -3.40 -5.45
CA SER A 35 -5.49 -4.65 -5.82
C SER A 35 -4.57 -5.83 -5.53
N LYS A 36 -3.30 -5.69 -5.93
CA LYS A 36 -2.32 -6.75 -5.71
C LYS A 36 -2.20 -7.09 -4.23
N THR A 37 -1.95 -6.05 -3.42
CA THR A 37 -1.82 -6.25 -1.98
C THR A 37 -2.88 -7.20 -1.44
N LEU A 38 -4.13 -6.76 -1.48
CA LEU A 38 -5.24 -7.58 -0.99
C LEU A 38 -5.03 -9.05 -1.34
N ASP A 39 -4.49 -9.30 -2.54
CA ASP A 39 -4.23 -10.66 -2.99
C ASP A 39 -3.01 -11.24 -2.27
N ALA A 40 -1.90 -10.52 -2.32
CA ALA A 40 -0.68 -10.97 -1.67
C ALA A 40 -0.91 -11.28 -0.20
N LEU A 41 -1.37 -10.28 0.55
CA LEU A 41 -1.63 -10.44 1.97
C LEU A 41 -2.84 -11.35 2.20
N VAL A 42 -3.54 -11.68 1.12
CA VAL A 42 -4.72 -12.53 1.19
C VAL A 42 -5.67 -12.07 2.29
N ILE A 43 -6.00 -10.78 2.26
CA ILE A 43 -6.90 -10.21 3.25
C ILE A 43 -8.29 -10.82 3.15
N ALA A 44 -8.90 -11.10 4.30
CA ALA A 44 -10.23 -11.69 4.34
C ALA A 44 -11.21 -10.91 3.49
N THR A 45 -11.46 -9.66 3.87
CA THR A 45 -12.38 -8.79 3.13
C THR A 45 -11.62 -7.92 2.14
N GLY A 46 -12.37 -7.30 1.22
CA GLY A 46 -11.76 -6.44 0.22
C GLY A 46 -11.67 -5.00 0.68
N LEU A 47 -12.74 -4.51 1.29
CA LEU A 47 -12.79 -3.13 1.77
C LEU A 47 -11.53 -2.80 2.57
N VAL A 48 -10.69 -1.93 2.02
CA VAL A 48 -9.46 -1.52 2.69
C VAL A 48 -9.02 -0.14 2.24
N THR A 49 -8.01 0.41 2.92
CA THR A 49 -7.49 1.73 2.59
C THR A 49 -5.97 1.74 2.57
N LEU A 50 -5.41 2.16 1.45
CA LEU A 50 -3.95 2.22 1.31
C LEU A 50 -3.42 3.60 1.69
N VAL A 51 -2.43 3.62 2.57
CA VAL A 51 -1.82 4.86 3.03
C VAL A 51 -0.30 4.75 3.09
N LEU A 52 0.36 5.88 3.30
CA LEU A 52 1.82 5.91 3.38
C LEU A 52 2.28 5.46 4.77
N GLU A 53 3.39 4.72 4.80
CA GLU A 53 3.94 4.23 6.05
C GLU A 53 4.81 5.29 6.73
N GLU A 54 4.59 6.55 6.34
CA GLU A 54 5.35 7.65 6.91
C GLU A 54 4.45 8.58 7.73
N ASP A 55 3.32 8.97 7.15
CA ASP A 55 2.38 9.84 7.83
C ASP A 55 0.97 9.25 7.80
N GLY A 56 0.80 8.16 7.05
CA GLY A 56 -0.49 7.52 6.95
C GLY A 56 -1.44 8.26 6.04
N THR A 57 -0.90 8.89 5.00
CA THR A 57 -1.70 9.64 4.05
C THR A 57 -2.39 8.71 3.05
N VAL A 58 -3.70 8.87 2.91
CA VAL A 58 -4.48 8.04 1.99
C VAL A 58 -4.13 8.36 0.54
N VAL A 59 -3.51 7.41 -0.13
CA VAL A 59 -3.12 7.57 -1.52
C VAL A 59 -4.22 7.07 -2.47
N ASP A 60 -5.09 7.98 -2.88
CA ASP A 60 -6.18 7.63 -3.78
C ASP A 60 -6.00 8.29 -5.14
N THR A 61 -4.76 8.69 -5.44
CA THR A 61 -4.46 9.34 -6.70
C THR A 61 -3.24 8.70 -7.37
N GLU A 62 -3.27 8.65 -8.70
CA GLU A 62 -2.16 8.06 -9.45
C GLU A 62 -1.00 9.04 -9.56
N GLU A 63 -1.32 10.33 -9.59
CA GLU A 63 -0.30 11.36 -9.69
C GLU A 63 0.60 11.37 -8.45
N PHE A 64 0.01 11.11 -7.30
CA PHE A 64 0.75 11.08 -6.04
C PHE A 64 1.57 9.80 -5.92
N PHE A 65 1.09 8.74 -6.56
CA PHE A 65 1.78 7.46 -6.53
C PHE A 65 2.92 7.43 -7.54
N GLN A 66 2.74 8.12 -8.66
CA GLN A 66 3.75 8.17 -9.71
C GLN A 66 4.99 8.92 -9.23
N THR A 67 4.83 9.69 -8.15
CA THR A 67 5.94 10.46 -7.60
C THR A 67 6.72 9.64 -6.58
N LEU A 68 6.03 8.75 -5.88
CA LEU A 68 6.64 7.91 -4.86
C LEU A 68 7.82 7.14 -5.46
N GLY A 69 8.93 7.13 -4.74
CA GLY A 69 10.11 6.41 -5.20
C GLY A 69 9.98 4.91 -5.05
N ASP A 70 11.07 4.19 -5.27
CA ASP A 70 11.07 2.73 -5.16
C ASP A 70 11.21 2.29 -3.71
N ASN A 71 10.77 1.07 -3.42
CA ASN A 71 10.85 0.53 -2.07
C ASN A 71 10.06 1.40 -1.09
N THR A 72 8.95 1.94 -1.56
CA THR A 72 8.10 2.79 -0.72
C THR A 72 7.24 1.96 0.22
N HIS A 73 7.34 2.25 1.51
CA HIS A 73 6.57 1.53 2.52
C HIS A 73 5.13 2.04 2.57
N PHE A 74 4.17 1.11 2.57
CA PHE A 74 2.77 1.47 2.62
C PHE A 74 2.06 0.75 3.78
N MET A 75 0.88 1.24 4.12
CA MET A 75 0.09 0.64 5.20
C MET A 75 -1.34 0.38 4.76
N ILE A 76 -1.80 -0.85 4.96
CA ILE A 76 -3.16 -1.24 4.58
C ILE A 76 -4.06 -1.31 5.80
N LEU A 77 -5.14 -0.54 5.76
CA LEU A 77 -6.10 -0.51 6.87
C LEU A 77 -7.44 -1.10 6.44
N GLU A 78 -7.96 -2.03 7.24
CA GLU A 78 -9.23 -2.67 6.94
C GLU A 78 -10.40 -1.74 7.24
N LYS A 79 -11.60 -2.17 6.89
CA LYS A 79 -12.80 -1.37 7.13
C LYS A 79 -13.03 -1.15 8.62
N GLY A 80 -12.52 -0.04 9.13
CA GLY A 80 -12.67 0.27 10.55
C GLY A 80 -11.34 0.38 11.27
N GLN A 81 -10.31 0.81 10.54
CA GLN A 81 -8.98 0.97 11.12
C GLN A 81 -8.33 2.27 10.65
N LYS A 82 -7.39 2.76 11.45
CA LYS A 82 -6.69 4.00 11.12
C LYS A 82 -5.18 3.81 11.22
N TRP A 83 -4.43 4.76 10.66
CA TRP A 83 -2.98 4.70 10.70
C TRP A 83 -2.44 5.29 11.99
N MET A 84 -1.31 4.77 12.45
CA MET A 84 -0.68 5.24 13.68
C MET A 84 0.81 5.50 13.47
N PRO A 85 1.33 6.52 14.16
CA PRO A 85 2.75 6.89 14.07
C PRO A 85 3.67 5.85 14.72
N SER A 86 4.96 6.12 14.70
CA SER A 86 5.94 5.20 15.28
C SER A 86 6.66 5.85 16.46
N GLY A 87 5.99 6.82 17.08
CA GLY A 87 6.58 7.52 18.22
C GLY A 87 6.20 8.98 18.26
N PRO A 88 6.64 9.68 19.32
CA PRO A 88 6.35 11.11 19.50
C PRO A 88 7.10 11.98 18.51
N SER A 89 8.24 11.48 18.03
CA SER A 89 9.06 12.21 17.09
C SER A 89 8.26 12.56 15.84
N SER A 90 8.51 13.75 15.29
CA SER A 90 7.82 14.22 14.10
C SER A 90 6.30 14.09 14.28
N GLY A 91 5.82 14.42 15.47
CA GLY A 91 4.39 14.33 15.74
C GLY A 91 3.85 12.94 15.54
N GLY A 1 -9.29 -15.63 -12.23
CA GLY A 1 -7.99 -14.97 -12.18
C GLY A 1 -7.04 -15.49 -13.23
N SER A 2 -5.85 -15.91 -12.80
CA SER A 2 -4.84 -16.44 -13.70
C SER A 2 -4.38 -15.35 -14.68
N SER A 3 -4.20 -14.14 -14.17
CA SER A 3 -3.75 -13.02 -14.99
C SER A 3 -2.24 -12.86 -14.91
N GLY A 4 -1.68 -12.18 -15.92
CA GLY A 4 -0.24 -11.97 -15.95
C GLY A 4 0.13 -10.51 -15.75
N SER A 5 0.79 -9.93 -16.76
CA SER A 5 1.21 -8.54 -16.69
C SER A 5 1.28 -7.93 -18.09
N SER A 6 1.27 -6.60 -18.15
CA SER A 6 1.33 -5.90 -19.42
C SER A 6 2.71 -5.29 -19.64
N GLY A 7 3.27 -4.71 -18.58
CA GLY A 7 4.59 -4.11 -18.68
C GLY A 7 5.35 -4.16 -17.37
N PRO A 8 6.34 -3.27 -17.21
CA PRO A 8 7.17 -3.21 -16.00
C PRO A 8 6.38 -2.72 -14.79
N ALA A 9 7.08 -2.58 -13.66
CA ALA A 9 6.45 -2.11 -12.44
C ALA A 9 7.49 -1.60 -11.44
N ARG A 10 7.04 -0.87 -10.44
CA ARG A 10 7.93 -0.32 -9.43
C ARG A 10 7.77 -1.07 -8.10
N PRO A 11 8.90 -1.26 -7.40
CA PRO A 11 8.91 -1.95 -6.10
C PRO A 11 8.24 -1.15 -5.00
N PHE A 12 7.58 -1.84 -4.08
CA PHE A 12 6.90 -1.17 -2.97
C PHE A 12 6.79 -2.10 -1.76
N ARG A 13 6.75 -1.51 -0.57
CA ARG A 13 6.65 -2.29 0.66
C ARG A 13 5.28 -2.11 1.32
N VAL A 14 4.77 -3.17 1.91
CA VAL A 14 3.47 -3.13 2.57
C VAL A 14 3.56 -3.65 3.99
N SER A 15 2.83 -3.01 4.90
CA SER A 15 2.84 -3.41 6.31
C SER A 15 1.43 -3.37 6.88
N ASN A 16 1.07 -4.41 7.64
CA ASN A 16 -0.25 -4.50 8.24
C ASN A 16 -0.45 -3.39 9.28
N HIS A 17 -1.67 -3.26 9.77
CA HIS A 17 -2.00 -2.25 10.76
C HIS A 17 -1.06 -2.34 11.97
N ASP A 18 -0.76 -3.57 12.38
CA ASP A 18 0.13 -3.80 13.51
C ASP A 18 1.59 -3.66 13.10
N ARG A 19 1.82 -3.15 11.91
CA ARG A 19 3.17 -2.96 11.39
C ARG A 19 4.08 -4.11 11.84
N SER A 20 3.59 -5.33 11.71
CA SER A 20 4.35 -6.50 12.11
C SER A 20 4.76 -7.32 10.90
N SER A 21 3.92 -7.31 9.87
CA SER A 21 4.19 -8.06 8.65
C SER A 21 4.94 -7.20 7.64
N ARG A 22 5.58 -7.84 6.66
CA ARG A 22 6.32 -7.13 5.64
C ARG A 22 6.17 -7.80 4.29
N ARG A 23 5.53 -7.10 3.35
CA ARG A 23 5.31 -7.64 2.01
C ARG A 23 5.74 -6.63 0.95
N GLY A 24 6.68 -7.04 0.10
CA GLY A 24 7.16 -6.16 -0.95
C GLY A 24 6.50 -6.44 -2.28
N VAL A 25 5.51 -5.62 -2.63
CA VAL A 25 4.79 -5.78 -3.89
C VAL A 25 5.26 -4.76 -4.93
N MET A 26 5.28 -5.17 -6.19
CA MET A 26 5.71 -4.30 -7.26
C MET A 26 4.55 -4.01 -8.22
N ALA A 27 4.43 -2.76 -8.64
CA ALA A 27 3.37 -2.36 -9.55
C ALA A 27 3.74 -1.09 -10.30
N SER A 28 3.27 -0.97 -11.54
CA SER A 28 3.56 0.19 -12.36
C SER A 28 2.71 1.39 -11.93
N SER A 29 1.49 1.11 -11.48
CA SER A 29 0.58 2.16 -11.04
C SER A 29 0.03 1.85 -9.65
N LEU A 30 -0.83 2.74 -9.15
CA LEU A 30 -1.43 2.56 -7.84
C LEU A 30 -2.51 1.48 -7.87
N GLN A 31 -3.54 1.72 -8.67
CA GLN A 31 -4.64 0.77 -8.80
C GLN A 31 -4.12 -0.66 -8.88
N GLU A 32 -3.00 -0.85 -9.58
CA GLU A 32 -2.40 -2.17 -9.73
C GLU A 32 -1.90 -2.70 -8.39
N LEU A 33 -1.23 -1.84 -7.63
CA LEU A 33 -0.70 -2.22 -6.32
C LEU A 33 -1.83 -2.62 -5.38
N ILE A 34 -2.71 -1.68 -5.08
CA ILE A 34 -3.84 -1.94 -4.20
C ILE A 34 -4.41 -3.34 -4.42
N SER A 35 -4.79 -3.62 -5.66
CA SER A 35 -5.36 -4.91 -6.01
C SER A 35 -4.38 -6.04 -5.68
N LYS A 36 -3.10 -5.79 -5.91
CA LYS A 36 -2.06 -6.77 -5.62
C LYS A 36 -1.97 -7.06 -4.13
N THR A 37 -1.77 -6.01 -3.34
CA THR A 37 -1.68 -6.16 -1.90
C THR A 37 -2.75 -7.10 -1.36
N LEU A 38 -4.00 -6.82 -1.70
CA LEU A 38 -5.11 -7.64 -1.24
C LEU A 38 -4.84 -9.12 -1.49
N ASP A 39 -4.28 -9.42 -2.66
CA ASP A 39 -3.95 -10.80 -3.02
C ASP A 39 -2.79 -11.32 -2.18
N ALA A 40 -1.73 -10.53 -2.09
CA ALA A 40 -0.56 -10.91 -1.32
C ALA A 40 -0.91 -11.14 0.14
N LEU A 41 -1.38 -10.08 0.81
CA LEU A 41 -1.76 -10.16 2.21
C LEU A 41 -2.93 -11.12 2.40
N VAL A 42 -3.50 -11.57 1.30
CA VAL A 42 -4.63 -12.49 1.34
C VAL A 42 -5.68 -12.03 2.35
N ILE A 43 -6.06 -10.76 2.27
CA ILE A 43 -7.06 -10.20 3.17
C ILE A 43 -8.42 -10.85 2.98
N ALA A 44 -9.16 -11.00 4.06
CA ALA A 44 -10.49 -11.60 4.00
C ALA A 44 -11.43 -10.78 3.14
N THR A 45 -11.62 -9.52 3.52
CA THR A 45 -12.50 -8.62 2.79
C THR A 45 -11.71 -7.73 1.82
N GLY A 46 -12.43 -7.00 0.98
CA GLY A 46 -11.77 -6.13 0.02
C GLY A 46 -11.73 -4.68 0.48
N LEU A 47 -12.81 -4.24 1.12
CA LEU A 47 -12.89 -2.87 1.61
C LEU A 47 -11.67 -2.53 2.47
N VAL A 48 -10.72 -1.81 1.87
CA VAL A 48 -9.51 -1.40 2.57
C VAL A 48 -9.05 -0.02 2.12
N THR A 49 -8.11 0.55 2.86
CA THR A 49 -7.58 1.87 2.54
C THR A 49 -6.06 1.87 2.56
N LEU A 50 -5.45 2.26 1.44
CA LEU A 50 -4.00 2.32 1.33
C LEU A 50 -3.47 3.71 1.65
N VAL A 51 -2.50 3.78 2.56
CA VAL A 51 -1.92 5.05 2.96
C VAL A 51 -0.41 4.93 3.14
N LEU A 52 0.26 6.06 3.28
CA LEU A 52 1.71 6.08 3.45
C LEU A 52 2.09 5.60 4.85
N GLU A 53 3.07 4.71 4.92
CA GLU A 53 3.52 4.17 6.20
C GLU A 53 4.44 5.16 6.91
N GLU A 54 4.48 6.38 6.39
CA GLU A 54 5.32 7.43 6.98
C GLU A 54 4.46 8.54 7.58
N ASP A 55 3.44 8.96 6.84
CA ASP A 55 2.55 10.01 7.31
C ASP A 55 1.12 9.50 7.42
N GLY A 56 0.89 8.29 6.93
CA GLY A 56 -0.43 7.70 6.99
C GLY A 56 -1.40 8.35 6.01
N THR A 57 -0.85 9.02 5.01
CA THR A 57 -1.67 9.70 4.00
C THR A 57 -2.23 8.70 3.00
N VAL A 58 -3.54 8.75 2.77
CA VAL A 58 -4.20 7.86 1.83
C VAL A 58 -3.90 8.25 0.39
N VAL A 59 -3.44 7.28 -0.40
CA VAL A 59 -3.12 7.53 -1.80
C VAL A 59 -4.23 7.03 -2.72
N ASP A 60 -5.01 7.97 -3.25
CA ASP A 60 -6.12 7.62 -4.15
C ASP A 60 -5.87 8.19 -5.55
N THR A 61 -4.73 8.86 -5.71
CA THR A 61 -4.38 9.45 -7.01
C THR A 61 -3.17 8.76 -7.61
N GLU A 62 -3.21 8.53 -8.91
CA GLU A 62 -2.11 7.87 -9.61
C GLU A 62 -0.91 8.80 -9.73
N GLU A 63 -1.18 10.08 -9.94
CA GLU A 63 -0.12 11.08 -10.06
C GLU A 63 0.75 11.11 -8.82
N PHE A 64 0.11 10.94 -7.66
CA PHE A 64 0.83 10.95 -6.38
C PHE A 64 1.60 9.64 -6.18
N PHE A 65 0.98 8.54 -6.59
CA PHE A 65 1.61 7.23 -6.46
C PHE A 65 2.76 7.06 -7.44
N GLN A 66 2.70 7.80 -8.54
CA GLN A 66 3.74 7.74 -9.56
C GLN A 66 4.96 8.58 -9.15
N THR A 67 4.75 9.50 -8.22
CA THR A 67 5.82 10.36 -7.74
C THR A 67 6.56 9.72 -6.57
N LEU A 68 5.97 8.67 -6.02
CA LEU A 68 6.58 7.97 -4.88
C LEU A 68 7.83 7.21 -5.32
N GLY A 69 8.93 7.45 -4.61
CA GLY A 69 10.18 6.78 -4.94
C GLY A 69 10.03 5.27 -4.97
N ASP A 70 11.16 4.56 -5.07
CA ASP A 70 11.15 3.11 -5.10
C ASP A 70 11.20 2.54 -3.69
N ASN A 71 10.60 1.37 -3.52
CA ASN A 71 10.57 0.70 -2.22
C ASN A 71 9.79 1.54 -1.21
N THR A 72 8.73 2.18 -1.67
CA THR A 72 7.91 3.01 -0.80
C THR A 72 7.02 2.16 0.11
N HIS A 73 7.10 2.42 1.40
CA HIS A 73 6.30 1.67 2.38
C HIS A 73 4.85 2.14 2.37
N PHE A 74 3.93 1.20 2.55
CA PHE A 74 2.51 1.51 2.56
C PHE A 74 1.81 0.89 3.77
N MET A 75 0.60 1.35 4.06
CA MET A 75 -0.16 0.85 5.19
C MET A 75 -1.58 0.50 4.78
N ILE A 76 -1.97 -0.76 4.99
CA ILE A 76 -3.31 -1.21 4.63
C ILE A 76 -4.23 -1.23 5.86
N LEU A 77 -5.35 -0.52 5.75
CA LEU A 77 -6.32 -0.45 6.84
C LEU A 77 -7.69 -0.94 6.38
N GLU A 78 -8.23 -1.91 7.11
CA GLU A 78 -9.54 -2.46 6.78
C GLU A 78 -10.66 -1.59 7.35
N LYS A 79 -11.90 -1.95 7.03
CA LYS A 79 -13.06 -1.21 7.50
C LYS A 79 -13.11 -1.19 9.03
N GLY A 80 -12.28 -0.34 9.63
CA GLY A 80 -12.24 -0.24 11.09
C GLY A 80 -10.83 -0.21 11.63
N GLN A 81 -9.95 0.50 10.93
CA GLN A 81 -8.55 0.61 11.36
C GLN A 81 -7.97 1.96 10.97
N LYS A 82 -6.93 2.38 11.68
CA LYS A 82 -6.28 3.66 11.41
C LYS A 82 -4.77 3.48 11.27
N TRP A 83 -4.11 4.50 10.73
CA TRP A 83 -2.67 4.45 10.55
C TRP A 83 -1.94 4.90 11.81
N MET A 84 -0.78 4.30 12.07
CA MET A 84 0.01 4.64 13.25
C MET A 84 1.47 4.87 12.87
N PRO A 85 2.11 5.83 13.54
CA PRO A 85 3.51 6.18 13.29
C PRO A 85 4.47 5.08 13.77
N SER A 86 5.76 5.34 13.62
CA SER A 86 6.78 4.37 14.03
C SER A 86 7.35 4.73 15.40
N GLY A 87 7.37 3.75 16.30
CA GLY A 87 7.89 3.99 17.64
C GLY A 87 8.53 2.75 18.23
N PRO A 88 9.27 2.93 19.33
CA PRO A 88 9.96 1.83 20.02
C PRO A 88 8.99 0.89 20.71
N SER A 89 7.73 1.29 20.79
CA SER A 89 6.70 0.48 21.43
C SER A 89 6.21 -0.61 20.49
N SER A 90 7.14 -1.37 19.94
CA SER A 90 6.81 -2.46 19.02
C SER A 90 7.68 -3.69 19.28
N GLY A 91 7.34 -4.79 18.62
CA GLY A 91 8.10 -6.02 18.79
C GLY A 91 7.61 -7.14 17.90
N GLY A 1 -9.13 -10.05 -10.35
CA GLY A 1 -8.67 -8.68 -10.36
C GLY A 1 -8.98 -7.98 -11.67
N SER A 2 -8.13 -7.03 -12.05
CA SER A 2 -8.31 -6.28 -13.28
C SER A 2 -7.20 -6.60 -14.28
N SER A 3 -7.47 -6.33 -15.56
CA SER A 3 -6.50 -6.59 -16.62
C SER A 3 -5.36 -5.57 -16.57
N GLY A 4 -4.20 -5.96 -17.09
CA GLY A 4 -3.05 -5.07 -17.11
C GLY A 4 -1.74 -5.81 -17.00
N SER A 5 -1.13 -6.11 -18.14
CA SER A 5 0.14 -6.83 -18.17
C SER A 5 1.12 -6.14 -19.10
N SER A 6 1.20 -4.82 -19.01
CA SER A 6 2.11 -4.04 -19.85
C SER A 6 2.65 -2.84 -19.09
N GLY A 7 3.96 -2.85 -18.85
CA GLY A 7 4.59 -1.76 -18.14
C GLY A 7 5.44 -2.23 -16.97
N PRO A 8 6.55 -1.53 -16.72
CA PRO A 8 7.47 -1.87 -15.63
C PRO A 8 6.86 -1.61 -14.25
N ALA A 9 7.07 -2.54 -13.33
CA ALA A 9 6.53 -2.41 -11.98
C ALA A 9 7.62 -1.96 -11.01
N ARG A 10 7.28 -1.03 -10.12
CA ARG A 10 8.23 -0.52 -9.15
C ARG A 10 8.08 -1.24 -7.82
N PRO A 11 9.22 -1.46 -7.13
CA PRO A 11 9.24 -2.15 -5.84
C PRO A 11 8.62 -1.30 -4.72
N PHE A 12 7.82 -1.96 -3.87
CA PHE A 12 7.16 -1.26 -2.76
C PHE A 12 6.95 -2.20 -1.59
N ARG A 13 7.20 -1.69 -0.39
CA ARG A 13 7.05 -2.49 0.83
C ARG A 13 5.71 -2.18 1.51
N VAL A 14 4.93 -3.23 1.74
CA VAL A 14 3.62 -3.08 2.39
C VAL A 14 3.65 -3.63 3.81
N SER A 15 2.85 -3.03 4.69
CA SER A 15 2.78 -3.45 6.08
C SER A 15 1.33 -3.47 6.57
N ASN A 16 0.99 -4.49 7.35
CA ASN A 16 -0.35 -4.63 7.89
C ASN A 16 -0.73 -3.42 8.74
N HIS A 17 -1.96 -3.44 9.25
CA HIS A 17 -2.44 -2.33 10.09
C HIS A 17 -1.60 -2.19 11.34
N ASP A 18 -1.33 -3.31 12.00
CA ASP A 18 -0.54 -3.32 13.23
C ASP A 18 0.95 -3.48 12.91
N ARG A 19 1.30 -3.31 11.64
CA ARG A 19 2.68 -3.45 11.20
C ARG A 19 3.28 -4.76 11.70
N SER A 20 2.55 -5.85 11.51
CA SER A 20 3.01 -7.17 11.95
C SER A 20 3.47 -8.01 10.76
N SER A 21 2.89 -7.72 9.59
CA SER A 21 3.23 -8.46 8.37
C SER A 21 3.99 -7.56 7.39
N ARG A 22 4.87 -8.17 6.61
CA ARG A 22 5.65 -7.43 5.62
C ARG A 22 5.54 -8.07 4.25
N ARG A 23 4.92 -7.35 3.31
CA ARG A 23 4.74 -7.86 1.95
C ARG A 23 5.17 -6.81 0.93
N GLY A 24 6.13 -7.16 0.09
CA GLY A 24 6.61 -6.24 -0.92
C GLY A 24 6.07 -6.57 -2.30
N VAL A 25 5.13 -5.76 -2.77
CA VAL A 25 4.54 -5.97 -4.09
C VAL A 25 5.15 -5.04 -5.13
N MET A 26 5.20 -5.51 -6.38
CA MET A 26 5.77 -4.72 -7.46
C MET A 26 4.71 -4.37 -8.49
N ALA A 27 4.24 -3.12 -8.45
CA ALA A 27 3.23 -2.67 -9.39
C ALA A 27 3.71 -1.45 -10.17
N SER A 28 3.12 -1.22 -11.34
CA SER A 28 3.48 -0.10 -12.19
C SER A 28 2.70 1.15 -11.80
N SER A 29 1.46 0.96 -11.38
CA SER A 29 0.60 2.07 -10.99
C SER A 29 0.08 1.88 -9.57
N LEU A 30 -0.77 2.79 -9.12
CA LEU A 30 -1.34 2.74 -7.78
C LEU A 30 -2.39 1.64 -7.69
N GLN A 31 -3.40 1.73 -8.55
CA GLN A 31 -4.49 0.75 -8.56
C GLN A 31 -3.92 -0.67 -8.60
N GLU A 32 -3.10 -0.95 -9.60
CA GLU A 32 -2.50 -2.27 -9.74
C GLU A 32 -1.96 -2.78 -8.40
N LEU A 33 -1.30 -1.89 -7.67
CA LEU A 33 -0.73 -2.25 -6.37
C LEU A 33 -1.83 -2.66 -5.40
N ILE A 34 -2.62 -1.69 -4.96
CA ILE A 34 -3.71 -1.95 -4.03
C ILE A 34 -4.34 -3.31 -4.29
N SER A 35 -4.88 -3.48 -5.49
CA SER A 35 -5.52 -4.74 -5.87
C SER A 35 -4.63 -5.93 -5.53
N LYS A 36 -3.34 -5.80 -5.82
CA LYS A 36 -2.38 -6.86 -5.55
C LYS A 36 -2.22 -7.07 -4.05
N THR A 37 -1.90 -6.01 -3.33
CA THR A 37 -1.71 -6.07 -1.89
C THR A 37 -2.76 -6.97 -1.25
N LEU A 38 -4.02 -6.79 -1.63
CA LEU A 38 -5.12 -7.59 -1.09
C LEU A 38 -4.81 -9.08 -1.23
N ASP A 39 -4.54 -9.51 -2.46
CA ASP A 39 -4.24 -10.90 -2.73
C ASP A 39 -2.96 -11.33 -2.01
N ALA A 40 -1.91 -10.55 -2.18
CA ALA A 40 -0.63 -10.84 -1.55
C ALA A 40 -0.80 -11.07 -0.04
N LEU A 41 -1.25 -10.04 0.65
CA LEU A 41 -1.45 -10.13 2.10
C LEU A 41 -2.63 -11.04 2.42
N VAL A 42 -3.35 -11.47 1.39
CA VAL A 42 -4.50 -12.35 1.56
C VAL A 42 -5.44 -11.81 2.64
N ILE A 43 -5.87 -10.56 2.46
CA ILE A 43 -6.78 -9.93 3.41
C ILE A 43 -8.13 -10.62 3.42
N ALA A 44 -8.74 -10.71 4.60
CA ALA A 44 -10.05 -11.35 4.74
C ALA A 44 -11.09 -10.65 3.86
N THR A 45 -11.29 -9.36 4.10
CA THR A 45 -12.25 -8.58 3.33
C THR A 45 -11.59 -7.86 2.17
N GLY A 46 -12.38 -7.12 1.41
CA GLY A 46 -11.86 -6.39 0.27
C GLY A 46 -11.77 -4.90 0.53
N LEU A 47 -12.66 -4.40 1.38
CA LEU A 47 -12.67 -2.98 1.71
C LEU A 47 -11.47 -2.59 2.55
N VAL A 48 -10.46 -2.01 1.90
CA VAL A 48 -9.24 -1.59 2.59
C VAL A 48 -8.74 -0.25 2.06
N THR A 49 -7.98 0.45 2.88
CA THR A 49 -7.43 1.75 2.50
C THR A 49 -5.91 1.73 2.48
N LEU A 50 -5.33 2.26 1.41
CA LEU A 50 -3.88 2.31 1.27
C LEU A 50 -3.34 3.69 1.61
N VAL A 51 -2.32 3.74 2.46
CA VAL A 51 -1.70 4.99 2.87
C VAL A 51 -0.19 4.87 2.93
N LEU A 52 0.48 5.99 3.23
CA LEU A 52 1.93 6.01 3.32
C LEU A 52 2.39 5.62 4.72
N GLU A 53 3.50 4.89 4.81
CA GLU A 53 4.04 4.47 6.08
C GLU A 53 4.91 5.55 6.71
N GLU A 54 4.67 6.79 6.28
CA GLU A 54 5.42 7.93 6.80
C GLU A 54 4.54 8.84 7.64
N ASP A 55 3.40 9.24 7.08
CA ASP A 55 2.46 10.10 7.79
C ASP A 55 1.03 9.59 7.63
N GLY A 56 0.88 8.43 6.98
CA GLY A 56 -0.43 7.86 6.77
C GLY A 56 -1.30 8.70 5.86
N THR A 57 -0.75 9.06 4.70
CA THR A 57 -1.48 9.88 3.73
C THR A 57 -2.19 9.00 2.71
N VAL A 58 -3.51 8.86 2.86
CA VAL A 58 -4.31 8.06 1.95
C VAL A 58 -3.88 8.29 0.50
N VAL A 59 -3.37 7.24 -0.12
CA VAL A 59 -2.92 7.31 -1.51
C VAL A 59 -3.89 6.58 -2.44
N ASP A 60 -4.84 7.33 -2.99
CA ASP A 60 -5.82 6.75 -3.91
C ASP A 60 -5.80 7.46 -5.26
N THR A 61 -4.64 8.00 -5.60
CA THR A 61 -4.48 8.70 -6.87
C THR A 61 -3.21 8.27 -7.59
N GLU A 62 -3.18 8.46 -8.90
CA GLU A 62 -2.02 8.09 -9.70
C GLU A 62 -0.99 9.20 -9.72
N GLU A 63 -1.45 10.44 -9.53
CA GLU A 63 -0.57 11.60 -9.52
C GLU A 63 0.28 11.62 -8.25
N PHE A 64 -0.29 11.11 -7.16
CA PHE A 64 0.41 11.08 -5.88
C PHE A 64 1.25 9.81 -5.75
N PHE A 65 0.84 8.77 -6.46
CA PHE A 65 1.57 7.50 -6.42
C PHE A 65 2.67 7.46 -7.47
N GLN A 66 2.40 8.05 -8.63
CA GLN A 66 3.36 8.09 -9.73
C GLN A 66 4.53 9.02 -9.38
N THR A 67 4.31 9.91 -8.42
CA THR A 67 5.35 10.85 -8.00
C THR A 67 6.33 10.19 -7.05
N LEU A 68 5.82 9.29 -6.22
CA LEU A 68 6.66 8.58 -5.25
C LEU A 68 7.92 8.03 -5.92
N GLY A 69 8.86 7.57 -5.11
CA GLY A 69 10.09 7.02 -5.64
C GLY A 69 10.12 5.51 -5.60
N ASP A 70 11.32 4.94 -5.46
CA ASP A 70 11.48 3.49 -5.42
C ASP A 70 11.60 2.99 -3.98
N ASN A 71 11.04 1.82 -3.72
CA ASN A 71 11.09 1.23 -2.38
C ASN A 71 10.27 2.07 -1.39
N THR A 72 9.12 2.55 -1.85
CA THR A 72 8.24 3.35 -1.01
C THR A 72 7.36 2.48 -0.13
N HIS A 73 7.46 2.67 1.18
CA HIS A 73 6.68 1.90 2.13
C HIS A 73 5.22 2.33 2.10
N PHE A 74 4.33 1.42 2.51
CA PHE A 74 2.90 1.71 2.53
C PHE A 74 2.23 1.05 3.73
N MET A 75 1.01 1.48 4.03
CA MET A 75 0.26 0.94 5.15
C MET A 75 -1.16 0.56 4.73
N ILE A 76 -1.56 -0.67 5.03
CA ILE A 76 -2.89 -1.14 4.69
C ILE A 76 -3.81 -1.13 5.90
N LEU A 77 -5.00 -0.57 5.73
CA LEU A 77 -5.97 -0.49 6.81
C LEU A 77 -7.32 -1.04 6.36
N GLU A 78 -7.78 -2.11 7.02
CA GLU A 78 -9.05 -2.72 6.68
C GLU A 78 -10.21 -1.83 7.09
N LYS A 79 -11.43 -2.24 6.75
CA LYS A 79 -12.62 -1.47 7.08
C LYS A 79 -12.78 -1.34 8.59
N GLY A 80 -12.27 -0.23 9.14
CA GLY A 80 -12.36 -0.01 10.57
C GLY A 80 -11.00 0.03 11.24
N GLN A 81 -10.03 0.64 10.57
CA GLN A 81 -8.67 0.74 11.11
C GLN A 81 -8.02 2.06 10.70
N LYS A 82 -7.06 2.52 11.50
CA LYS A 82 -6.37 3.76 11.22
C LYS A 82 -4.85 3.54 11.18
N TRP A 83 -4.13 4.54 10.70
CA TRP A 83 -2.68 4.46 10.61
C TRP A 83 -2.02 4.82 11.95
N MET A 84 -0.81 4.35 12.15
CA MET A 84 -0.07 4.63 13.39
C MET A 84 1.41 4.84 13.11
N PRO A 85 2.03 5.76 13.85
CA PRO A 85 3.45 6.07 13.70
C PRO A 85 4.35 4.93 14.19
N SER A 86 5.66 5.15 14.10
CA SER A 86 6.63 4.14 14.53
C SER A 86 7.27 4.54 15.86
N GLY A 87 8.06 3.63 16.42
CA GLY A 87 8.72 3.90 17.67
C GLY A 87 8.40 2.86 18.74
N PRO A 88 8.95 3.06 19.95
CA PRO A 88 8.73 2.14 21.07
C PRO A 88 7.30 2.21 21.60
N SER A 89 6.82 3.42 21.86
CA SER A 89 5.47 3.62 22.37
C SER A 89 4.75 4.71 21.59
N SER A 90 4.09 4.31 20.50
CA SER A 90 3.37 5.25 19.66
C SER A 90 2.35 6.04 20.48
N GLY A 91 1.84 7.12 19.90
CA GLY A 91 0.87 7.94 20.59
C GLY A 91 1.13 8.03 22.08
N GLY A 1 -4.04 5.40 -33.95
CA GLY A 1 -4.48 4.24 -33.19
C GLY A 1 -3.51 3.87 -32.09
N SER A 2 -3.40 4.73 -31.08
CA SER A 2 -2.50 4.49 -29.96
C SER A 2 -2.55 3.02 -29.53
N SER A 3 -1.52 2.59 -28.81
CA SER A 3 -1.45 1.21 -28.34
C SER A 3 -1.57 1.15 -26.82
N GLY A 4 -0.85 2.05 -26.14
CA GLY A 4 -0.89 2.08 -24.69
C GLY A 4 0.25 1.30 -24.06
N SER A 5 1.25 2.01 -23.58
CA SER A 5 2.41 1.37 -22.95
C SER A 5 2.32 1.44 -21.43
N SER A 6 1.80 0.37 -20.82
CA SER A 6 1.65 0.31 -19.38
C SER A 6 2.94 0.73 -18.68
N GLY A 7 4.02 0.02 -18.96
CA GLY A 7 5.31 0.34 -18.36
C GLY A 7 5.73 -0.70 -17.34
N PRO A 8 7.01 -0.66 -16.94
CA PRO A 8 7.57 -1.59 -15.96
C PRO A 8 7.03 -1.36 -14.56
N ALA A 9 7.15 -2.36 -13.70
CA ALA A 9 6.67 -2.26 -12.33
C ALA A 9 7.79 -1.80 -11.39
N ARG A 10 7.40 -1.13 -10.32
CA ARG A 10 8.37 -0.63 -9.34
C ARG A 10 8.21 -1.35 -8.00
N PRO A 11 9.33 -1.55 -7.31
CA PRO A 11 9.34 -2.22 -6.00
C PRO A 11 8.70 -1.37 -4.91
N PHE A 12 7.86 -2.01 -4.09
CA PHE A 12 7.17 -1.31 -3.02
C PHE A 12 6.95 -2.24 -1.82
N ARG A 13 7.11 -1.70 -0.62
CA ARG A 13 6.92 -2.49 0.59
C ARG A 13 5.53 -2.25 1.19
N VAL A 14 4.99 -3.27 1.83
CA VAL A 14 3.66 -3.18 2.45
C VAL A 14 3.68 -3.74 3.87
N SER A 15 3.01 -3.04 4.78
CA SER A 15 2.95 -3.46 6.17
C SER A 15 1.51 -3.43 6.69
N ASN A 16 1.18 -4.39 7.54
CA ASN A 16 -0.16 -4.48 8.11
C ASN A 16 -0.40 -3.37 9.12
N HIS A 17 -1.61 -3.33 9.68
CA HIS A 17 -1.96 -2.33 10.67
C HIS A 17 -0.95 -2.31 11.82
N ASP A 18 -0.63 -3.49 12.33
CA ASP A 18 0.32 -3.62 13.43
C ASP A 18 1.76 -3.60 12.91
N ARG A 19 1.94 -3.08 11.70
CA ARG A 19 3.26 -3.01 11.09
C ARG A 19 4.11 -4.21 11.50
N SER A 20 3.53 -5.40 11.39
CA SER A 20 4.23 -6.63 11.76
C SER A 20 4.56 -7.46 10.52
N SER A 21 3.65 -7.43 9.55
CA SER A 21 3.82 -8.18 8.31
C SER A 21 4.57 -7.34 7.27
N ARG A 22 5.38 -8.01 6.46
CA ARG A 22 6.14 -7.32 5.41
C ARG A 22 5.96 -8.01 4.07
N ARG A 23 5.33 -7.31 3.13
CA ARG A 23 5.08 -7.85 1.80
C ARG A 23 5.49 -6.83 0.72
N GLY A 24 6.39 -7.25 -0.16
CA GLY A 24 6.84 -6.37 -1.22
C GLY A 24 6.19 -6.69 -2.55
N VAL A 25 5.22 -5.86 -2.94
CA VAL A 25 4.51 -6.06 -4.20
C VAL A 25 5.08 -5.16 -5.29
N MET A 26 5.10 -5.67 -6.51
CA MET A 26 5.62 -4.92 -7.66
C MET A 26 4.49 -4.53 -8.61
N ALA A 27 4.13 -3.25 -8.61
CA ALA A 27 3.07 -2.76 -9.47
C ALA A 27 3.53 -1.53 -10.25
N SER A 28 3.03 -1.38 -11.47
CA SER A 28 3.39 -0.26 -12.32
C SER A 28 2.71 1.02 -11.84
N SER A 29 1.43 0.91 -11.49
CA SER A 29 0.66 2.05 -11.03
C SER A 29 0.14 1.81 -9.60
N LEU A 30 -0.67 2.74 -9.11
CA LEU A 30 -1.23 2.64 -7.77
C LEU A 30 -2.37 1.62 -7.74
N GLN A 31 -3.42 1.90 -8.52
CA GLN A 31 -4.57 1.01 -8.57
C GLN A 31 -4.13 -0.45 -8.65
N GLU A 32 -3.14 -0.73 -9.48
CA GLU A 32 -2.64 -2.09 -9.63
C GLU A 32 -2.07 -2.62 -8.33
N LEU A 33 -1.31 -1.77 -7.63
CA LEU A 33 -0.72 -2.15 -6.36
C LEU A 33 -1.80 -2.53 -5.34
N ILE A 34 -2.57 -1.54 -4.91
CA ILE A 34 -3.64 -1.76 -3.94
C ILE A 34 -4.28 -3.13 -4.14
N SER A 35 -4.98 -3.29 -5.26
CA SER A 35 -5.65 -4.55 -5.57
C SER A 35 -4.75 -5.74 -5.24
N LYS A 36 -3.53 -5.69 -5.73
CA LYS A 36 -2.56 -6.76 -5.49
C LYS A 36 -2.34 -6.97 -3.99
N THR A 37 -1.97 -5.89 -3.30
CA THR A 37 -1.73 -5.95 -1.87
C THR A 37 -2.74 -6.86 -1.17
N LEU A 38 -4.01 -6.69 -1.52
CA LEU A 38 -5.08 -7.50 -0.93
C LEU A 38 -4.85 -8.98 -1.20
N ASP A 39 -4.59 -9.31 -2.46
CA ASP A 39 -4.36 -10.70 -2.85
C ASP A 39 -3.10 -11.25 -2.17
N ALA A 40 -2.01 -10.49 -2.23
CA ALA A 40 -0.76 -10.90 -1.62
C ALA A 40 -0.94 -11.14 -0.12
N LEU A 41 -1.52 -10.16 0.56
CA LEU A 41 -1.74 -10.26 2.00
C LEU A 41 -2.87 -11.23 2.30
N VAL A 42 -3.58 -11.64 1.27
CA VAL A 42 -4.70 -12.57 1.42
C VAL A 42 -5.67 -12.09 2.49
N ILE A 43 -5.98 -10.80 2.47
CA ILE A 43 -6.90 -10.21 3.44
C ILE A 43 -8.30 -10.80 3.29
N ALA A 44 -8.91 -11.14 4.42
CA ALA A 44 -10.25 -11.71 4.43
C ALA A 44 -11.20 -10.89 3.55
N THR A 45 -11.42 -9.64 3.93
CA THR A 45 -12.30 -8.76 3.18
C THR A 45 -11.53 -7.95 2.15
N GLY A 46 -12.21 -7.52 1.10
CA GLY A 46 -11.57 -6.73 0.05
C GLY A 46 -11.52 -5.26 0.39
N LEU A 47 -12.56 -4.77 1.05
CA LEU A 47 -12.64 -3.36 1.42
C LEU A 47 -11.45 -2.97 2.29
N VAL A 48 -10.56 -2.14 1.73
CA VAL A 48 -9.38 -1.68 2.46
C VAL A 48 -8.93 -0.31 1.97
N THR A 49 -8.13 0.37 2.77
CA THR A 49 -7.63 1.69 2.42
C THR A 49 -6.11 1.74 2.49
N LEU A 50 -5.49 2.18 1.40
CA LEU A 50 -4.03 2.29 1.33
C LEU A 50 -3.55 3.65 1.80
N VAL A 51 -2.50 3.66 2.61
CA VAL A 51 -1.94 4.91 3.12
C VAL A 51 -0.43 4.82 3.25
N LEU A 52 0.22 5.97 3.41
CA LEU A 52 1.67 6.03 3.54
C LEU A 52 2.11 5.47 4.88
N GLU A 53 3.17 4.65 4.85
CA GLU A 53 3.70 4.05 6.06
C GLU A 53 4.65 5.01 6.79
N GLU A 54 4.55 6.29 6.46
CA GLU A 54 5.39 7.31 7.07
C GLU A 54 4.55 8.35 7.80
N ASP A 55 3.46 8.76 7.17
CA ASP A 55 2.57 9.76 7.76
C ASP A 55 1.14 9.24 7.84
N GLY A 56 0.88 8.14 7.12
CA GLY A 56 -0.45 7.56 7.12
C GLY A 56 -1.40 8.30 6.20
N THR A 57 -0.86 8.91 5.16
CA THR A 57 -1.66 9.66 4.19
C THR A 57 -2.23 8.74 3.12
N VAL A 58 -3.55 8.65 3.06
CA VAL A 58 -4.21 7.80 2.07
C VAL A 58 -3.86 8.23 0.65
N VAL A 59 -3.30 7.31 -0.12
CA VAL A 59 -2.92 7.58 -1.49
C VAL A 59 -3.91 6.99 -2.48
N ASP A 60 -4.85 7.81 -2.94
CA ASP A 60 -5.86 7.37 -3.89
C ASP A 60 -5.78 8.16 -5.19
N THR A 61 -4.55 8.47 -5.61
CA THR A 61 -4.33 9.22 -6.83
C THR A 61 -3.11 8.73 -7.58
N GLU A 62 -3.18 8.72 -8.90
CA GLU A 62 -2.08 8.26 -9.73
C GLU A 62 -0.97 9.31 -9.79
N GLU A 63 -1.35 10.58 -9.66
CA GLU A 63 -0.38 11.67 -9.68
C GLU A 63 0.55 11.61 -8.48
N PHE A 64 -0.01 11.24 -7.33
CA PHE A 64 0.78 11.14 -6.10
C PHE A 64 1.62 9.86 -6.09
N PHE A 65 1.06 8.79 -6.65
CA PHE A 65 1.75 7.51 -6.70
C PHE A 65 2.89 7.55 -7.70
N GLN A 66 2.66 8.19 -8.84
CA GLN A 66 3.68 8.29 -9.89
C GLN A 66 4.90 9.07 -9.38
N THR A 67 4.68 9.91 -8.38
CA THR A 67 5.76 10.71 -7.81
C THR A 67 6.57 9.90 -6.80
N LEU A 68 5.92 8.90 -6.21
CA LEU A 68 6.58 8.05 -5.23
C LEU A 68 7.79 7.34 -5.84
N GLY A 69 8.91 7.36 -5.14
CA GLY A 69 10.11 6.71 -5.63
C GLY A 69 10.08 5.21 -5.44
N ASP A 70 11.25 4.57 -5.52
CA ASP A 70 11.34 3.13 -5.36
C ASP A 70 11.46 2.75 -3.90
N ASN A 71 10.99 1.56 -3.55
CA ASN A 71 11.06 1.07 -2.18
C ASN A 71 10.18 1.92 -1.26
N THR A 72 9.00 2.27 -1.75
CA THR A 72 8.07 3.08 -0.97
C THR A 72 7.18 2.21 -0.09
N HIS A 73 7.31 2.39 1.23
CA HIS A 73 6.52 1.62 2.18
C HIS A 73 5.06 2.09 2.19
N PHE A 74 4.15 1.17 2.49
CA PHE A 74 2.73 1.49 2.53
C PHE A 74 2.06 0.82 3.72
N MET A 75 0.84 1.27 4.05
CA MET A 75 0.10 0.71 5.16
C MET A 75 -1.34 0.41 4.76
N ILE A 76 -1.77 -0.84 4.95
CA ILE A 76 -3.12 -1.25 4.60
C ILE A 76 -4.02 -1.25 5.84
N LEU A 77 -5.13 -0.53 5.75
CA LEU A 77 -6.08 -0.45 6.86
C LEU A 77 -7.46 -0.95 6.42
N GLU A 78 -8.12 -1.67 7.31
CA GLU A 78 -9.46 -2.20 7.03
C GLU A 78 -10.52 -1.13 7.25
N LYS A 79 -11.75 -1.44 6.84
CA LYS A 79 -12.87 -0.52 7.00
C LYS A 79 -12.92 0.04 8.41
N GLY A 80 -12.53 -0.78 9.38
CA GLY A 80 -12.54 -0.36 10.77
C GLY A 80 -11.15 -0.28 11.36
N GLN A 81 -10.26 0.46 10.70
CA GLN A 81 -8.89 0.60 11.17
C GLN A 81 -8.29 1.92 10.70
N LYS A 82 -7.25 2.37 11.40
CA LYS A 82 -6.58 3.63 11.05
C LYS A 82 -5.07 3.46 11.09
N TRP A 83 -4.36 4.50 10.65
CA TRP A 83 -2.90 4.47 10.65
C TRP A 83 -2.33 5.08 11.92
N MET A 84 -1.15 4.62 12.32
CA MET A 84 -0.49 5.13 13.52
C MET A 84 0.99 5.39 13.27
N PRO A 85 1.53 6.45 13.90
CA PRO A 85 2.93 6.81 13.75
C PRO A 85 3.86 5.83 14.44
N SER A 86 5.16 6.09 14.37
CA SER A 86 6.16 5.21 14.98
C SER A 86 6.75 5.85 16.24
N GLY A 87 7.60 5.11 16.92
CA GLY A 87 8.22 5.61 18.13
C GLY A 87 8.68 4.51 19.07
N PRO A 88 9.73 4.78 19.84
CA PRO A 88 10.28 3.81 20.80
C PRO A 88 9.35 3.56 21.98
N SER A 89 8.91 2.32 22.13
CA SER A 89 8.02 1.94 23.21
C SER A 89 8.00 0.43 23.42
N SER A 90 8.60 -0.02 24.52
CA SER A 90 8.66 -1.43 24.83
C SER A 90 7.27 -1.99 25.10
N GLY A 91 7.18 -3.31 25.20
CA GLY A 91 5.90 -3.95 25.45
C GLY A 91 5.36 -3.63 26.83
N GLY A 1 -11.69 -1.40 -24.05
CA GLY A 1 -10.53 -2.27 -24.10
C GLY A 1 -9.23 -1.50 -24.22
N SER A 2 -8.52 -1.35 -23.12
CA SER A 2 -7.26 -0.62 -23.10
C SER A 2 -6.35 -1.09 -24.24
N SER A 3 -6.23 -2.41 -24.38
CA SER A 3 -5.39 -2.99 -25.43
C SER A 3 -4.13 -2.16 -25.64
N GLY A 4 -3.52 -1.73 -24.53
CA GLY A 4 -2.31 -0.95 -24.61
C GLY A 4 -1.30 -1.31 -23.54
N SER A 5 -0.03 -1.38 -23.91
CA SER A 5 1.04 -1.73 -22.98
C SER A 5 0.87 -0.96 -21.67
N SER A 6 1.16 -1.62 -20.56
CA SER A 6 1.06 -1.01 -19.24
C SER A 6 2.37 -0.34 -18.84
N GLY A 7 3.47 -1.07 -19.02
CA GLY A 7 4.77 -0.53 -18.67
C GLY A 7 5.43 -1.29 -17.53
N PRO A 8 6.69 -0.96 -17.23
CA PRO A 8 7.45 -1.61 -16.16
C PRO A 8 6.94 -1.23 -14.78
N ALA A 9 6.95 -2.20 -13.87
CA ALA A 9 6.48 -1.96 -12.50
C ALA A 9 7.65 -1.67 -11.57
N ARG A 10 7.36 -1.02 -10.44
CA ARG A 10 8.39 -0.69 -9.47
C ARG A 10 8.13 -1.39 -8.14
N PRO A 11 9.20 -1.70 -7.41
CA PRO A 11 9.12 -2.37 -6.11
C PRO A 11 8.52 -1.47 -5.02
N PHE A 12 7.83 -2.08 -4.08
CA PHE A 12 7.20 -1.34 -2.99
C PHE A 12 6.96 -2.24 -1.78
N ARG A 13 7.08 -1.67 -0.59
CA ARG A 13 6.86 -2.42 0.64
C ARG A 13 5.46 -2.19 1.19
N VAL A 14 4.97 -3.15 1.97
CA VAL A 14 3.63 -3.06 2.55
C VAL A 14 3.61 -3.65 3.95
N SER A 15 2.82 -3.03 4.83
CA SER A 15 2.70 -3.50 6.22
C SER A 15 1.28 -3.30 6.73
N ASN A 16 0.87 -4.17 7.65
CA ASN A 16 -0.46 -4.09 8.24
C ASN A 16 -0.54 -2.99 9.29
N HIS A 17 -1.72 -2.81 9.87
CA HIS A 17 -1.92 -1.79 10.88
C HIS A 17 -0.91 -1.93 12.01
N ASP A 18 -0.58 -3.16 12.36
CA ASP A 18 0.37 -3.44 13.42
C ASP A 18 1.80 -3.24 12.92
N ARG A 19 1.94 -2.68 11.72
CA ARG A 19 3.25 -2.45 11.13
C ARG A 19 4.23 -3.54 11.52
N SER A 20 3.77 -4.79 11.45
CA SER A 20 4.61 -5.93 11.81
C SER A 20 4.92 -6.78 10.57
N SER A 21 3.93 -6.91 9.70
CA SER A 21 4.09 -7.71 8.48
C SER A 21 4.75 -6.88 7.38
N ARG A 22 5.54 -7.55 6.55
CA ARG A 22 6.24 -6.87 5.45
C ARG A 22 6.03 -7.63 4.14
N ARG A 23 5.33 -7.01 3.20
CA ARG A 23 5.07 -7.62 1.91
C ARG A 23 5.56 -6.73 0.77
N GLY A 24 6.43 -7.27 -0.06
CA GLY A 24 6.97 -6.50 -1.18
C GLY A 24 6.16 -6.68 -2.44
N VAL A 25 5.40 -5.65 -2.82
CA VAL A 25 4.58 -5.70 -4.02
C VAL A 25 5.06 -4.68 -5.05
N MET A 26 4.95 -5.06 -6.33
CA MET A 26 5.36 -4.16 -7.41
C MET A 26 4.21 -3.91 -8.38
N ALA A 27 4.10 -2.68 -8.85
CA ALA A 27 3.04 -2.30 -9.78
C ALA A 27 3.42 -1.05 -10.56
N SER A 28 2.93 -0.95 -11.79
CA SER A 28 3.21 0.20 -12.64
C SER A 28 2.43 1.42 -12.18
N SER A 29 1.29 1.17 -11.54
CA SER A 29 0.43 2.26 -11.05
C SER A 29 -0.01 1.99 -9.62
N LEU A 30 -0.87 2.87 -9.10
CA LEU A 30 -1.38 2.73 -7.74
C LEU A 30 -2.51 1.70 -7.69
N GLN A 31 -3.56 1.95 -8.46
CA GLN A 31 -4.70 1.05 -8.50
C GLN A 31 -4.25 -0.41 -8.55
N GLU A 32 -3.31 -0.70 -9.44
CA GLU A 32 -2.79 -2.05 -9.60
C GLU A 32 -2.25 -2.58 -8.27
N LEU A 33 -1.33 -1.83 -7.67
CA LEU A 33 -0.73 -2.22 -6.40
C LEU A 33 -1.81 -2.60 -5.39
N ILE A 34 -2.58 -1.62 -4.96
CA ILE A 34 -3.65 -1.85 -3.99
C ILE A 34 -4.29 -3.22 -4.19
N SER A 35 -4.98 -3.39 -5.31
CA SER A 35 -5.64 -4.65 -5.62
C SER A 35 -4.72 -5.83 -5.30
N LYS A 36 -3.48 -5.74 -5.74
CA LYS A 36 -2.50 -6.80 -5.51
C LYS A 36 -2.27 -7.01 -4.01
N THR A 37 -1.99 -5.92 -3.30
CA THR A 37 -1.75 -5.98 -1.86
C THR A 37 -2.69 -6.99 -1.20
N LEU A 38 -3.99 -6.79 -1.40
CA LEU A 38 -4.99 -7.68 -0.82
C LEU A 38 -4.60 -9.14 -1.00
N ASP A 39 -4.38 -9.54 -2.25
CA ASP A 39 -4.00 -10.91 -2.55
C ASP A 39 -2.75 -11.31 -1.77
N ALA A 40 -1.76 -10.42 -1.73
CA ALA A 40 -0.52 -10.68 -1.02
C ALA A 40 -0.78 -10.96 0.46
N LEU A 41 -1.58 -10.09 1.09
CA LEU A 41 -1.91 -10.24 2.50
C LEU A 41 -3.08 -11.19 2.69
N VAL A 42 -3.49 -11.83 1.60
CA VAL A 42 -4.60 -12.78 1.65
C VAL A 42 -5.70 -12.30 2.59
N ILE A 43 -6.03 -11.01 2.49
CA ILE A 43 -7.06 -10.42 3.34
C ILE A 43 -8.43 -11.03 3.04
N ALA A 44 -9.08 -11.55 4.07
CA ALA A 44 -10.40 -12.15 3.91
C ALA A 44 -11.35 -11.22 3.17
N THR A 45 -11.45 -9.98 3.64
CA THR A 45 -12.32 -9.00 3.01
C THR A 45 -11.57 -8.17 1.98
N GLY A 46 -12.31 -7.42 1.17
CA GLY A 46 -11.70 -6.60 0.14
C GLY A 46 -11.65 -5.14 0.53
N LEU A 47 -12.70 -4.66 1.18
CA LEU A 47 -12.78 -3.27 1.61
C LEU A 47 -11.56 -2.88 2.45
N VAL A 48 -10.65 -2.14 1.83
CA VAL A 48 -9.44 -1.70 2.51
C VAL A 48 -8.99 -0.33 2.01
N THR A 49 -8.09 0.30 2.76
CA THR A 49 -7.58 1.62 2.39
C THR A 49 -6.06 1.63 2.38
N LEU A 50 -5.49 2.27 1.36
CA LEU A 50 -4.04 2.35 1.23
C LEU A 50 -3.53 3.72 1.67
N VAL A 51 -2.51 3.71 2.53
CA VAL A 51 -1.93 4.96 3.03
C VAL A 51 -0.41 4.85 3.14
N LEU A 52 0.23 5.96 3.49
CA LEU A 52 1.68 5.99 3.63
C LEU A 52 2.10 5.44 5.00
N GLU A 53 3.16 4.64 5.01
CA GLU A 53 3.67 4.05 6.24
C GLU A 53 4.63 5.01 6.95
N GLU A 54 4.59 6.28 6.56
CA GLU A 54 5.45 7.29 7.15
C GLU A 54 4.62 8.37 7.84
N ASP A 55 3.55 8.81 7.18
CA ASP A 55 2.68 9.85 7.74
C ASP A 55 1.24 9.36 7.78
N GLY A 56 0.95 8.29 7.05
CA GLY A 56 -0.39 7.75 7.02
C GLY A 56 -1.31 8.51 6.08
N THR A 57 -0.71 9.11 5.05
CA THR A 57 -1.48 9.88 4.08
C THR A 57 -2.18 8.96 3.08
N VAL A 58 -3.50 9.10 2.96
CA VAL A 58 -4.27 8.29 2.04
C VAL A 58 -3.84 8.51 0.60
N VAL A 59 -3.34 7.45 -0.04
CA VAL A 59 -2.89 7.54 -1.42
C VAL A 59 -3.89 6.89 -2.36
N ASP A 60 -4.81 7.70 -2.89
CA ASP A 60 -5.83 7.20 -3.81
C ASP A 60 -5.73 7.91 -5.16
N THR A 61 -4.53 8.37 -5.50
CA THR A 61 -4.30 9.07 -6.76
C THR A 61 -3.09 8.51 -7.48
N GLU A 62 -3.11 8.59 -8.81
CA GLU A 62 -2.00 8.08 -9.62
C GLU A 62 -0.88 9.10 -9.70
N GLU A 63 -1.24 10.38 -9.73
CA GLU A 63 -0.26 11.46 -9.81
C GLU A 63 0.68 11.43 -8.61
N PHE A 64 0.12 11.14 -7.43
CA PHE A 64 0.92 11.09 -6.21
C PHE A 64 1.71 9.79 -6.14
N PHE A 65 1.14 8.72 -6.68
CA PHE A 65 1.80 7.42 -6.67
C PHE A 65 2.94 7.39 -7.68
N GLN A 66 2.75 8.05 -8.82
CA GLN A 66 3.77 8.09 -9.86
C GLN A 66 5.01 8.83 -9.38
N THR A 67 4.81 9.75 -8.43
CA THR A 67 5.92 10.52 -7.88
C THR A 67 6.71 9.71 -6.86
N LEU A 68 6.02 8.85 -6.13
CA LEU A 68 6.67 8.01 -5.12
C LEU A 68 7.90 7.32 -5.69
N GLY A 69 8.94 7.21 -4.88
CA GLY A 69 10.17 6.57 -5.32
C GLY A 69 10.09 5.06 -5.23
N ASP A 70 11.25 4.42 -5.27
CA ASP A 70 11.31 2.96 -5.20
C ASP A 70 11.35 2.48 -3.75
N ASN A 71 10.89 1.26 -3.52
CA ASN A 71 10.87 0.69 -2.18
C ASN A 71 10.08 1.57 -1.23
N THR A 72 8.95 2.10 -1.72
CA THR A 72 8.10 2.96 -0.92
C THR A 72 7.23 2.14 0.03
N HIS A 73 7.34 2.42 1.32
CA HIS A 73 6.57 1.71 2.33
C HIS A 73 5.12 2.19 2.35
N PHE A 74 4.19 1.26 2.48
CA PHE A 74 2.77 1.59 2.51
C PHE A 74 2.07 0.89 3.67
N MET A 75 0.86 1.36 4.00
CA MET A 75 0.09 0.77 5.08
C MET A 75 -1.34 0.50 4.65
N ILE A 76 -1.82 -0.71 4.91
CA ILE A 76 -3.18 -1.09 4.55
C ILE A 76 -4.10 -1.10 5.77
N LEU A 77 -5.30 -0.55 5.61
CA LEU A 77 -6.27 -0.50 6.70
C LEU A 77 -7.60 -1.10 6.27
N GLU A 78 -8.11 -2.03 7.06
CA GLU A 78 -9.38 -2.69 6.76
C GLU A 78 -10.56 -1.76 7.11
N LYS A 79 -11.76 -2.22 6.78
CA LYS A 79 -12.97 -1.44 7.06
C LYS A 79 -13.13 -1.20 8.55
N GLY A 80 -12.48 -0.16 9.06
CA GLY A 80 -12.56 0.16 10.47
C GLY A 80 -11.21 0.22 11.14
N GLN A 81 -10.24 0.83 10.46
CA GLN A 81 -8.89 0.94 10.99
C GLN A 81 -8.22 2.22 10.50
N LYS A 82 -7.32 2.76 11.32
CA LYS A 82 -6.61 3.99 10.96
C LYS A 82 -5.11 3.76 10.95
N TRP A 83 -4.36 4.70 10.37
CA TRP A 83 -2.92 4.59 10.29
C TRP A 83 -2.28 4.92 11.64
N MET A 84 -1.11 4.34 11.90
CA MET A 84 -0.40 4.56 13.14
C MET A 84 1.10 4.61 12.91
N PRO A 85 1.80 5.49 13.67
CA PRO A 85 3.25 5.65 13.55
C PRO A 85 4.01 4.45 14.09
N SER A 86 5.33 4.53 14.06
CA SER A 86 6.18 3.44 14.55
C SER A 86 6.66 3.71 15.96
N GLY A 87 7.06 4.95 16.23
CA GLY A 87 7.54 5.32 17.54
C GLY A 87 6.44 5.90 18.41
N PRO A 88 6.84 6.66 19.45
CA PRO A 88 5.90 7.30 20.37
C PRO A 88 5.11 8.41 19.73
N SER A 89 3.94 8.71 20.28
CA SER A 89 3.08 9.76 19.76
C SER A 89 2.22 10.38 20.86
N SER A 90 1.72 11.58 20.61
CA SER A 90 0.89 12.27 21.58
C SER A 90 -0.48 12.63 20.98
N GLY A 91 -1.53 12.08 21.57
CA GLY A 91 -2.88 12.36 21.08
C GLY A 91 -3.76 11.12 21.08
#